data_1SK0
# 
_entry.id   1SK0 
# 
_audit_conform.dict_name       mmcif_pdbx.dic 
_audit_conform.dict_version    5.397 
_audit_conform.dict_location   http://mmcif.pdb.org/dictionaries/ascii/mmcif_pdbx.dic 
# 
loop_
_database_2.database_id 
_database_2.database_code 
_database_2.pdbx_database_accession 
_database_2.pdbx_DOI 
PDB   1SK0         pdb_00001sk0 10.2210/pdb1sk0/pdb 
RCSB  RCSB021776   ?            ?                   
WWPDB D_1000021776 ?            ?                   
# 
loop_
_pdbx_audit_revision_history.ordinal 
_pdbx_audit_revision_history.data_content_type 
_pdbx_audit_revision_history.major_revision 
_pdbx_audit_revision_history.minor_revision 
_pdbx_audit_revision_history.revision_date 
1 'Structure model' 1 0 2005-03-15 
2 'Structure model' 1 1 2008-04-29 
3 'Structure model' 1 2 2011-07-13 
4 'Structure model' 1 3 2017-10-11 
5 'Structure model' 1 4 2018-04-04 
6 'Structure model' 1 5 2018-08-29 
7 'Structure model' 1 6 2019-07-24 
8 'Structure model' 1 7 2024-04-03 
9 'Structure model' 1 8 2024-10-09 
# 
_pdbx_audit_revision_details.ordinal             1 
_pdbx_audit_revision_details.revision_ordinal    1 
_pdbx_audit_revision_details.data_content_type   'Structure model' 
_pdbx_audit_revision_details.provider            repository 
_pdbx_audit_revision_details.type                'Initial release' 
_pdbx_audit_revision_details.description         ? 
_pdbx_audit_revision_details.details             ? 
# 
loop_
_pdbx_audit_revision_group.ordinal 
_pdbx_audit_revision_group.revision_ordinal 
_pdbx_audit_revision_group.data_content_type 
_pdbx_audit_revision_group.group 
1  2 'Structure model' 'Version format compliance' 
2  3 'Structure model' 'Derived calculations'      
3  3 'Structure model' 'Version format compliance' 
4  4 'Structure model' 'Refinement description'    
5  5 'Structure model' 'Data collection'           
6  6 'Structure model' 'Data collection'           
7  6 'Structure model' 'Derived calculations'      
8  6 'Structure model' 'Source and taxonomy'       
9  6 'Structure model' 'Structure summary'         
10 7 'Structure model' 'Data collection'           
11 7 'Structure model' 'Derived calculations'      
12 7 'Structure model' 'Refinement description'    
13 8 'Structure model' 'Data collection'           
14 8 'Structure model' 'Database references'       
15 8 'Structure model' 'Derived calculations'      
16 8 'Structure model' 'Refinement description'    
17 9 'Structure model' 'Structure summary'         
# 
loop_
_pdbx_audit_revision_category.ordinal 
_pdbx_audit_revision_category.revision_ordinal 
_pdbx_audit_revision_category.data_content_type 
_pdbx_audit_revision_category.category 
1  4 'Structure model' software                      
2  5 'Structure model' diffrn_source                 
3  6 'Structure model' entity                        
4  6 'Structure model' entity_src_gen                
5  6 'Structure model' entity_src_nat                
6  6 'Structure model' pdbx_struct_special_symmetry  
7  7 'Structure model' software                      
8  7 'Structure model' struct_conn                   
9  8 'Structure model' chem_comp_atom                
10 8 'Structure model' chem_comp_bond                
11 8 'Structure model' database_2                    
12 8 'Structure model' pdbx_initial_refinement_model 
13 8 'Structure model' pdbx_struct_conn_angle        
14 8 'Structure model' struct_conn                   
15 8 'Structure model' struct_ref_seq_dif            
16 8 'Structure model' struct_site                   
17 9 'Structure model' pdbx_entry_details            
18 9 'Structure model' pdbx_modification_feature     
# 
loop_
_pdbx_audit_revision_item.ordinal 
_pdbx_audit_revision_item.revision_ordinal 
_pdbx_audit_revision_item.data_content_type 
_pdbx_audit_revision_item.item 
1  5 'Structure model' '_diffrn_source.type'                         
2  6 'Structure model' '_entity.src_method'                          
3  7 'Structure model' '_software.classification'                    
4  7 'Structure model' '_software.name'                              
5  7 'Structure model' '_struct_conn.pdbx_leaving_atom_flag'         
6  8 'Structure model' '_database_2.pdbx_DOI'                        
7  8 'Structure model' '_database_2.pdbx_database_accession'         
8  8 'Structure model' '_pdbx_struct_conn_angle.ptnr1_auth_comp_id'  
9  8 'Structure model' '_pdbx_struct_conn_angle.ptnr1_auth_seq_id'   
10 8 'Structure model' '_pdbx_struct_conn_angle.ptnr1_label_asym_id' 
11 8 'Structure model' '_pdbx_struct_conn_angle.ptnr1_label_atom_id' 
12 8 'Structure model' '_pdbx_struct_conn_angle.ptnr1_label_comp_id' 
13 8 'Structure model' '_pdbx_struct_conn_angle.ptnr1_label_seq_id'  
14 8 'Structure model' '_pdbx_struct_conn_angle.ptnr1_symmetry'      
15 8 'Structure model' '_pdbx_struct_conn_angle.ptnr2_auth_seq_id'   
16 8 'Structure model' '_pdbx_struct_conn_angle.ptnr2_label_asym_id' 
17 8 'Structure model' '_pdbx_struct_conn_angle.ptnr3_auth_comp_id'  
18 8 'Structure model' '_pdbx_struct_conn_angle.ptnr3_auth_seq_id'   
19 8 'Structure model' '_pdbx_struct_conn_angle.ptnr3_label_asym_id' 
20 8 'Structure model' '_pdbx_struct_conn_angle.ptnr3_label_atom_id' 
21 8 'Structure model' '_pdbx_struct_conn_angle.ptnr3_label_comp_id' 
22 8 'Structure model' '_pdbx_struct_conn_angle.ptnr3_label_seq_id'  
23 8 'Structure model' '_pdbx_struct_conn_angle.ptnr3_symmetry'      
24 8 'Structure model' '_pdbx_struct_conn_angle.value'               
25 8 'Structure model' '_struct_conn.pdbx_dist_value'                
26 8 'Structure model' '_struct_conn.ptnr1_auth_comp_id'             
27 8 'Structure model' '_struct_conn.ptnr1_auth_seq_id'              
28 8 'Structure model' '_struct_conn.ptnr1_label_asym_id'            
29 8 'Structure model' '_struct_conn.ptnr1_label_atom_id'            
30 8 'Structure model' '_struct_conn.ptnr1_label_comp_id'            
31 8 'Structure model' '_struct_conn.ptnr1_label_seq_id'             
32 8 'Structure model' '_struct_conn.ptnr1_symmetry'                 
33 8 'Structure model' '_struct_conn.ptnr2_auth_comp_id'             
34 8 'Structure model' '_struct_conn.ptnr2_auth_seq_id'              
35 8 'Structure model' '_struct_conn.ptnr2_label_asym_id'            
36 8 'Structure model' '_struct_conn.ptnr2_label_atom_id'            
37 8 'Structure model' '_struct_conn.ptnr2_label_comp_id'            
38 8 'Structure model' '_struct_conn.ptnr2_label_seq_id'             
39 8 'Structure model' '_struct_conn.ptnr2_symmetry'                 
40 8 'Structure model' '_struct_ref_seq_dif.details'                 
41 8 'Structure model' '_struct_site.pdbx_auth_asym_id'              
42 8 'Structure model' '_struct_site.pdbx_auth_comp_id'              
43 8 'Structure model' '_struct_site.pdbx_auth_seq_id'               
# 
_pdbx_database_status.status_code                     REL 
_pdbx_database_status.entry_id                        1SK0 
_pdbx_database_status.recvd_initial_deposition_date   2004-03-04 
_pdbx_database_status.deposit_site                    RCSB 
_pdbx_database_status.process_site                    RCSB 
_pdbx_database_status.status_code_sf                  ? 
_pdbx_database_status.status_code_mr                  ? 
_pdbx_database_status.SG_entry                        ? 
_pdbx_database_status.status_code_cs                  ? 
_pdbx_database_status.pdb_format_compatible           Y 
_pdbx_database_status.methods_development_category    ? 
_pdbx_database_status.status_code_nmr_data            ? 
# 
loop_
_pdbx_database_related.db_name 
_pdbx_database_related.db_id 
_pdbx_database_related.details 
_pdbx_database_related.content_type 
PDB 1S3C . unspecified 
PDB 1S3D . unspecified 
PDB 1SD8 . unspecified 
PDB 1SD9 . unspecified 
PDB 1SJZ . unspecified 
PDB 1SK1 . unspecified 
PDB 1SK2 . unspecified 
# 
loop_
_audit_author.name 
_audit_author.pdbx_ordinal 
'Demel, S.'     1 
'Edwards, B.F.' 2 
# 
_citation.id                        primary 
_citation.title                     
'Arginine 60 in the ArsC arsenate reductase of E. coli plasmid R773 determines the chemical nature of the bound As(III) product.' 
_citation.journal_abbrev            'Protein Sci.' 
_citation.journal_volume            13 
_citation.page_first                2330 
_citation.page_last                 2340 
_citation.year                      2004 
_citation.journal_id_ASTM           PRCIEI 
_citation.country                   US 
_citation.journal_id_ISSN           0961-8368 
_citation.journal_id_CSD            0795 
_citation.book_publisher            ? 
_citation.pdbx_database_id_PubMed   15295115 
_citation.pdbx_database_id_DOI      10.1110/ps.04787204 
# 
loop_
_citation_author.citation_id 
_citation_author.name 
_citation_author.ordinal 
_citation_author.identifier_ORCID 
primary 'DeMel, S.'     1 ? 
primary 'Shi, J.'       2 ? 
primary 'Martin, P.'    3 ? 
primary 'Rosen, B.P.'   4 ? 
primary 'Edwards, B.F.' 5 ? 
# 
loop_
_entity.id 
_entity.type 
_entity.src_method 
_entity.pdbx_description 
_entity.formula_weight 
_entity.pdbx_number_of_molecules 
_entity.pdbx_ec 
_entity.pdbx_mutation 
_entity.pdbx_fragment 
_entity.details 
1 polymer     man 'Arsenate reductase'      15741.874 1   1.20.4.1 R60A ? ? 
2 non-polymer syn 'SULFATE ION'             96.063    2   ?        ?    ? ? 
3 non-polymer syn 'CESIUM ION'              132.905   4   ?        ?    ? ? 
4 non-polymer syn 'TRIHYDROXYARSENITE(III)' 125.944   1   ?        ?    ? ? 
5 water       nat water                     18.015    300 ?        ?    ? ? 
# 
_entity_name_com.entity_id   1 
_entity_name_com.name        'Arsenical pump modifier' 
# 
_entity_poly.entity_id                      1 
_entity_poly.type                           'polypeptide(L)' 
_entity_poly.nstd_linkage                   no 
_entity_poly.nstd_monomer                   yes 
_entity_poly.pdbx_seq_one_letter_code       
;MSNITIYHNPA(CZ2)GTSRNTLEMIRNSGTEPTIILYLENPPSRDELVKLIADMGISVRALLAKNVEPYEQLGLAEDKF
TDDQLIDFMLQHPILINRPIVVTPLGTRLCRPSEVVLDILQDAQKGAFTKEDGEKVVDEAGKRL
;
_entity_poly.pdbx_seq_one_letter_code_can   
;MSNITIYHNPACGTSRNTLEMIRNSGTEPTIILYLENPPSRDELVKLIADMGISVRALLAKNVEPYEQLGLAEDKFTDDQ
LIDFMLQHPILINRPIVVTPLGTRLCRPSEVVLDILQDAQKGAFTKEDGEKVVDEAGKRL
;
_entity_poly.pdbx_strand_id                 A 
_entity_poly.pdbx_target_identifier         ? 
# 
loop_
_pdbx_entity_nonpoly.entity_id 
_pdbx_entity_nonpoly.name 
_pdbx_entity_nonpoly.comp_id 
2 'SULFATE ION'             SO4 
3 'CESIUM ION'              CS  
4 'TRIHYDROXYARSENITE(III)' TAS 
5 water                     HOH 
# 
loop_
_entity_poly_seq.entity_id 
_entity_poly_seq.num 
_entity_poly_seq.mon_id 
_entity_poly_seq.hetero 
1 1   MET n 
1 2   SER n 
1 3   ASN n 
1 4   ILE n 
1 5   THR n 
1 6   ILE n 
1 7   TYR n 
1 8   HIS n 
1 9   ASN n 
1 10  PRO n 
1 11  ALA n 
1 12  CZ2 n 
1 13  GLY n 
1 14  THR n 
1 15  SER n 
1 16  ARG n 
1 17  ASN n 
1 18  THR n 
1 19  LEU n 
1 20  GLU n 
1 21  MET n 
1 22  ILE n 
1 23  ARG n 
1 24  ASN n 
1 25  SER n 
1 26  GLY n 
1 27  THR n 
1 28  GLU n 
1 29  PRO n 
1 30  THR n 
1 31  ILE n 
1 32  ILE n 
1 33  LEU n 
1 34  TYR n 
1 35  LEU n 
1 36  GLU n 
1 37  ASN n 
1 38  PRO n 
1 39  PRO n 
1 40  SER n 
1 41  ARG n 
1 42  ASP n 
1 43  GLU n 
1 44  LEU n 
1 45  VAL n 
1 46  LYS n 
1 47  LEU n 
1 48  ILE n 
1 49  ALA n 
1 50  ASP n 
1 51  MET n 
1 52  GLY n 
1 53  ILE n 
1 54  SER n 
1 55  VAL n 
1 56  ARG n 
1 57  ALA n 
1 58  LEU n 
1 59  LEU n 
1 60  ALA n 
1 61  LYS n 
1 62  ASN n 
1 63  VAL n 
1 64  GLU n 
1 65  PRO n 
1 66  TYR n 
1 67  GLU n 
1 68  GLN n 
1 69  LEU n 
1 70  GLY n 
1 71  LEU n 
1 72  ALA n 
1 73  GLU n 
1 74  ASP n 
1 75  LYS n 
1 76  PHE n 
1 77  THR n 
1 78  ASP n 
1 79  ASP n 
1 80  GLN n 
1 81  LEU n 
1 82  ILE n 
1 83  ASP n 
1 84  PHE n 
1 85  MET n 
1 86  LEU n 
1 87  GLN n 
1 88  HIS n 
1 89  PRO n 
1 90  ILE n 
1 91  LEU n 
1 92  ILE n 
1 93  ASN n 
1 94  ARG n 
1 95  PRO n 
1 96  ILE n 
1 97  VAL n 
1 98  VAL n 
1 99  THR n 
1 100 PRO n 
1 101 LEU n 
1 102 GLY n 
1 103 THR n 
1 104 ARG n 
1 105 LEU n 
1 106 CYS n 
1 107 ARG n 
1 108 PRO n 
1 109 SER n 
1 110 GLU n 
1 111 VAL n 
1 112 VAL n 
1 113 LEU n 
1 114 ASP n 
1 115 ILE n 
1 116 LEU n 
1 117 GLN n 
1 118 ASP n 
1 119 ALA n 
1 120 GLN n 
1 121 LYS n 
1 122 GLY n 
1 123 ALA n 
1 124 PHE n 
1 125 THR n 
1 126 LYS n 
1 127 GLU n 
1 128 ASP n 
1 129 GLY n 
1 130 GLU n 
1 131 LYS n 
1 132 VAL n 
1 133 VAL n 
1 134 ASP n 
1 135 GLU n 
1 136 ALA n 
1 137 GLY n 
1 138 LYS n 
1 139 ARG n 
1 140 LEU n 
# 
_entity_src_gen.entity_id                          1 
_entity_src_gen.pdbx_src_id                        1 
_entity_src_gen.pdbx_alt_source_flag               sample 
_entity_src_gen.pdbx_seq_type                      ? 
_entity_src_gen.pdbx_beg_seq_num                   ? 
_entity_src_gen.pdbx_end_seq_num                   ? 
_entity_src_gen.gene_src_common_name               ? 
_entity_src_gen.gene_src_genus                     ? 
_entity_src_gen.pdbx_gene_src_gene                 ? 
_entity_src_gen.gene_src_species                   ? 
_entity_src_gen.gene_src_strain                    ? 
_entity_src_gen.gene_src_tissue                    ? 
_entity_src_gen.gene_src_tissue_fraction           ? 
_entity_src_gen.gene_src_details                   ? 
_entity_src_gen.pdbx_gene_src_fragment             ? 
_entity_src_gen.pdbx_gene_src_scientific_name      'Escherichia coli' 
_entity_src_gen.pdbx_gene_src_ncbi_taxonomy_id     562 
_entity_src_gen.pdbx_gene_src_variant              ? 
_entity_src_gen.pdbx_gene_src_cell_line            ? 
_entity_src_gen.pdbx_gene_src_atcc                 ? 
_entity_src_gen.pdbx_gene_src_organ                ? 
_entity_src_gen.pdbx_gene_src_organelle            ? 
_entity_src_gen.pdbx_gene_src_cell                 ? 
_entity_src_gen.pdbx_gene_src_cellular_location    ? 
_entity_src_gen.host_org_common_name               ? 
_entity_src_gen.pdbx_host_org_scientific_name      'Escherichia coli BL21(DE3)' 
_entity_src_gen.pdbx_host_org_ncbi_taxonomy_id     469008 
_entity_src_gen.host_org_genus                     ? 
_entity_src_gen.pdbx_host_org_gene                 ? 
_entity_src_gen.pdbx_host_org_organ                ? 
_entity_src_gen.host_org_species                   ? 
_entity_src_gen.pdbx_host_org_tissue               ? 
_entity_src_gen.pdbx_host_org_tissue_fraction      ? 
_entity_src_gen.pdbx_host_org_strain               'BL21(DE3)' 
_entity_src_gen.pdbx_host_org_variant              ? 
_entity_src_gen.pdbx_host_org_cell_line            ? 
_entity_src_gen.pdbx_host_org_atcc                 ? 
_entity_src_gen.pdbx_host_org_culture_collection   ? 
_entity_src_gen.pdbx_host_org_cell                 ? 
_entity_src_gen.pdbx_host_org_organelle            ? 
_entity_src_gen.pdbx_host_org_cellular_location    ? 
_entity_src_gen.pdbx_host_org_vector_type          ? 
_entity_src_gen.pdbx_host_org_vector               ? 
_entity_src_gen.host_org_details                   ? 
_entity_src_gen.expression_system_id               ? 
_entity_src_gen.plasmid_name                       ? 
_entity_src_gen.plasmid_details                    ? 
_entity_src_gen.pdbx_description                   ? 
# 
loop_
_chem_comp.id 
_chem_comp.type 
_chem_comp.mon_nstd_flag 
_chem_comp.name 
_chem_comp.pdbx_synonyms 
_chem_comp.formula 
_chem_comp.formula_weight 
ALA 'L-peptide linking' y ALANINE                       ?                            'C3 H7 N O2'      89.093  
ARG 'L-peptide linking' y ARGININE                      ?                            'C6 H15 N4 O2 1'  175.209 
ASN 'L-peptide linking' y ASPARAGINE                    ?                            'C4 H8 N2 O3'     132.118 
ASP 'L-peptide linking' y 'ASPARTIC ACID'               ?                            'C4 H7 N O4'      133.103 
CS  non-polymer         . 'CESIUM ION'                  ?                            'Cs 1'            132.905 
CYS 'L-peptide linking' y CYSTEINE                      ?                            'C3 H7 N O2 S'    121.158 
CZ2 'L-peptide linking' n 'S-(DIHYDROXYARSINO)CYSTEINE' 'THIARSA DIHYDROXY CYSTEINE' 'C3 H8 As N O4 S' 229.087 
GLN 'L-peptide linking' y GLUTAMINE                     ?                            'C5 H10 N2 O3'    146.144 
GLU 'L-peptide linking' y 'GLUTAMIC ACID'               ?                            'C5 H9 N O4'      147.129 
GLY 'peptide linking'   y GLYCINE                       ?                            'C2 H5 N O2'      75.067  
HIS 'L-peptide linking' y HISTIDINE                     ?                            'C6 H10 N3 O2 1'  156.162 
HOH non-polymer         . WATER                         ?                            'H2 O'            18.015  
ILE 'L-peptide linking' y ISOLEUCINE                    ?                            'C6 H13 N O2'     131.173 
LEU 'L-peptide linking' y LEUCINE                       ?                            'C6 H13 N O2'     131.173 
LYS 'L-peptide linking' y LYSINE                        ?                            'C6 H15 N2 O2 1'  147.195 
MET 'L-peptide linking' y METHIONINE                    ?                            'C5 H11 N O2 S'   149.211 
PHE 'L-peptide linking' y PHENYLALANINE                 ?                            'C9 H11 N O2'     165.189 
PRO 'L-peptide linking' y PROLINE                       ?                            'C5 H9 N O2'      115.130 
SER 'L-peptide linking' y SERINE                        ?                            'C3 H7 N O3'      105.093 
SO4 non-polymer         . 'SULFATE ION'                 ?                            'O4 S -2'         96.063  
TAS non-polymer         . 'TRIHYDROXYARSENITE(III)'     ?                            'As H3 O3'        125.944 
THR 'L-peptide linking' y THREONINE                     ?                            'C4 H9 N O3'      119.119 
TYR 'L-peptide linking' y TYROSINE                      ?                            'C9 H11 N O3'     181.189 
VAL 'L-peptide linking' y VALINE                        ?                            'C5 H11 N O2'     117.146 
# 
loop_
_pdbx_poly_seq_scheme.asym_id 
_pdbx_poly_seq_scheme.entity_id 
_pdbx_poly_seq_scheme.seq_id 
_pdbx_poly_seq_scheme.mon_id 
_pdbx_poly_seq_scheme.ndb_seq_num 
_pdbx_poly_seq_scheme.pdb_seq_num 
_pdbx_poly_seq_scheme.auth_seq_num 
_pdbx_poly_seq_scheme.pdb_mon_id 
_pdbx_poly_seq_scheme.auth_mon_id 
_pdbx_poly_seq_scheme.pdb_strand_id 
_pdbx_poly_seq_scheme.pdb_ins_code 
_pdbx_poly_seq_scheme.hetero 
A 1 1   MET 1   1   ?   ?   ?   A . n 
A 1 2   SER 2   2   ?   ?   ?   A . n 
A 1 3   ASN 3   3   3   ASN ASN A . n 
A 1 4   ILE 4   4   4   ILE ILE A . n 
A 1 5   THR 5   5   5   THR THR A . n 
A 1 6   ILE 6   6   6   ILE ILE A . n 
A 1 7   TYR 7   7   7   TYR TYR A . n 
A 1 8   HIS 8   8   8   HIS HIS A . n 
A 1 9   ASN 9   9   9   ASN ASN A . n 
A 1 10  PRO 10  10  10  PRO PRO A . n 
A 1 11  ALA 11  11  11  ALA ALA A . n 
A 1 12  CZ2 12  12  12  CZ2 CYS A . n 
A 1 13  GLY 13  13  13  GLY GLY A . n 
A 1 14  THR 14  14  14  THR THR A . n 
A 1 15  SER 15  15  15  SER SER A . n 
A 1 16  ARG 16  16  16  ARG ARG A . n 
A 1 17  ASN 17  17  17  ASN ASN A . n 
A 1 18  THR 18  18  18  THR THR A . n 
A 1 19  LEU 19  19  19  LEU LEU A . n 
A 1 20  GLU 20  20  20  GLU GLU A . n 
A 1 21  MET 21  21  21  MET MET A . n 
A 1 22  ILE 22  22  22  ILE ILE A . n 
A 1 23  ARG 23  23  23  ARG ARG A . n 
A 1 24  ASN 24  24  24  ASN ASN A . n 
A 1 25  SER 25  25  25  SER SER A . n 
A 1 26  GLY 26  26  26  GLY GLY A . n 
A 1 27  THR 27  27  27  THR THR A . n 
A 1 28  GLU 28  28  28  GLU GLU A . n 
A 1 29  PRO 29  29  29  PRO PRO A . n 
A 1 30  THR 30  30  30  THR THR A . n 
A 1 31  ILE 31  31  31  ILE ILE A . n 
A 1 32  ILE 32  32  32  ILE ILE A . n 
A 1 33  LEU 33  33  33  LEU LEU A . n 
A 1 34  TYR 34  34  34  TYR TYR A . n 
A 1 35  LEU 35  35  35  LEU LEU A . n 
A 1 36  GLU 36  36  36  GLU GLU A . n 
A 1 37  ASN 37  37  37  ASN ASN A . n 
A 1 38  PRO 38  38  38  PRO PRO A . n 
A 1 39  PRO 39  39  39  PRO PRO A . n 
A 1 40  SER 40  40  40  SER SER A . n 
A 1 41  ARG 41  41  41  ARG ARG A . n 
A 1 42  ASP 42  42  42  ASP ASP A . n 
A 1 43  GLU 43  43  43  GLU GLU A . n 
A 1 44  LEU 44  44  44  LEU LEU A . n 
A 1 45  VAL 45  45  45  VAL VAL A . n 
A 1 46  LYS 46  46  46  LYS LYS A . n 
A 1 47  LEU 47  47  47  LEU LEU A . n 
A 1 48  ILE 48  48  48  ILE ILE A . n 
A 1 49  ALA 49  49  49  ALA ALA A . n 
A 1 50  ASP 50  50  50  ASP ASP A . n 
A 1 51  MET 51  51  51  MET MET A . n 
A 1 52  GLY 52  52  52  GLY GLY A . n 
A 1 53  ILE 53  53  53  ILE ILE A . n 
A 1 54  SER 54  54  54  SER SER A . n 
A 1 55  VAL 55  55  55  VAL VAL A . n 
A 1 56  ARG 56  56  56  ARG ARG A . n 
A 1 57  ALA 57  57  57  ALA ALA A . n 
A 1 58  LEU 58  58  58  LEU LEU A . n 
A 1 59  LEU 59  59  59  LEU LEU A . n 
A 1 60  ALA 60  60  60  ALA ALA A . n 
A 1 61  LYS 61  61  61  LYS LYS A . n 
A 1 62  ASN 62  62  62  ASN ASN A . n 
A 1 63  VAL 63  63  63  VAL VAL A . n 
A 1 64  GLU 64  64  64  GLU GLU A . n 
A 1 65  PRO 65  65  65  PRO PRO A . n 
A 1 66  TYR 66  66  66  TYR TYR A . n 
A 1 67  GLU 67  67  67  GLU GLU A . n 
A 1 68  GLN 68  68  68  GLN GLN A . n 
A 1 69  LEU 69  69  69  LEU LEU A . n 
A 1 70  GLY 70  70  70  GLY GLY A . n 
A 1 71  LEU 71  71  71  LEU LEU A . n 
A 1 72  ALA 72  72  72  ALA ALA A . n 
A 1 73  GLU 73  73  73  GLU GLU A . n 
A 1 74  ASP 74  74  74  ASP ASP A . n 
A 1 75  LYS 75  75  75  LYS LYS A . n 
A 1 76  PHE 76  76  76  PHE PHE A . n 
A 1 77  THR 77  77  77  THR THR A . n 
A 1 78  ASP 78  78  78  ASP ASP A . n 
A 1 79  ASP 79  79  79  ASP ASP A . n 
A 1 80  GLN 80  80  80  GLN GLN A . n 
A 1 81  LEU 81  81  81  LEU LEU A . n 
A 1 82  ILE 82  82  82  ILE ILE A . n 
A 1 83  ASP 83  83  83  ASP ASP A . n 
A 1 84  PHE 84  84  84  PHE PHE A . n 
A 1 85  MET 85  85  85  MET MET A . n 
A 1 86  LEU 86  86  86  LEU LEU A . n 
A 1 87  GLN 87  87  87  GLN GLN A . n 
A 1 88  HIS 88  88  88  HIS HIS A . n 
A 1 89  PRO 89  89  89  PRO PRO A . n 
A 1 90  ILE 90  90  90  ILE ILE A . n 
A 1 91  LEU 91  91  91  LEU LEU A . n 
A 1 92  ILE 92  92  92  ILE ILE A . n 
A 1 93  ASN 93  93  93  ASN ASN A . n 
A 1 94  ARG 94  94  94  ARG ARG A . n 
A 1 95  PRO 95  95  95  PRO PRO A . n 
A 1 96  ILE 96  96  96  ILE ILE A . n 
A 1 97  VAL 97  97  97  VAL VAL A . n 
A 1 98  VAL 98  98  98  VAL VAL A . n 
A 1 99  THR 99  99  99  THR THR A . n 
A 1 100 PRO 100 100 100 PRO PRO A . n 
A 1 101 LEU 101 101 101 LEU LEU A . n 
A 1 102 GLY 102 102 102 GLY GLY A . n 
A 1 103 THR 103 103 103 THR THR A . n 
A 1 104 ARG 104 104 104 ARG ARG A . n 
A 1 105 LEU 105 105 105 LEU LEU A . n 
A 1 106 CYS 106 106 106 CYS CYS A . n 
A 1 107 ARG 107 107 107 ARG ARG A . n 
A 1 108 PRO 108 108 108 PRO PRO A . n 
A 1 109 SER 109 109 109 SER SER A . n 
A 1 110 GLU 110 110 110 GLU GLU A . n 
A 1 111 VAL 111 111 111 VAL VAL A . n 
A 1 112 VAL 112 112 112 VAL VAL A . n 
A 1 113 LEU 113 113 113 LEU LEU A . n 
A 1 114 ASP 114 114 114 ASP ASP A . n 
A 1 115 ILE 115 115 115 ILE ILE A . n 
A 1 116 LEU 116 116 116 LEU LEU A . n 
A 1 117 GLN 117 117 117 GLN GLN A . n 
A 1 118 ASP 118 118 118 ASP ASP A . n 
A 1 119 ALA 119 119 119 ALA ALA A . n 
A 1 120 GLN 120 120 120 GLN GLN A . n 
A 1 121 LYS 121 121 121 LYS LYS A . n 
A 1 122 GLY 122 122 122 GLY GLY A . n 
A 1 123 ALA 123 123 123 ALA ALA A . n 
A 1 124 PHE 124 124 124 PHE PHE A . n 
A 1 125 THR 125 125 125 THR THR A . n 
A 1 126 LYS 126 126 126 LYS LYS A . n 
A 1 127 GLU 127 127 127 GLU GLU A . n 
A 1 128 ASP 128 128 128 ASP ASP A . n 
A 1 129 GLY 129 129 129 GLY GLY A . n 
A 1 130 GLU 130 130 130 GLU GLU A . n 
A 1 131 LYS 131 131 131 LYS LYS A . n 
A 1 132 VAL 132 132 132 VAL VAL A . n 
A 1 133 VAL 133 133 133 VAL VAL A . n 
A 1 134 ASP 134 134 134 ASP ASP A . n 
A 1 135 GLU 135 135 135 GLU GLU A . n 
A 1 136 ALA 136 136 136 ALA ALA A . n 
A 1 137 GLY 137 137 137 GLY GLY A . n 
A 1 138 LYS 138 138 138 LYS LYS A . n 
A 1 139 ARG 139 139 139 ARG ARG A . n 
A 1 140 LEU 140 140 140 LEU LEU A . n 
# 
loop_
_pdbx_nonpoly_scheme.asym_id 
_pdbx_nonpoly_scheme.entity_id 
_pdbx_nonpoly_scheme.mon_id 
_pdbx_nonpoly_scheme.ndb_seq_num 
_pdbx_nonpoly_scheme.pdb_seq_num 
_pdbx_nonpoly_scheme.auth_seq_num 
_pdbx_nonpoly_scheme.pdb_mon_id 
_pdbx_nonpoly_scheme.auth_mon_id 
_pdbx_nonpoly_scheme.pdb_strand_id 
_pdbx_nonpoly_scheme.pdb_ins_code 
B 2 SO4 1   202  202  SO4 SO4 A . 
C 2 SO4 1   203  203  SO4 SO4 A . 
D 3 CS  1   401  401  CS  CS  A . 
E 3 CS  1   402  402  CS  CS  A . 
F 3 CS  1   404  404  CS  CS  A . 
G 3 CS  1   405  405  CS  CS  A . 
H 4 TAS 1   201  201  TAS TAS A . 
I 5 HOH 1   1001 1001 HOH HOH A . 
I 5 HOH 2   1002 1002 HOH HOH A . 
I 5 HOH 3   1003 1003 HOH HOH A . 
I 5 HOH 4   1004 1004 HOH HOH A . 
I 5 HOH 5   1005 1005 HOH HOH A . 
I 5 HOH 6   1006 1006 HOH HOH A . 
I 5 HOH 7   1007 1007 HOH HOH A . 
I 5 HOH 8   1008 1008 HOH HOH A . 
I 5 HOH 9   1009 1009 HOH HOH A . 
I 5 HOH 10  1010 1010 HOH HOH A . 
I 5 HOH 11  1011 22   HOH HOH A . 
I 5 HOH 12  1012 1012 HOH HOH A . 
I 5 HOH 13  1013 1013 HOH HOH A . 
I 5 HOH 14  1014 1014 HOH HOH A . 
I 5 HOH 15  1015 1015 HOH HOH A . 
I 5 HOH 16  1016 1016 HOH HOH A . 
I 5 HOH 17  1017 1017 HOH HOH A . 
I 5 HOH 18  1018 1018 HOH HOH A . 
I 5 HOH 19  1019 1019 HOH HOH A . 
I 5 HOH 20  1020 1020 HOH HOH A . 
I 5 HOH 21  1021 1021 HOH HOH A . 
I 5 HOH 22  1022 1022 HOH HOH A . 
I 5 HOH 23  1023 1023 HOH HOH A . 
I 5 HOH 24  1024 156  HOH HOH A . 
I 5 HOH 25  1025 1025 HOH HOH A . 
I 5 HOH 26  1026 1026 HOH HOH A . 
I 5 HOH 27  1027 1027 HOH HOH A . 
I 5 HOH 28  1028 1028 HOH HOH A . 
I 5 HOH 29  1029 14   HOH HOH A . 
I 5 HOH 30  1030 1030 HOH HOH A . 
I 5 HOH 31  1031 1031 HOH HOH A . 
I 5 HOH 32  1032 1032 HOH HOH A . 
I 5 HOH 33  1033 1033 HOH HOH A . 
I 5 HOH 34  1034 1034 HOH HOH A . 
I 5 HOH 35  1035 1035 HOH HOH A . 
I 5 HOH 36  1036 1036 HOH HOH A . 
I 5 HOH 37  1037 1037 HOH HOH A . 
I 5 HOH 38  1038 1038 HOH HOH A . 
I 5 HOH 39  1039 62   HOH HOH A . 
I 5 HOH 40  1040 1040 HOH HOH A . 
I 5 HOH 41  1041 1041 HOH HOH A . 
I 5 HOH 42  1042 1042 HOH HOH A . 
I 5 HOH 43  1043 1043 HOH HOH A . 
I 5 HOH 44  1044 1044 HOH HOH A . 
I 5 HOH 45  1045 78   HOH HOH A . 
I 5 HOH 46  1046 1046 HOH HOH A . 
I 5 HOH 47  1047 1047 HOH HOH A . 
I 5 HOH 48  1048 1048 HOH HOH A . 
I 5 HOH 49  1049 1049 HOH HOH A . 
I 5 HOH 50  1050 1050 HOH HOH A . 
I 5 HOH 51  1051 1051 HOH HOH A . 
I 5 HOH 52  1052 1052 HOH HOH A . 
I 5 HOH 53  1053 1053 HOH HOH A . 
I 5 HOH 54  1054 1054 HOH HOH A . 
I 5 HOH 55  1055 1055 HOH HOH A . 
I 5 HOH 56  1056 1056 HOH HOH A . 
I 5 HOH 57  1057 1057 HOH HOH A . 
I 5 HOH 58  1058 1058 HOH HOH A . 
I 5 HOH 59  1059 1059 HOH HOH A . 
I 5 HOH 60  1060 1060 HOH HOH A . 
I 5 HOH 61  1061 1061 HOH HOH A . 
I 5 HOH 62  1062 1062 HOH HOH A . 
I 5 HOH 63  1063 1063 HOH HOH A . 
I 5 HOH 64  1064 1064 HOH HOH A . 
I 5 HOH 65  1065 1065 HOH HOH A . 
I 5 HOH 66  1066 1066 HOH HOH A . 
I 5 HOH 67  1067 1067 HOH HOH A . 
I 5 HOH 68  1068 1068 HOH HOH A . 
I 5 HOH 69  1069 1069 HOH HOH A . 
I 5 HOH 70  1070 1070 HOH HOH A . 
I 5 HOH 71  1071 1071 HOH HOH A . 
I 5 HOH 72  1072 1072 HOH HOH A . 
I 5 HOH 73  1073 1073 HOH HOH A . 
I 5 HOH 74  1074 1074 HOH HOH A . 
I 5 HOH 75  1075 1075 HOH HOH A . 
I 5 HOH 76  1076 1076 HOH HOH A . 
I 5 HOH 77  1077 1077 HOH HOH A . 
I 5 HOH 78  1078 1078 HOH HOH A . 
I 5 HOH 79  1079 1079 HOH HOH A . 
I 5 HOH 80  1080 1080 HOH HOH A . 
I 5 HOH 81  1081 1081 HOH HOH A . 
I 5 HOH 82  1082 1082 HOH HOH A . 
I 5 HOH 83  1083 1083 HOH HOH A . 
I 5 HOH 84  1084 1084 HOH HOH A . 
I 5 HOH 85  1085 1085 HOH HOH A . 
I 5 HOH 86  1086 1086 HOH HOH A . 
I 5 HOH 87  1087 1087 HOH HOH A . 
I 5 HOH 88  1088 1088 HOH HOH A . 
I 5 HOH 89  1089 1089 HOH HOH A . 
I 5 HOH 90  1090 1090 HOH HOH A . 
I 5 HOH 91  1091 1091 HOH HOH A . 
I 5 HOH 92  1092 58   HOH HOH A . 
I 5 HOH 93  1093 1093 HOH HOH A . 
I 5 HOH 94  1094 1094 HOH HOH A . 
I 5 HOH 95  1095 1095 HOH HOH A . 
I 5 HOH 96  1096 65   HOH HOH A . 
I 5 HOH 97  1097 1097 HOH HOH A . 
I 5 HOH 98  1098 1098 HOH HOH A . 
I 5 HOH 99  1099 1099 HOH HOH A . 
I 5 HOH 100 1100 1100 HOH HOH A . 
I 5 HOH 101 1101 1101 HOH HOH A . 
I 5 HOH 102 1102 1102 HOH HOH A . 
I 5 HOH 103 1103 1103 HOH HOH A . 
I 5 HOH 104 1104 1104 HOH HOH A . 
I 5 HOH 105 1105 175  HOH HOH A . 
I 5 HOH 106 1106 1106 HOH HOH A . 
I 5 HOH 107 1107 1107 HOH HOH A . 
I 5 HOH 108 1108 1108 HOH HOH A . 
I 5 HOH 109 1109 1109 HOH HOH A . 
I 5 HOH 110 1110 1110 HOH HOH A . 
I 5 HOH 111 1111 45   HOH HOH A . 
I 5 HOH 112 1112 1113 HOH HOH A . 
I 5 HOH 113 1113 1114 HOH HOH A . 
I 5 HOH 114 1114 1115 HOH HOH A . 
I 5 HOH 115 1115 1116 HOH HOH A . 
I 5 HOH 116 1116 1117 HOH HOH A . 
I 5 HOH 117 1117 1118 HOH HOH A . 
I 5 HOH 118 1118 1119 HOH HOH A . 
I 5 HOH 119 1119 1120 HOH HOH A . 
I 5 HOH 120 1120 1121 HOH HOH A . 
I 5 HOH 121 1121 1122 HOH HOH A . 
I 5 HOH 122 1122 1123 HOH HOH A . 
I 5 HOH 123 1123 1124 HOH HOH A . 
I 5 HOH 124 1124 1125 HOH HOH A . 
I 5 HOH 125 1125 1126 HOH HOH A . 
I 5 HOH 126 1126 1127 HOH HOH A . 
I 5 HOH 127 1127 1128 HOH HOH A . 
I 5 HOH 128 1128 182  HOH HOH A . 
I 5 HOH 129 1129 1130 HOH HOH A . 
I 5 HOH 130 1130 1131 HOH HOH A . 
I 5 HOH 131 1131 1132 HOH HOH A . 
I 5 HOH 132 1132 1133 HOH HOH A . 
I 5 HOH 133 1133 1134 HOH HOH A . 
I 5 HOH 134 1134 1135 HOH HOH A . 
I 5 HOH 135 1135 1136 HOH HOH A . 
I 5 HOH 136 1136 1137 HOH HOH A . 
I 5 HOH 137 1137 1138 HOH HOH A . 
I 5 HOH 138 1138 1139 HOH HOH A . 
I 5 HOH 139 1139 1140 HOH HOH A . 
I 5 HOH 140 1140 1141 HOH HOH A . 
I 5 HOH 141 1141 1142 HOH HOH A . 
I 5 HOH 142 1142 1143 HOH HOH A . 
I 5 HOH 143 1143 1144 HOH HOH A . 
I 5 HOH 144 1144 1145 HOH HOH A . 
I 5 HOH 145 1145 1146 HOH HOH A . 
I 5 HOH 146 1146 1147 HOH HOH A . 
I 5 HOH 147 1147 1148 HOH HOH A . 
I 5 HOH 148 1148 1149 HOH HOH A . 
I 5 HOH 149 1149 1150 HOH HOH A . 
I 5 HOH 150 1150 1151 HOH HOH A . 
I 5 HOH 151 1151 1152 HOH HOH A . 
I 5 HOH 152 1152 1153 HOH HOH A . 
I 5 HOH 153 1153 1154 HOH HOH A . 
I 5 HOH 154 1154 1155 HOH HOH A . 
I 5 HOH 155 1155 1156 HOH HOH A . 
I 5 HOH 156 1156 1157 HOH HOH A . 
I 5 HOH 157 1157 1158 HOH HOH A . 
I 5 HOH 158 1158 1159 HOH HOH A . 
I 5 HOH 159 1159 1160 HOH HOH A . 
I 5 HOH 160 1160 1161 HOH HOH A . 
I 5 HOH 161 1161 1162 HOH HOH A . 
I 5 HOH 162 1162 1163 HOH HOH A . 
I 5 HOH 163 1163 1164 HOH HOH A . 
I 5 HOH 164 1164 1165 HOH HOH A . 
I 5 HOH 165 1165 1166 HOH HOH A . 
I 5 HOH 166 1166 211  HOH HOH A . 
I 5 HOH 167 1167 233  HOH HOH A . 
I 5 HOH 168 1168 1169 HOH HOH A . 
I 5 HOH 169 1169 1170 HOH HOH A . 
I 5 HOH 170 1170 1171 HOH HOH A . 
I 5 HOH 171 1171 1172 HOH HOH A . 
I 5 HOH 172 1172 1173 HOH HOH A . 
I 5 HOH 173 1173 1174 HOH HOH A . 
I 5 HOH 174 1174 1175 HOH HOH A . 
I 5 HOH 175 1175 1176 HOH HOH A . 
I 5 HOH 176 1176 1177 HOH HOH A . 
I 5 HOH 177 1177 1178 HOH HOH A . 
I 5 HOH 178 1178 1179 HOH HOH A . 
I 5 HOH 179 1179 1180 HOH HOH A . 
I 5 HOH 180 1180 1181 HOH HOH A . 
I 5 HOH 181 1181 1182 HOH HOH A . 
I 5 HOH 182 1182 1183 HOH HOH A . 
I 5 HOH 183 1183 1184 HOH HOH A . 
I 5 HOH 184 1184 1185 HOH HOH A . 
I 5 HOH 185 1185 1186 HOH HOH A . 
I 5 HOH 186 1186 1187 HOH HOH A . 
I 5 HOH 187 1187 1188 HOH HOH A . 
I 5 HOH 188 1188 1189 HOH HOH A . 
I 5 HOH 189 1189 1192 HOH HOH A . 
I 5 HOH 190 1190 1194 HOH HOH A . 
I 5 HOH 191 1191 1195 HOH HOH A . 
I 5 HOH 192 1192 1196 HOH HOH A . 
I 5 HOH 193 1193 1197 HOH HOH A . 
I 5 HOH 194 1194 1198 HOH HOH A . 
I 5 HOH 195 1195 1199 HOH HOH A . 
I 5 HOH 196 1196 1200 HOH HOH A . 
I 5 HOH 197 1197 1201 HOH HOH A . 
I 5 HOH 198 1198 1202 HOH HOH A . 
I 5 HOH 199 1199 1203 HOH HOH A . 
I 5 HOH 200 1200 1204 HOH HOH A . 
I 5 HOH 201 1201 1205 HOH HOH A . 
I 5 HOH 202 1202 1206 HOH HOH A . 
I 5 HOH 203 1203 1207 HOH HOH A . 
I 5 HOH 204 1204 1208 HOH HOH A . 
I 5 HOH 205 1205 1211 HOH HOH A . 
I 5 HOH 206 1206 1212 HOH HOH A . 
I 5 HOH 207 1207 1213 HOH HOH A . 
I 5 HOH 208 1208 1214 HOH HOH A . 
I 5 HOH 209 1209 1215 HOH HOH A . 
I 5 HOH 210 1210 1216 HOH HOH A . 
I 5 HOH 211 1211 1217 HOH HOH A . 
I 5 HOH 212 1212 1218 HOH HOH A . 
I 5 HOH 213 1213 1219 HOH HOH A . 
I 5 HOH 214 1214 1220 HOH HOH A . 
I 5 HOH 215 1215 1221 HOH HOH A . 
I 5 HOH 216 1216 1222 HOH HOH A . 
I 5 HOH 217 1217 1223 HOH HOH A . 
I 5 HOH 218 1218 1224 HOH HOH A . 
I 5 HOH 219 1219 1226 HOH HOH A . 
I 5 HOH 220 1220 1227 HOH HOH A . 
I 5 HOH 221 1221 1228 HOH HOH A . 
I 5 HOH 222 1222 1229 HOH HOH A . 
I 5 HOH 223 1223 1230 HOH HOH A . 
I 5 HOH 224 1224 1231 HOH HOH A . 
I 5 HOH 225 1225 1232 HOH HOH A . 
I 5 HOH 226 1226 1234 HOH HOH A . 
I 5 HOH 227 1227 1235 HOH HOH A . 
I 5 HOH 228 1228 1236 HOH HOH A . 
I 5 HOH 229 1229 1237 HOH HOH A . 
I 5 HOH 230 1230 1238 HOH HOH A . 
I 5 HOH 231 1231 1239 HOH HOH A . 
I 5 HOH 232 1232 1240 HOH HOH A . 
I 5 HOH 233 1233 1242 HOH HOH A . 
I 5 HOH 234 1234 1243 HOH HOH A . 
I 5 HOH 235 1235 1244 HOH HOH A . 
I 5 HOH 236 1236 1245 HOH HOH A . 
I 5 HOH 237 1237 1246 HOH HOH A . 
I 5 HOH 238 1238 1247 HOH HOH A . 
I 5 HOH 239 1239 1248 HOH HOH A . 
I 5 HOH 240 1240 1250 HOH HOH A . 
I 5 HOH 241 1241 1251 HOH HOH A . 
I 5 HOH 242 1242 1252 HOH HOH A . 
I 5 HOH 243 1243 1253 HOH HOH A . 
I 5 HOH 244 1244 1254 HOH HOH A . 
I 5 HOH 245 1245 1255 HOH HOH A . 
I 5 HOH 246 1246 1257 HOH HOH A . 
I 5 HOH 247 1247 1258 HOH HOH A . 
I 5 HOH 248 1248 1259 HOH HOH A . 
I 5 HOH 249 1249 1261 HOH HOH A . 
I 5 HOH 250 1250 1262 HOH HOH A . 
I 5 HOH 251 1251 1263 HOH HOH A . 
I 5 HOH 252 1252 1265 HOH HOH A . 
I 5 HOH 253 1253 1266 HOH HOH A . 
I 5 HOH 254 1254 1267 HOH HOH A . 
I 5 HOH 255 1255 1268 HOH HOH A . 
I 5 HOH 256 1256 1269 HOH HOH A . 
I 5 HOH 257 1257 1270 HOH HOH A . 
I 5 HOH 258 1258 1271 HOH HOH A . 
I 5 HOH 259 1259 1272 HOH HOH A . 
I 5 HOH 260 1260 1273 HOH HOH A . 
I 5 HOH 261 1261 1274 HOH HOH A . 
I 5 HOH 262 1262 1275 HOH HOH A . 
I 5 HOH 263 1263 1277 HOH HOH A . 
I 5 HOH 264 1264 1278 HOH HOH A . 
I 5 HOH 265 1265 1280 HOH HOH A . 
I 5 HOH 266 1266 1281 HOH HOH A . 
I 5 HOH 267 1267 1282 HOH HOH A . 
I 5 HOH 268 1268 1285 HOH HOH A . 
I 5 HOH 269 1269 1286 HOH HOH A . 
I 5 HOH 270 1270 1287 HOH HOH A . 
I 5 HOH 271 1271 1288 HOH HOH A . 
I 5 HOH 272 1272 1290 HOH HOH A . 
I 5 HOH 273 1273 1291 HOH HOH A . 
I 5 HOH 274 1274 1292 HOH HOH A . 
I 5 HOH 275 1275 1293 HOH HOH A . 
I 5 HOH 276 1276 1294 HOH HOH A . 
I 5 HOH 277 1277 1297 HOH HOH A . 
I 5 HOH 278 1278 1299 HOH HOH A . 
I 5 HOH 279 1279 1300 HOH HOH A . 
I 5 HOH 280 1280 1301 HOH HOH A . 
I 5 HOH 281 1281 1302 HOH HOH A . 
I 5 HOH 282 1282 1303 HOH HOH A . 
I 5 HOH 283 1283 1304 HOH HOH A . 
I 5 HOH 284 1284 1306 HOH HOH A . 
I 5 HOH 285 1285 1308 HOH HOH A . 
I 5 HOH 286 1286 1310 HOH HOH A . 
I 5 HOH 287 1287 1311 HOH HOH A . 
I 5 HOH 288 1288 1312 HOH HOH A . 
I 5 HOH 289 1289 1313 HOH HOH A . 
I 5 HOH 290 1290 1314 HOH HOH A . 
I 5 HOH 291 1291 1315 HOH HOH A . 
I 5 HOH 292 1292 1317 HOH HOH A . 
I 5 HOH 293 1293 1318 HOH HOH A . 
I 5 HOH 294 1294 1319 HOH HOH A . 
I 5 HOH 295 1295 1322 HOH HOH A . 
I 5 HOH 296 1296 1323 HOH HOH A . 
I 5 HOH 297 1297 1324 HOH HOH A . 
I 5 HOH 298 1298 1326 HOH HOH A . 
I 5 HOH 299 1299 1327 HOH HOH A . 
I 5 HOH 300 1300 1329 HOH HOH A . 
# 
loop_
_software.name 
_software.classification 
_software.version 
_software.citation_id 
_software.pdbx_ordinal 
SHELXL-97 refinement       . ? 1 
XTALVIEW  refinement       . ? 2 
SHELX     'model building' . ? 3 
X-GEN     'data reduction' . ? 4 
X-GEN     'data scaling'   . ? 5 
SHELX     phasing          . ? 6 
# 
_cell.entry_id           1SK0 
_cell.length_a           86.560 
_cell.length_b           86.560 
_cell.length_c           115.990 
_cell.angle_alpha        90.00 
_cell.angle_beta         90.00 
_cell.angle_gamma        120.00 
_cell.Z_PDB              12 
_cell.pdbx_unique_axis   ? 
_cell.length_a_esd       ? 
_cell.length_b_esd       ? 
_cell.length_c_esd       ? 
_cell.angle_alpha_esd    ? 
_cell.angle_beta_esd     ? 
_cell.angle_gamma_esd    ? 
# 
_symmetry.entry_id                         1SK0 
_symmetry.space_group_name_H-M             'P 61 2 2' 
_symmetry.pdbx_full_space_group_name_H-M   ? 
_symmetry.cell_setting                     ? 
_symmetry.Int_Tables_number                178 
_symmetry.space_group_name_Hall            ? 
# 
_exptl.entry_id          1SK0 
_exptl.method            'X-RAY DIFFRACTION' 
_exptl.crystals_number   1 
# 
_exptl_crystal.id                    1 
_exptl_crystal.density_meas          ? 
_exptl_crystal.density_percent_sol   57.7 
_exptl_crystal.description           ? 
_exptl_crystal.density_Matthews      2.91 
_exptl_crystal.F_000                 ? 
_exptl_crystal.preparation           ? 
# 
_exptl_crystal_grow.crystal_id      1 
_exptl_crystal_grow.method          'VAPOR DIFFUSION, HANGING DROP' 
_exptl_crystal_grow.temp            278 
_exptl_crystal_grow.temp_details    ? 
_exptl_crystal_grow.pH              4.80 
_exptl_crystal_grow.pdbx_details    
'50% saturated Cesium Sulfate, 100mM sodium acetate,5mM DTT, pH 4.80, VAPOR DIFFUSION, HANGING DROP, temperature 278K' 
_exptl_crystal_grow.pdbx_pH_range   . 
# 
_diffrn.id                     1 
_diffrn.ambient_temp           93.0 
_diffrn.ambient_temp_details   ? 
_diffrn.crystal_id             1 
# 
_diffrn_detector.diffrn_id              1 
_diffrn_detector.detector               'IMAGE PLATE' 
_diffrn_detector.type                   'RIGAKU RAXIS IV' 
_diffrn_detector.pdbx_collection_date   2001-11-09 
_diffrn_detector.details                'OSMIC MIRRORS' 
# 
_diffrn_radiation.diffrn_id                        1 
_diffrn_radiation.wavelength_id                    1 
_diffrn_radiation.pdbx_monochromatic_or_laue_m_l   M 
_diffrn_radiation.monochromator                    'OSMIC MIRRORS' 
_diffrn_radiation.pdbx_diffrn_protocol             'SINGLE WAVELENGTH' 
_diffrn_radiation.pdbx_scattering_type             x-ray 
# 
_diffrn_radiation_wavelength.id           1 
_diffrn_radiation_wavelength.wavelength   1.5418 
_diffrn_radiation_wavelength.wt           1.0 
# 
_diffrn_source.diffrn_id                   1 
_diffrn_source.source                      'ROTATING ANODE' 
_diffrn_source.type                        'RIGAKU RU200' 
_diffrn_source.pdbx_synchrotron_site       ? 
_diffrn_source.pdbx_synchrotron_beamline   ? 
_diffrn_source.pdbx_wavelength             1.5418 
_diffrn_source.pdbx_wavelength_list        ? 
# 
_reflns.entry_id                     1SK0 
_reflns.observed_criterion_sigma_I   -3.00 
_reflns.observed_criterion_sigma_F   ? 
_reflns.d_resolution_low             20.00 
_reflns.d_resolution_high            1.7875 
_reflns.number_obs                   24478 
_reflns.number_all                   ? 
_reflns.percent_possible_obs         98.2 
_reflns.pdbx_Rmerge_I_obs            0.1416 
_reflns.pdbx_Rsym_value              0.1416 
_reflns.pdbx_netI_over_sigmaI        16.2 
_reflns.B_iso_Wilson_estimate        ? 
_reflns.pdbx_redundancy              17.5 
_reflns.R_free_details               ? 
_reflns.limit_h_max                  ? 
_reflns.limit_h_min                  ? 
_reflns.limit_k_max                  ? 
_reflns.limit_k_min                  ? 
_reflns.limit_l_max                  ? 
_reflns.limit_l_min                  ? 
_reflns.observed_criterion_F_max     ? 
_reflns.observed_criterion_F_min     ? 
_reflns.pdbx_chi_squared             ? 
_reflns.pdbx_scaling_rejects         ? 
_reflns.pdbx_ordinal                 1 
_reflns.pdbx_diffrn_id               1 
# 
_reflns_shell.d_res_high             1.7875 
_reflns_shell.d_res_low              1.8470 
_reflns_shell.percent_possible_all   89.08 
_reflns_shell.Rmerge_I_obs           0.526 
_reflns_shell.pdbx_Rsym_value        0.526 
_reflns_shell.meanI_over_sigI_obs    2.936 
_reflns_shell.pdbx_redundancy        21.36 
_reflns_shell.percent_possible_obs   ? 
_reflns_shell.number_unique_all      ? 
_reflns_shell.number_measured_all    ? 
_reflns_shell.number_measured_obs    ? 
_reflns_shell.number_unique_obs      ? 
_reflns_shell.pdbx_chi_squared       ? 
_reflns_shell.pdbx_ordinal           1 
_reflns_shell.pdbx_diffrn_id         1 
# 
_refine.entry_id                                 1SK0 
_refine.ls_number_reflns_obs                     23276 
_refine.ls_number_reflns_all                     23276 
_refine.pdbx_ls_sigma_I                          ? 
_refine.pdbx_ls_sigma_F                          0.0 
_refine.pdbx_data_cutoff_high_absF               ? 
_refine.pdbx_data_cutoff_low_absF                ? 
_refine.pdbx_data_cutoff_high_rms_absF           ? 
_refine.ls_d_res_low                             20.00 
_refine.ls_d_res_high                            1.80 
_refine.ls_percent_reflns_obs                    95.1 
_refine.ls_R_factor_obs                          ? 
_refine.ls_R_factor_all                          0.1829 
_refine.ls_R_factor_R_work                       0.1829 
_refine.ls_R_factor_R_free                       0.2385 
_refine.ls_R_factor_R_free_error                 ? 
_refine.ls_R_factor_R_free_error_details         ? 
_refine.ls_percent_reflns_R_free                 ? 
_refine.ls_number_reflns_R_free                  ? 
_refine.ls_number_parameters                     5828 
_refine.ls_number_restraints                     4570 
_refine.occupancy_min                            ? 
_refine.occupancy_max                            ? 
_refine.correlation_coeff_Fo_to_Fc               ? 
_refine.correlation_coeff_Fo_to_Fc_free          ? 
_refine.B_iso_mean                               ? 
_refine.aniso_B[1][1]                            ? 
_refine.aniso_B[2][2]                            ? 
_refine.aniso_B[3][3]                            ? 
_refine.aniso_B[1][2]                            ? 
_refine.aniso_B[1][3]                            ? 
_refine.aniso_B[2][3]                            ? 
_refine.solvent_model_details                    'MOEWS & KRETSINGER, J.MOL.BIOL.91(1973)201-228' 
_refine.solvent_model_param_ksol                 ? 
_refine.solvent_model_param_bsol                 ? 
_refine.pdbx_solvent_vdw_probe_radii             ? 
_refine.pdbx_solvent_ion_probe_radii             ? 
_refine.pdbx_solvent_shrinkage_radii             ? 
_refine.pdbx_ls_cross_valid_method               'FREE R' 
_refine.details                                  ? 
_refine.pdbx_starting_model                      'NATIVE STRUCTURE' 
_refine.pdbx_method_to_determine_struct          'FOURIER SYNTHESIS' 
_refine.pdbx_isotropic_thermal_model             ? 
_refine.pdbx_stereochemistry_target_values       'Engh & Huber' 
_refine.pdbx_stereochem_target_val_spec_case     ? 
_refine.pdbx_R_Free_selection_details            RANDOM 
_refine.pdbx_overall_ESU_R                       ? 
_refine.pdbx_overall_ESU_R_Free                  ? 
_refine.overall_SU_ML                            ? 
_refine.overall_SU_B                             ? 
_refine.ls_redundancy_reflns_obs                 ? 
_refine.B_iso_min                                ? 
_refine.B_iso_max                                ? 
_refine.overall_SU_R_Cruickshank_DPI             ? 
_refine.overall_SU_R_free                        ? 
_refine.ls_wR_factor_R_free                      ? 
_refine.ls_wR_factor_R_work                      ? 
_refine.overall_FOM_free_R_set                   ? 
_refine.overall_FOM_work_R_set                   ? 
_refine.pdbx_refine_id                           'X-RAY DIFFRACTION' 
_refine.pdbx_overall_phase_error                 ? 
_refine.pdbx_diffrn_id                           1 
_refine.pdbx_TLS_residual_ADP_flag               ? 
_refine.pdbx_overall_SU_R_free_Cruickshank_DPI   ? 
_refine.pdbx_overall_SU_R_Blow_DPI               ? 
_refine.pdbx_overall_SU_R_free_Blow_DPI          ? 
# 
_refine_analyze.entry_id                        1SK0 
_refine_analyze.Luzzati_coordinate_error_obs    ? 
_refine_analyze.Luzzati_sigma_a_obs             ? 
_refine_analyze.Luzzati_d_res_low_obs           ? 
_refine_analyze.Luzzati_coordinate_error_free   ? 
_refine_analyze.Luzzati_sigma_a_free            ? 
_refine_analyze.Luzzati_d_res_low_free          ? 
_refine_analyze.number_disordered_residues      3 
_refine_analyze.occupancy_sum_hydrogen          0.00 
_refine_analyze.occupancy_sum_non_hydrogen      1419.57 
_refine_analyze.pdbx_Luzzati_d_res_high_obs     ? 
_refine_analyze.pdbx_refine_id                  'X-RAY DIFFRACTION' 
# 
_refine_hist.pdbx_refine_id                   'X-RAY DIFFRACTION' 
_refine_hist.cycle_id                         LAST 
_refine_hist.pdbx_number_atoms_protein        1082 
_refine_hist.pdbx_number_atoms_nucleic_acid   0 
_refine_hist.pdbx_number_atoms_ligand         18 
_refine_hist.number_atoms_solvent             300 
_refine_hist.number_atoms_total               1400 
_refine_hist.d_res_high                       1.80 
_refine_hist.d_res_low                        20.00 
# 
loop_
_refine_ls_restr.type 
_refine_ls_restr.dev_ideal 
_refine_ls_restr.dev_ideal_target 
_refine_ls_restr.weight 
_refine_ls_restr.number 
_refine_ls_restr.pdbx_refine_id 
_refine_ls_restr.pdbx_restraint_function 
s_bond_d               0.008  ? ? ? 'X-RAY DIFFRACTION' ? 
s_angle_d              0.024  ? ? ? 'X-RAY DIFFRACTION' ? 
s_similar_dist         0.000  ? ? ? 'X-RAY DIFFRACTION' ? 
s_from_restr_planes    0.0285 ? ? ? 'X-RAY DIFFRACTION' ? 
s_zero_chiral_vol      0.044  ? ? ? 'X-RAY DIFFRACTION' ? 
s_non_zero_chiral_vol  0.049  ? ? ? 'X-RAY DIFFRACTION' ? 
s_anti_bump_dis_restr  0.018  ? ? ? 'X-RAY DIFFRACTION' ? 
s_rigid_bond_adp_cmpnt 0.000  ? ? ? 'X-RAY DIFFRACTION' ? 
s_similar_adp_cmpnt    0.063  ? ? ? 'X-RAY DIFFRACTION' ? 
s_approx_iso_adps      0.000  ? ? ? 'X-RAY DIFFRACTION' ? 
# 
_pdbx_refine.entry_id                                    1SK0 
_pdbx_refine.R_factor_all_no_cutoff                      0.1829 
_pdbx_refine.R_factor_obs_no_cutoff                      ? 
_pdbx_refine.free_R_factor_no_cutoff                     0.2385 
_pdbx_refine.free_R_val_test_set_size_perc_no_cutoff     ? 
_pdbx_refine.free_R_val_test_set_ct_no_cutoff            ? 
_pdbx_refine.R_factor_all_4sig_cutoff                    0.1824 
_pdbx_refine.R_factor_obs_4sig_cutoff                    ? 
_pdbx_refine.free_R_factor_4sig_cutoff                   ? 
_pdbx_refine.free_R_val_test_set_size_perc_4sig_cutoff   ? 
_pdbx_refine.free_R_val_test_set_ct_4sig_cutoff          ? 
_pdbx_refine.number_reflns_obs_4sig_cutoff               23220 
_pdbx_refine.number_reflns_obs_no_cutoff                 23276 
_pdbx_refine.pdbx_refine_id                              'X-RAY DIFFRACTION' 
_pdbx_refine.free_R_error_no_cutoff                      ? 
# 
_struct.entry_id                  1SK0 
_struct.title                     'ARSENATE REDUCTASE R60A MUTANT +0.4M ARSENITE FROM E. COLI' 
_struct.pdbx_model_details        ? 
_struct.pdbx_CASP_flag            ? 
_struct.pdbx_model_type_details   ? 
# 
_struct_keywords.entry_id        1SK0 
_struct_keywords.pdbx_keywords   OXIDOREDUCTASE 
_struct_keywords.text            'ARSC, REDUCTASE, ARSENITE, ARSENATE, OXIDOREDUCTASE' 
# 
loop_
_struct_asym.id 
_struct_asym.pdbx_blank_PDB_chainid_flag 
_struct_asym.pdbx_modified 
_struct_asym.entity_id 
_struct_asym.details 
A N N 1 ? 
B N N 2 ? 
C N N 2 ? 
D N N 3 ? 
E N N 3 ? 
F N N 3 ? 
G N N 3 ? 
H N N 4 ? 
I N N 5 ? 
# 
_struct_ref.id                         1 
_struct_ref.db_name                    UNP 
_struct_ref.db_code                    ARC1_ECOLI 
_struct_ref.pdbx_db_accession          P08692 
_struct_ref.entity_id                  1 
_struct_ref.pdbx_seq_one_letter_code   
;MSNITIYHNPACGTSRNTLEMIRNSGTEPTIILYLENPPSRDELVKLIADMGISVRALLRKNVEPYEQLGLAEDKFTDDQ
LIDFMLQHPILINRPIVVTPLGTRLCRPSEVVLDILQDAQKGAFTKEDGEKVVDEAGKRL
;
_struct_ref.pdbx_align_begin           1 
_struct_ref.pdbx_db_isoform            ? 
# 
_struct_ref_seq.align_id                      1 
_struct_ref_seq.ref_id                        1 
_struct_ref_seq.pdbx_PDB_id_code              1SK0 
_struct_ref_seq.pdbx_strand_id                A 
_struct_ref_seq.seq_align_beg                 1 
_struct_ref_seq.pdbx_seq_align_beg_ins_code   ? 
_struct_ref_seq.seq_align_end                 140 
_struct_ref_seq.pdbx_seq_align_end_ins_code   ? 
_struct_ref_seq.pdbx_db_accession             P08692 
_struct_ref_seq.db_align_beg                  1 
_struct_ref_seq.pdbx_db_align_beg_ins_code    ? 
_struct_ref_seq.db_align_end                  140 
_struct_ref_seq.pdbx_db_align_end_ins_code    ? 
_struct_ref_seq.pdbx_auth_seq_align_beg       1 
_struct_ref_seq.pdbx_auth_seq_align_end       140 
# 
_struct_ref_seq_dif.align_id                     1 
_struct_ref_seq_dif.pdbx_pdb_id_code             1SK0 
_struct_ref_seq_dif.mon_id                       ALA 
_struct_ref_seq_dif.pdbx_pdb_strand_id           A 
_struct_ref_seq_dif.seq_num                      60 
_struct_ref_seq_dif.pdbx_pdb_ins_code            ? 
_struct_ref_seq_dif.pdbx_seq_db_name             UNP 
_struct_ref_seq_dif.pdbx_seq_db_accession_code   P08692 
_struct_ref_seq_dif.db_mon_id                    ARG 
_struct_ref_seq_dif.pdbx_seq_db_seq_num          60 
_struct_ref_seq_dif.details                      'engineered mutation' 
_struct_ref_seq_dif.pdbx_auth_seq_num            60 
_struct_ref_seq_dif.pdbx_ordinal                 1 
# 
_pdbx_struct_assembly.id                   1 
_pdbx_struct_assembly.details              author_and_software_defined_assembly 
_pdbx_struct_assembly.method_details       PQS 
_pdbx_struct_assembly.oligomeric_details   monomeric 
_pdbx_struct_assembly.oligomeric_count     1 
# 
_pdbx_struct_assembly_gen.assembly_id       1 
_pdbx_struct_assembly_gen.oper_expression   1 
_pdbx_struct_assembly_gen.asym_id_list      A,B,C,D,E,F,G,H,I 
# 
_pdbx_struct_oper_list.id                   1 
_pdbx_struct_oper_list.type                 'identity operation' 
_pdbx_struct_oper_list.name                 1_555 
_pdbx_struct_oper_list.symmetry_operation   x,y,z 
_pdbx_struct_oper_list.matrix[1][1]         1.0000000000 
_pdbx_struct_oper_list.matrix[1][2]         0.0000000000 
_pdbx_struct_oper_list.matrix[1][3]         0.0000000000 
_pdbx_struct_oper_list.vector[1]            0.0000000000 
_pdbx_struct_oper_list.matrix[2][1]         0.0000000000 
_pdbx_struct_oper_list.matrix[2][2]         1.0000000000 
_pdbx_struct_oper_list.matrix[2][3]         0.0000000000 
_pdbx_struct_oper_list.vector[2]            0.0000000000 
_pdbx_struct_oper_list.matrix[3][1]         0.0000000000 
_pdbx_struct_oper_list.matrix[3][2]         0.0000000000 
_pdbx_struct_oper_list.matrix[3][3]         1.0000000000 
_pdbx_struct_oper_list.vector[3]            0.0000000000 
# 
loop_
_struct_conf.conf_type_id 
_struct_conf.id 
_struct_conf.pdbx_PDB_helix_id 
_struct_conf.beg_label_comp_id 
_struct_conf.beg_label_asym_id 
_struct_conf.beg_label_seq_id 
_struct_conf.pdbx_beg_PDB_ins_code 
_struct_conf.end_label_comp_id 
_struct_conf.end_label_asym_id 
_struct_conf.end_label_seq_id 
_struct_conf.pdbx_end_PDB_ins_code 
_struct_conf.beg_auth_comp_id 
_struct_conf.beg_auth_asym_id 
_struct_conf.beg_auth_seq_id 
_struct_conf.end_auth_comp_id 
_struct_conf.end_auth_asym_id 
_struct_conf.end_auth_seq_id 
_struct_conf.pdbx_PDB_helix_class 
_struct_conf.details 
_struct_conf.pdbx_PDB_helix_length 
HELX_P HELX_P1 1 GLY A 13  ? SER A 25  ? GLY A 13  SER A 25  1 ? 13 
HELX_P HELX_P2 2 SER A 40  ? GLY A 52  ? SER A 40  GLY A 52  1 ? 13 
HELX_P HELX_P3 3 SER A 54  ? LEU A 59  ? SER A 54  LEU A 59  1 ? 6  
HELX_P HELX_P4 4 VAL A 63  ? LEU A 69  ? VAL A 63  LEU A 69  1 ? 7  
HELX_P HELX_P5 5 THR A 77  ? HIS A 88  ? THR A 77  HIS A 88  1 ? 12 
HELX_P HELX_P6 6 PRO A 89  ? LEU A 91  ? PRO A 89  LEU A 91  5 ? 3  
HELX_P HELX_P7 7 PRO A 108 ? ILE A 115 ? PRO A 108 ILE A 115 5 ? 8  
# 
_struct_conf_type.id          HELX_P 
_struct_conf_type.criteria    ? 
_struct_conf_type.reference   ? 
# 
loop_
_struct_conn.id 
_struct_conn.conn_type_id 
_struct_conn.pdbx_leaving_atom_flag 
_struct_conn.pdbx_PDB_id 
_struct_conn.ptnr1_label_asym_id 
_struct_conn.ptnr1_label_comp_id 
_struct_conn.ptnr1_label_seq_id 
_struct_conn.ptnr1_label_atom_id 
_struct_conn.pdbx_ptnr1_label_alt_id 
_struct_conn.pdbx_ptnr1_PDB_ins_code 
_struct_conn.pdbx_ptnr1_standard_comp_id 
_struct_conn.ptnr1_symmetry 
_struct_conn.ptnr2_label_asym_id 
_struct_conn.ptnr2_label_comp_id 
_struct_conn.ptnr2_label_seq_id 
_struct_conn.ptnr2_label_atom_id 
_struct_conn.pdbx_ptnr2_label_alt_id 
_struct_conn.pdbx_ptnr2_PDB_ins_code 
_struct_conn.ptnr1_auth_asym_id 
_struct_conn.ptnr1_auth_comp_id 
_struct_conn.ptnr1_auth_seq_id 
_struct_conn.ptnr2_auth_asym_id 
_struct_conn.ptnr2_auth_comp_id 
_struct_conn.ptnr2_auth_seq_id 
_struct_conn.ptnr2_symmetry 
_struct_conn.pdbx_ptnr3_label_atom_id 
_struct_conn.pdbx_ptnr3_label_seq_id 
_struct_conn.pdbx_ptnr3_label_comp_id 
_struct_conn.pdbx_ptnr3_label_asym_id 
_struct_conn.pdbx_ptnr3_label_alt_id 
_struct_conn.pdbx_ptnr3_PDB_ins_code 
_struct_conn.details 
_struct_conn.pdbx_dist_value 
_struct_conn.pdbx_value_order 
_struct_conn.pdbx_role 
covale1  covale both ? A ALA 11  C   ? ? ? 1_555  A CZ2 12 N   ? ? A ALA 11  A CZ2 12   1_555  ? ? ? ? ? ? ? 1.343 ? ? 
covale2  covale both ? A CZ2 12  C   ? ? ? 1_555  A GLY 13 N   ? ? A CZ2 12  A GLY 13   1_555  ? ? ? ? ? ? ? 1.320 ? ? 
covale3  covale none ? A CZ2 12  O2  ? ? ? 1_555  A ARG 94 CZ  ? ? A CZ2 12  A ARG 94   1_555  ? ? ? ? ? ? ? 1.933 ? ? 
covale4  covale none ? A CZ2 12  O2  ? ? ? 1_555  A ARG 94 NH2 ? ? A CZ2 12  A ARG 94   1_555  ? ? ? ? ? ? ? 1.359 ? ? 
metalc1  metalc ?    ? A PRO 38  O   ? ? ? 1_555  E CS  .  CS  ? ? A PRO 38  A CS  402  1_555  ? ? ? ? ? ? ? 3.238 ? ? 
metalc2  metalc ?    ? A SER 40  N   ? ? ? 1_555  E CS  .  CS  ? ? A SER 40  A CS  402  1_555  ? ? ? ? ? ? ? 3.809 ? ? 
metalc3  metalc ?    ? A GLU 67  OE1 ? ? ? 12_566 G CS  .  CS  ? ? A GLU 67  A CS  405  1_555  ? ? ? ? ? ? ? 3.634 ? ? 
metalc4  metalc ?    ? A LEU 113 O   ? ? ? 1_555  D CS  .  CS  ? ? A LEU 113 A CS  401  1_555  ? ? ? ? ? ? ? 3.149 ? ? 
metalc5  metalc ?    ? A LEU 113 O   ? ? ? 10_665 D CS  .  CS  ? ? A LEU 113 A CS  401  1_555  ? ? ? ? ? ? ? 3.245 ? ? 
metalc6  metalc ?    ? A ASP 114 O   ? ? ? 1_555  D CS  .  CS  ? ? A ASP 114 A CS  401  1_555  ? ? ? ? ? ? ? 3.409 ? ? 
metalc7  metalc ?    ? A ASP 114 O   ? ? ? 10_665 D CS  .  CS  ? ? A ASP 114 A CS  401  1_555  ? ? ? ? ? ? ? 3.257 ? ? 
metalc8  metalc ?    ? A LEU 116 O   ? ? ? 1_555  D CS  .  CS  ? ? A LEU 116 A CS  401  1_555  ? ? ? ? ? ? ? 3.304 ? ? 
metalc9  metalc ?    ? A LEU 116 O   ? ? ? 10_665 D CS  .  CS  ? ? A LEU 116 A CS  401  1_555  ? ? ? ? ? ? ? 3.167 ? ? 
metalc10 metalc ?    ? A GLN 120 O   ? ? ? 1_555  F CS  .  CS  ? ? A GLN 120 A CS  404  1_555  ? ? ? ? ? ? ? 3.777 ? ? 
metalc11 metalc ?    ? A LYS 121 O   ? ? ? 1_555  F CS  .  CS  ? ? A LYS 121 A CS  404  1_555  ? ? ? ? ? ? ? 3.868 ? ? 
metalc12 metalc ?    ? A ASP 128 OD2 ? ? ? 1_555  G CS  .  CS  ? ? A ASP 128 A CS  405  1_555  ? ? ? ? ? ? ? 3.464 ? ? 
metalc13 metalc ?    ? A GLU 135 O   ? ? ? 1_555  F CS  .  CS  ? ? A GLU 135 A CS  404  1_555  ? ? ? ? ? ? ? 2.940 ? ? 
metalc14 metalc ?    ? D CS  .   CS  ? ? ? 1_555  I HOH .  O   ? ? A CS  401 A HOH 1013 1_555  ? ? ? ? ? ? ? 3.206 ? ? 
metalc15 metalc ?    ? D CS  .   CS  ? ? ? 1_555  I HOH .  O   ? ? A CS  401 A HOH 1013 10_665 ? ? ? ? ? ? ? 3.295 ? ? 
metalc16 metalc ?    ? E CS  .   CS  ? ? ? 1_555  I HOH .  O   ? ? A CS  402 A HOH 1059 1_555  ? ? ? ? ? ? ? 3.175 ? ? 
metalc17 metalc ?    ? E CS  .   CS  ? ? ? 1_555  I HOH .  O   ? ? A CS  402 A HOH 1113 1_555  ? ? ? ? ? ? ? 3.503 ? ? 
metalc18 metalc ?    ? F CS  .   CS  ? ? ? 1_555  I HOH .  O   ? ? A CS  404 A HOH 1077 1_555  ? ? ? ? ? ? ? 3.568 ? ? 
metalc19 metalc ?    ? F CS  .   CS  ? ? ? 1_555  I HOH .  O   ? ? A CS  404 A HOH 1146 1_555  ? ? ? ? ? ? ? 3.074 ? ? 
metalc20 metalc ?    ? F CS  .   CS  ? ? ? 1_555  I HOH .  O   ? ? A CS  404 A HOH 1178 1_555  ? ? ? ? ? ? ? 2.910 ? ? 
metalc21 metalc ?    ? G CS  .   CS  ? ? ? 1_555  I HOH .  O   ? ? A CS  405 A HOH 1028 1_555  ? ? ? ? ? ? ? 3.241 ? ? 
metalc22 metalc ?    ? G CS  .   CS  ? ? ? 1_555  I HOH .  O   ? ? A CS  405 A HOH 1049 1_555  ? ? ? ? ? ? ? 3.784 ? ? 
metalc23 metalc ?    ? G CS  .   CS  ? ? ? 1_555  I HOH .  O   ? ? A CS  405 A HOH 1065 12_566 ? ? ? ? ? ? ? 3.672 ? ? 
metalc24 metalc ?    ? G CS  .   CS  ? ? ? 1_555  I HOH .  O   ? ? A CS  405 A HOH 1106 1_555  ? ? ? ? ? ? ? 3.203 ? ? 
metalc25 metalc ?    ? G CS  .   CS  ? ? ? 1_555  I HOH .  O   ? ? A CS  405 A HOH 1112 1_555  ? ? ? ? ? ? ? 3.304 ? ? 
metalc26 metalc ?    ? G CS  .   CS  ? ? ? 1_555  I HOH .  O   ? ? A CS  405 A HOH 1242 1_555  ? ? ? ? ? ? ? 3.211 ? ? 
# 
loop_
_struct_conn_type.id 
_struct_conn_type.criteria 
_struct_conn_type.reference 
covale ? ? 
metalc ? ? 
# 
loop_
_pdbx_struct_conn_angle.id 
_pdbx_struct_conn_angle.ptnr1_label_atom_id 
_pdbx_struct_conn_angle.ptnr1_label_alt_id 
_pdbx_struct_conn_angle.ptnr1_label_asym_id 
_pdbx_struct_conn_angle.ptnr1_label_comp_id 
_pdbx_struct_conn_angle.ptnr1_label_seq_id 
_pdbx_struct_conn_angle.ptnr1_auth_atom_id 
_pdbx_struct_conn_angle.ptnr1_auth_asym_id 
_pdbx_struct_conn_angle.ptnr1_auth_comp_id 
_pdbx_struct_conn_angle.ptnr1_auth_seq_id 
_pdbx_struct_conn_angle.ptnr1_PDB_ins_code 
_pdbx_struct_conn_angle.ptnr1_symmetry 
_pdbx_struct_conn_angle.ptnr2_label_atom_id 
_pdbx_struct_conn_angle.ptnr2_label_alt_id 
_pdbx_struct_conn_angle.ptnr2_label_asym_id 
_pdbx_struct_conn_angle.ptnr2_label_comp_id 
_pdbx_struct_conn_angle.ptnr2_label_seq_id 
_pdbx_struct_conn_angle.ptnr2_auth_atom_id 
_pdbx_struct_conn_angle.ptnr2_auth_asym_id 
_pdbx_struct_conn_angle.ptnr2_auth_comp_id 
_pdbx_struct_conn_angle.ptnr2_auth_seq_id 
_pdbx_struct_conn_angle.ptnr2_PDB_ins_code 
_pdbx_struct_conn_angle.ptnr2_symmetry 
_pdbx_struct_conn_angle.ptnr3_label_atom_id 
_pdbx_struct_conn_angle.ptnr3_label_alt_id 
_pdbx_struct_conn_angle.ptnr3_label_asym_id 
_pdbx_struct_conn_angle.ptnr3_label_comp_id 
_pdbx_struct_conn_angle.ptnr3_label_seq_id 
_pdbx_struct_conn_angle.ptnr3_auth_atom_id 
_pdbx_struct_conn_angle.ptnr3_auth_asym_id 
_pdbx_struct_conn_angle.ptnr3_auth_comp_id 
_pdbx_struct_conn_angle.ptnr3_auth_seq_id 
_pdbx_struct_conn_angle.ptnr3_PDB_ins_code 
_pdbx_struct_conn_angle.ptnr3_symmetry 
_pdbx_struct_conn_angle.value 
_pdbx_struct_conn_angle.value_esd 
1  O   ? A PRO 38  ? A PRO 38   ? 1_555  CS ? E CS . ? A CS 402 ? 1_555 N   ? A SER 40  ? A SER 40   ? 1_555  64.1  ? 
2  O   ? A PRO 38  ? A PRO 38   ? 1_555  CS ? E CS . ? A CS 402 ? 1_555 O   ? I HOH .   ? A HOH 1059 ? 1_555  60.8  ? 
3  N   ? A SER 40  ? A SER 40   ? 1_555  CS ? E CS . ? A CS 402 ? 1_555 O   ? I HOH .   ? A HOH 1059 ? 1_555  100.8 ? 
4  O   ? A PRO 38  ? A PRO 38   ? 1_555  CS ? E CS . ? A CS 402 ? 1_555 O   ? I HOH .   ? A HOH 1113 ? 1_555  42.3  ? 
5  N   ? A SER 40  ? A SER 40   ? 1_555  CS ? E CS . ? A CS 402 ? 1_555 O   ? I HOH .   ? A HOH 1113 ? 1_555  95.9  ? 
6  O   ? I HOH .   ? A HOH 1059 ? 1_555  CS ? E CS . ? A CS 402 ? 1_555 O   ? I HOH .   ? A HOH 1113 ? 1_555  77.8  ? 
7  OE1 ? A GLU 67  ? A GLU 67   ? 12_566 CS ? G CS . ? A CS 405 ? 1_555 OD2 ? A ASP 128 ? A ASP 128  ? 1_555  125.9 ? 
8  OE1 ? A GLU 67  ? A GLU 67   ? 12_566 CS ? G CS . ? A CS 405 ? 1_555 O   ? I HOH .   ? A HOH 1028 ? 1_555  61.2  ? 
9  OD2 ? A ASP 128 ? A ASP 128  ? 1_555  CS ? G CS . ? A CS 405 ? 1_555 O   ? I HOH .   ? A HOH 1028 ? 1_555  116.6 ? 
10 OE1 ? A GLU 67  ? A GLU 67   ? 12_566 CS ? G CS . ? A CS 405 ? 1_555 O   ? I HOH .   ? A HOH 1049 ? 1_555  51.6  ? 
11 OD2 ? A ASP 128 ? A ASP 128  ? 1_555  CS ? G CS . ? A CS 405 ? 1_555 O   ? I HOH .   ? A HOH 1049 ? 1_555  89.0  ? 
12 O   ? I HOH .   ? A HOH 1028 ? 1_555  CS ? G CS . ? A CS 405 ? 1_555 O   ? I HOH .   ? A HOH 1049 ? 1_555  42.5  ? 
13 OE1 ? A GLU 67  ? A GLU 67   ? 12_566 CS ? G CS . ? A CS 405 ? 1_555 O   ? I HOH .   ? A HOH 1065 ? 12_566 65.1  ? 
14 OD2 ? A ASP 128 ? A ASP 128  ? 1_555  CS ? G CS . ? A CS 405 ? 1_555 O   ? I HOH .   ? A HOH 1065 ? 12_566 102.5 ? 
15 O   ? I HOH .   ? A HOH 1028 ? 1_555  CS ? G CS . ? A CS 405 ? 1_555 O   ? I HOH .   ? A HOH 1065 ? 12_566 125.3 ? 
16 O   ? I HOH .   ? A HOH 1049 ? 1_555  CS ? G CS . ? A CS 405 ? 1_555 O   ? I HOH .   ? A HOH 1065 ? 12_566 106.8 ? 
17 OE1 ? A GLU 67  ? A GLU 67   ? 12_566 CS ? G CS . ? A CS 405 ? 1_555 O   ? I HOH .   ? A HOH 1106 ? 1_555  126.2 ? 
18 OD2 ? A ASP 128 ? A ASP 128  ? 1_555  CS ? G CS . ? A CS 405 ? 1_555 O   ? I HOH .   ? A HOH 1106 ? 1_555  54.1  ? 
19 O   ? I HOH .   ? A HOH 1028 ? 1_555  CS ? G CS . ? A CS 405 ? 1_555 O   ? I HOH .   ? A HOH 1106 ? 1_555  72.8  ? 
20 O   ? I HOH .   ? A HOH 1049 ? 1_555  CS ? G CS . ? A CS 405 ? 1_555 O   ? I HOH .   ? A HOH 1106 ? 1_555  75.9  ? 
21 O   ? I HOH .   ? A HOH 1065 ? 12_566 CS ? G CS . ? A CS 405 ? 1_555 O   ? I HOH .   ? A HOH 1106 ? 1_555  156.6 ? 
22 OE1 ? A GLU 67  ? A GLU 67   ? 12_566 CS ? G CS . ? A CS 405 ? 1_555 O   ? I HOH .   ? A HOH 1112 ? 1_555  108.2 ? 
23 OD2 ? A ASP 128 ? A ASP 128  ? 1_555  CS ? G CS . ? A CS 405 ? 1_555 O   ? I HOH .   ? A HOH 1112 ? 1_555  119.2 ? 
24 O   ? I HOH .   ? A HOH 1028 ? 1_555  CS ? G CS . ? A CS 405 ? 1_555 O   ? I HOH .   ? A HOH 1112 ? 1_555  65.5  ? 
25 O   ? I HOH .   ? A HOH 1049 ? 1_555  CS ? G CS . ? A CS 405 ? 1_555 O   ? I HOH .   ? A HOH 1112 ? 1_555  107.0 ? 
26 O   ? I HOH .   ? A HOH 1065 ? 12_566 CS ? G CS . ? A CS 405 ? 1_555 O   ? I HOH .   ? A HOH 1112 ? 1_555  125.7 ? 
27 O   ? I HOH .   ? A HOH 1106 ? 1_555  CS ? G CS . ? A CS 405 ? 1_555 O   ? I HOH .   ? A HOH 1112 ? 1_555  73.3  ? 
28 OE1 ? A GLU 67  ? A GLU 67   ? 12_566 CS ? G CS . ? A CS 405 ? 1_555 O   ? I HOH .   ? A HOH 1242 ? 1_555  142.1 ? 
29 OD2 ? A ASP 128 ? A ASP 128  ? 1_555  CS ? G CS . ? A CS 405 ? 1_555 O   ? I HOH .   ? A HOH 1242 ? 1_555  62.5  ? 
30 O   ? I HOH .   ? A HOH 1028 ? 1_555  CS ? G CS . ? A CS 405 ? 1_555 O   ? I HOH .   ? A HOH 1242 ? 1_555  154.6 ? 
31 O   ? I HOH .   ? A HOH 1049 ? 1_555  CS ? G CS . ? A CS 405 ? 1_555 O   ? I HOH .   ? A HOH 1242 ? 1_555  151.1 ? 
32 O   ? I HOH .   ? A HOH 1065 ? 12_566 CS ? G CS . ? A CS 405 ? 1_555 O   ? I HOH .   ? A HOH 1242 ? 1_555  77.1  ? 
33 O   ? I HOH .   ? A HOH 1106 ? 1_555  CS ? G CS . ? A CS 405 ? 1_555 O   ? I HOH .   ? A HOH 1242 ? 1_555  89.7  ? 
34 O   ? I HOH .   ? A HOH 1112 ? 1_555  CS ? G CS . ? A CS 405 ? 1_555 O   ? I HOH .   ? A HOH 1242 ? 1_555  92.1  ? 
35 O   ? A LEU 113 ? A LEU 113  ? 1_555  CS ? D CS . ? A CS 401 ? 1_555 O   ? A LEU 113 ? A LEU 113  ? 10_665 130.4 ? 
36 O   ? A LEU 113 ? A LEU 113  ? 1_555  CS ? D CS . ? A CS 401 ? 1_555 O   ? A ASP 114 ? A ASP 114  ? 1_555  65.3  ? 
37 O   ? A LEU 113 ? A LEU 113  ? 10_665 CS ? D CS . ? A CS 401 ? 1_555 O   ? A ASP 114 ? A ASP 114  ? 1_555  72.0  ? 
38 O   ? A LEU 113 ? A LEU 113  ? 1_555  CS ? D CS . ? A CS 401 ? 1_555 O   ? A ASP 114 ? A ASP 114  ? 10_665 75.3  ? 
39 O   ? A LEU 113 ? A LEU 113  ? 10_665 CS ? D CS . ? A CS 401 ? 1_555 O   ? A ASP 114 ? A ASP 114  ? 10_665 66.1  ? 
40 O   ? A ASP 114 ? A ASP 114  ? 1_555  CS ? D CS . ? A CS 401 ? 1_555 O   ? A ASP 114 ? A ASP 114  ? 10_665 68.1  ? 
41 O   ? A LEU 113 ? A LEU 113  ? 1_555  CS ? D CS . ? A CS 401 ? 1_555 O   ? A LEU 116 ? A LEU 116  ? 1_555  78.1  ? 
42 O   ? A LEU 113 ? A LEU 113  ? 10_665 CS ? D CS . ? A CS 401 ? 1_555 O   ? A LEU 116 ? A LEU 116  ? 1_555  128.5 ? 
43 O   ? A ASP 114 ? A ASP 114  ? 1_555  CS ? D CS . ? A CS 401 ? 1_555 O   ? A LEU 116 ? A LEU 116  ? 1_555  92.1  ? 
44 O   ? A ASP 114 ? A ASP 114  ? 10_665 CS ? D CS . ? A CS 401 ? 1_555 O   ? A LEU 116 ? A LEU 116  ? 1_555  151.7 ? 
45 O   ? A LEU 113 ? A LEU 113  ? 1_555  CS ? D CS . ? A CS 401 ? 1_555 O   ? A LEU 116 ? A LEU 116  ? 10_665 138.0 ? 
46 O   ? A LEU 113 ? A LEU 113  ? 10_665 CS ? D CS . ? A CS 401 ? 1_555 O   ? A LEU 116 ? A LEU 116  ? 10_665 78.7  ? 
47 O   ? A ASP 114 ? A ASP 114  ? 1_555  CS ? D CS . ? A CS 401 ? 1_555 O   ? A LEU 116 ? A LEU 116  ? 10_665 150.6 ? 
48 O   ? A ASP 114 ? A ASP 114  ? 10_665 CS ? D CS . ? A CS 401 ? 1_555 O   ? A LEU 116 ? A LEU 116  ? 10_665 97.5  ? 
49 O   ? A LEU 116 ? A LEU 116  ? 1_555  CS ? D CS . ? A CS 401 ? 1_555 O   ? A LEU 116 ? A LEU 116  ? 10_665 108.7 ? 
50 O   ? A LEU 113 ? A LEU 113  ? 1_555  CS ? D CS . ? A CS 401 ? 1_555 O   ? I HOH .   ? A HOH 1013 ? 1_555  86.8  ? 
51 O   ? A LEU 113 ? A LEU 113  ? 10_665 CS ? D CS . ? A CS 401 ? 1_555 O   ? I HOH .   ? A HOH 1013 ? 1_555  142.8 ? 
52 O   ? A ASP 114 ? A ASP 114  ? 1_555  CS ? D CS . ? A CS 401 ? 1_555 O   ? I HOH .   ? A HOH 1013 ? 1_555  137.3 ? 
53 O   ? A ASP 114 ? A ASP 114  ? 10_665 CS ? D CS . ? A CS 401 ? 1_555 O   ? I HOH .   ? A HOH 1013 ? 1_555  137.4 ? 
54 O   ? A LEU 116 ? A LEU 116  ? 1_555  CS ? D CS . ? A CS 401 ? 1_555 O   ? I HOH .   ? A HOH 1013 ? 1_555  49.1  ? 
55 O   ? A LEU 116 ? A LEU 116  ? 10_665 CS ? D CS . ? A CS 401 ? 1_555 O   ? I HOH .   ? A HOH 1013 ? 1_555  70.7  ? 
56 O   ? A LEU 113 ? A LEU 113  ? 1_555  CS ? D CS . ? A CS 401 ? 1_555 O   ? I HOH .   ? A HOH 1013 ? 10_665 143.1 ? 
57 O   ? A LEU 113 ? A LEU 113  ? 10_665 CS ? D CS . ? A CS 401 ? 1_555 O   ? I HOH .   ? A HOH 1013 ? 10_665 83.7  ? 
58 O   ? A ASP 114 ? A ASP 114  ? 1_555  CS ? D CS . ? A CS 401 ? 1_555 O   ? I HOH .   ? A HOH 1013 ? 10_665 127.8 ? 
59 O   ? A ASP 114 ? A ASP 114  ? 10_665 CS ? D CS . ? A CS 401 ? 1_555 O   ? I HOH .   ? A HOH 1013 ? 10_665 140.2 ? 
60 O   ? A LEU 116 ? A LEU 116  ? 1_555  CS ? D CS . ? A CS 401 ? 1_555 O   ? I HOH .   ? A HOH 1013 ? 10_665 67.9  ? 
61 O   ? A LEU 116 ? A LEU 116  ? 10_665 CS ? D CS . ? A CS 401 ? 1_555 O   ? I HOH .   ? A HOH 1013 ? 10_665 49.4  ? 
62 O   ? I HOH .   ? A HOH 1013 ? 1_555  CS ? D CS . ? A CS 401 ? 1_555 O   ? I HOH .   ? A HOH 1013 ? 10_665 60.4  ? 
63 O   ? A GLN 120 ? A GLN 120  ? 1_555  CS ? F CS . ? A CS 404 ? 1_555 O   ? A LYS 121 ? A LYS 121  ? 1_555  64.8  ? 
64 O   ? A GLN 120 ? A GLN 120  ? 1_555  CS ? F CS . ? A CS 404 ? 1_555 O   ? A GLU 135 ? A GLU 135  ? 1_555  135.7 ? 
65 O   ? A LYS 121 ? A LYS 121  ? 1_555  CS ? F CS . ? A CS 404 ? 1_555 O   ? A GLU 135 ? A GLU 135  ? 1_555  111.0 ? 
66 O   ? A GLN 120 ? A GLN 120  ? 1_555  CS ? F CS . ? A CS 404 ? 1_555 O   ? I HOH .   ? A HOH 1077 ? 1_555  43.1  ? 
67 O   ? A LYS 121 ? A LYS 121  ? 1_555  CS ? F CS . ? A CS 404 ? 1_555 O   ? I HOH .   ? A HOH 1077 ? 1_555  106.6 ? 
68 O   ? A GLU 135 ? A GLU 135  ? 1_555  CS ? F CS . ? A CS 404 ? 1_555 O   ? I HOH .   ? A HOH 1077 ? 1_555  111.1 ? 
69 O   ? A GLN 120 ? A GLN 120  ? 1_555  CS ? F CS . ? A CS 404 ? 1_555 O   ? I HOH .   ? A HOH 1146 ? 1_555  53.0  ? 
70 O   ? A LYS 121 ? A LYS 121  ? 1_555  CS ? F CS . ? A CS 404 ? 1_555 O   ? I HOH .   ? A HOH 1146 ? 1_555  73.1  ? 
71 O   ? A GLU 135 ? A GLU 135  ? 1_555  CS ? F CS . ? A CS 404 ? 1_555 O   ? I HOH .   ? A HOH 1146 ? 1_555  171.1 ? 
72 O   ? I HOH .   ? A HOH 1077 ? 1_555  CS ? F CS . ? A CS 404 ? 1_555 O   ? I HOH .   ? A HOH 1146 ? 1_555  74.2  ? 
73 O   ? A GLN 120 ? A GLN 120  ? 1_555  CS ? F CS . ? A CS 404 ? 1_555 O   ? I HOH .   ? A HOH 1178 ? 1_555  67.5  ? 
74 O   ? A LYS 121 ? A LYS 121  ? 1_555  CS ? F CS . ? A CS 404 ? 1_555 O   ? I HOH .   ? A HOH 1178 ? 1_555  94.3  ? 
75 O   ? A GLU 135 ? A GLU 135  ? 1_555  CS ? F CS . ? A CS 404 ? 1_555 O   ? I HOH .   ? A HOH 1178 ? 1_555  69.0  ? 
76 O   ? I HOH .   ? A HOH 1077 ? 1_555  CS ? F CS . ? A CS 404 ? 1_555 O   ? I HOH .   ? A HOH 1178 ? 1_555  52.3  ? 
77 O   ? I HOH .   ? A HOH 1146 ? 1_555  CS ? F CS . ? A CS 404 ? 1_555 O   ? I HOH .   ? A HOH 1178 ? 1_555  119.1 ? 
# 
loop_
_pdbx_modification_feature.ordinal 
_pdbx_modification_feature.label_comp_id 
_pdbx_modification_feature.label_asym_id 
_pdbx_modification_feature.label_seq_id 
_pdbx_modification_feature.label_alt_id 
_pdbx_modification_feature.modified_residue_label_comp_id 
_pdbx_modification_feature.modified_residue_label_asym_id 
_pdbx_modification_feature.modified_residue_label_seq_id 
_pdbx_modification_feature.modified_residue_label_alt_id 
_pdbx_modification_feature.auth_comp_id 
_pdbx_modification_feature.auth_asym_id 
_pdbx_modification_feature.auth_seq_id 
_pdbx_modification_feature.PDB_ins_code 
_pdbx_modification_feature.symmetry 
_pdbx_modification_feature.modified_residue_auth_comp_id 
_pdbx_modification_feature.modified_residue_auth_asym_id 
_pdbx_modification_feature.modified_residue_auth_seq_id 
_pdbx_modification_feature.modified_residue_PDB_ins_code 
_pdbx_modification_feature.modified_residue_symmetry 
_pdbx_modification_feature.comp_id_linking_atom 
_pdbx_modification_feature.modified_residue_id_linking_atom 
_pdbx_modification_feature.modified_residue_id 
_pdbx_modification_feature.ref_pcm_id 
_pdbx_modification_feature.ref_comp_id 
_pdbx_modification_feature.type 
_pdbx_modification_feature.category 
1 CZ2 A 12 ? .   . .  . CZ2 A 12 ? 1_555 .   . .  . .     .  .   CYS 1 CZ2 None 'Non-standard residue' 
2 CZ2 A 12 ? ARG A 94 ? CZ2 A 12 ? 1_555 ARG A 94 ? 1_555 O2 CZ  .   . .   None 'Non-standard linkage' 
3 CZ2 A 12 ? ARG A 94 ? CZ2 A 12 ? 1_555 ARG A 94 ? 1_555 O2 NH2 .   . .   None 'Non-standard linkage' 
# 
loop_
_struct_mon_prot_cis.pdbx_id 
_struct_mon_prot_cis.label_comp_id 
_struct_mon_prot_cis.label_seq_id 
_struct_mon_prot_cis.label_asym_id 
_struct_mon_prot_cis.label_alt_id 
_struct_mon_prot_cis.pdbx_PDB_ins_code 
_struct_mon_prot_cis.auth_comp_id 
_struct_mon_prot_cis.auth_seq_id 
_struct_mon_prot_cis.auth_asym_id 
_struct_mon_prot_cis.pdbx_label_comp_id_2 
_struct_mon_prot_cis.pdbx_label_seq_id_2 
_struct_mon_prot_cis.pdbx_label_asym_id_2 
_struct_mon_prot_cis.pdbx_PDB_ins_code_2 
_struct_mon_prot_cis.pdbx_auth_comp_id_2 
_struct_mon_prot_cis.pdbx_auth_seq_id_2 
_struct_mon_prot_cis.pdbx_auth_asym_id_2 
_struct_mon_prot_cis.pdbx_PDB_model_num 
_struct_mon_prot_cis.pdbx_omega_angle 
1 ARG 94  A . ? ARG 94  A PRO 95  A ? PRO 95  A 1 -7.69 
2 ARG 107 A . ? ARG 107 A PRO 108 A ? PRO 108 A 1 1.10  
# 
loop_
_struct_sheet.id 
_struct_sheet.type 
_struct_sheet.number_strands 
_struct_sheet.details 
A ? 4 ? 
B ? 2 ? 
# 
loop_
_struct_sheet_order.sheet_id 
_struct_sheet_order.range_id_1 
_struct_sheet_order.range_id_2 
_struct_sheet_order.offset 
_struct_sheet_order.sense 
A 1 2 ? parallel      
A 2 3 ? anti-parallel 
A 3 4 ? anti-parallel 
B 1 2 ? anti-parallel 
# 
loop_
_struct_sheet_range.sheet_id 
_struct_sheet_range.id 
_struct_sheet_range.beg_label_comp_id 
_struct_sheet_range.beg_label_asym_id 
_struct_sheet_range.beg_label_seq_id 
_struct_sheet_range.pdbx_beg_PDB_ins_code 
_struct_sheet_range.end_label_comp_id 
_struct_sheet_range.end_label_asym_id 
_struct_sheet_range.end_label_seq_id 
_struct_sheet_range.pdbx_end_PDB_ins_code 
_struct_sheet_range.beg_auth_comp_id 
_struct_sheet_range.beg_auth_asym_id 
_struct_sheet_range.beg_auth_seq_id 
_struct_sheet_range.end_auth_comp_id 
_struct_sheet_range.end_auth_asym_id 
_struct_sheet_range.end_auth_seq_id 
A 1 THR A 30  ? ILE A 32  ? THR A 30  ILE A 32  
A 2 THR A 5   ? TYR A 7   ? THR A 5   TYR A 7   
A 3 ILE A 96  ? THR A 99  ? ILE A 96  THR A 99  
A 4 GLY A 102 ? LEU A 105 ? GLY A 102 LEU A 105 
B 1 PHE A 124 ? THR A 125 ? PHE A 124 THR A 125 
B 2 LYS A 131 ? VAL A 133 ? LYS A 131 VAL A 133 
# 
loop_
_pdbx_struct_sheet_hbond.sheet_id 
_pdbx_struct_sheet_hbond.range_id_1 
_pdbx_struct_sheet_hbond.range_id_2 
_pdbx_struct_sheet_hbond.range_1_label_atom_id 
_pdbx_struct_sheet_hbond.range_1_label_comp_id 
_pdbx_struct_sheet_hbond.range_1_label_asym_id 
_pdbx_struct_sheet_hbond.range_1_label_seq_id 
_pdbx_struct_sheet_hbond.range_1_PDB_ins_code 
_pdbx_struct_sheet_hbond.range_1_auth_atom_id 
_pdbx_struct_sheet_hbond.range_1_auth_comp_id 
_pdbx_struct_sheet_hbond.range_1_auth_asym_id 
_pdbx_struct_sheet_hbond.range_1_auth_seq_id 
_pdbx_struct_sheet_hbond.range_2_label_atom_id 
_pdbx_struct_sheet_hbond.range_2_label_comp_id 
_pdbx_struct_sheet_hbond.range_2_label_asym_id 
_pdbx_struct_sheet_hbond.range_2_label_seq_id 
_pdbx_struct_sheet_hbond.range_2_PDB_ins_code 
_pdbx_struct_sheet_hbond.range_2_auth_atom_id 
_pdbx_struct_sheet_hbond.range_2_auth_comp_id 
_pdbx_struct_sheet_hbond.range_2_auth_asym_id 
_pdbx_struct_sheet_hbond.range_2_auth_seq_id 
A 1 2 N ILE A 32  ? N ILE A 32  O ILE A 6   ? O ILE A 6   
A 2 3 N TYR A 7   ? N TYR A 7   O ILE A 96  ? O ILE A 96  
A 3 4 N THR A 99  ? N THR A 99  O GLY A 102 ? O GLY A 102 
B 1 2 O PHE A 124 ? O PHE A 124 N VAL A 132 ? N VAL A 132 
# 
loop_
_struct_site.id 
_struct_site.pdbx_evidence_code 
_struct_site.pdbx_auth_asym_id 
_struct_site.pdbx_auth_comp_id 
_struct_site.pdbx_auth_seq_id 
_struct_site.pdbx_auth_ins_code 
_struct_site.pdbx_num_residues 
_struct_site.details 
AC1 Software A SO4 202 ? 5 'BINDING SITE FOR RESIDUE SO4 A 202' 
AC2 Software A SO4 203 ? 9 'BINDING SITE FOR RESIDUE SO4 A 203' 
AC3 Software A CS  401 ? 6 'BINDING SITE FOR RESIDUE CS A 401'  
AC4 Software A CS  402 ? 2 'BINDING SITE FOR RESIDUE CS A 402'  
AC5 Software A CS  404 ? 3 'BINDING SITE FOR RESIDUE CS A 404'  
AC6 Software A CS  405 ? 2 'BINDING SITE FOR RESIDUE CS A 405'  
AC7 Software A TAS 201 ? 7 'BINDING SITE FOR RESIDUE TAS A 201' 
# 
loop_
_struct_site_gen.id 
_struct_site_gen.site_id 
_struct_site_gen.pdbx_num_res 
_struct_site_gen.label_comp_id 
_struct_site_gen.label_asym_id 
_struct_site_gen.label_seq_id 
_struct_site_gen.pdbx_auth_ins_code 
_struct_site_gen.auth_comp_id 
_struct_site_gen.auth_asym_id 
_struct_site_gen.auth_seq_id 
_struct_site_gen.label_atom_id 
_struct_site_gen.label_alt_id 
_struct_site_gen.symmetry 
_struct_site_gen.details 
1  AC1 5 ASN A 93  ? ASN A 93   . ? 1_555  ? 
2  AC1 5 ARG A 107 ? ARG A 107  . ? 1_555  ? 
3  AC1 5 HOH I .   ? HOH A 1084 . ? 1_555  ? 
4  AC1 5 HOH I .   ? HOH A 1128 . ? 1_555  ? 
5  AC1 5 HOH I .   ? HOH A 1270 . ? 1_555  ? 
6  AC2 9 THR A 14  ? THR A 14   . ? 1_555  ? 
7  AC2 9 ASN A 17  ? ASN A 17   . ? 1_555  ? 
8  AC2 9 PRO A 108 ? PRO A 108  . ? 1_555  ? 
9  AC2 9 SER A 109 ? SER A 109  . ? 1_555  ? 
10 AC2 9 LYS A 126 ? LYS A 126  . ? 1_555  ? 
11 AC2 9 HOH I .   ? HOH A 1028 . ? 1_555  ? 
12 AC2 9 HOH I .   ? HOH A 1106 . ? 1_555  ? 
13 AC2 9 HOH I .   ? HOH A 1112 . ? 1_555  ? 
14 AC2 9 HOH I .   ? HOH A 1167 . ? 1_555  ? 
15 AC3 6 LEU A 113 ? LEU A 113  . ? 10_665 ? 
16 AC3 6 LEU A 113 ? LEU A 113  . ? 1_555  ? 
17 AC3 6 ASP A 114 ? ASP A 114  . ? 1_555  ? 
18 AC3 6 ASP A 114 ? ASP A 114  . ? 10_665 ? 
19 AC3 6 LEU A 116 ? LEU A 116  . ? 1_555  ? 
20 AC3 6 LEU A 116 ? LEU A 116  . ? 10_665 ? 
21 AC4 2 PRO A 38  ? PRO A 38   . ? 1_555  ? 
22 AC4 2 GLU A 43  ? GLU A 43   . ? 1_555  ? 
23 AC5 3 GLU A 135 ? GLU A 135  . ? 1_555  ? 
24 AC5 3 HOH I .   ? HOH A 1146 . ? 1_555  ? 
25 AC5 3 HOH I .   ? HOH A 1178 . ? 1_555  ? 
26 AC6 2 GLU A 67  ? GLU A 67   . ? 12_566 ? 
27 AC6 2 ASP A 128 ? ASP A 128  . ? 1_555  ? 
28 AC7 7 CZ2 A 12  ? CZ2 A 12   . ? 1_555  ? 
29 AC7 7 GLY A 13  ? GLY A 13   . ? 1_555  ? 
30 AC7 7 THR A 14  ? THR A 14   . ? 1_555  ? 
31 AC7 7 ASN A 62  ? ASN A 62   . ? 12_566 ? 
32 AC7 7 GLU A 67  ? GLU A 67   . ? 12_566 ? 
33 AC7 7 HOH I .   ? HOH A 1028 . ? 1_555  ? 
34 AC7 7 HOH I .   ? HOH A 1096 . ? 1_555  ? 
# 
_pdbx_entry_details.entry_id                   1SK0 
_pdbx_entry_details.compound_details           ? 
_pdbx_entry_details.source_details             ? 
_pdbx_entry_details.nonpolymer_details         ? 
_pdbx_entry_details.sequence_details           ? 
_pdbx_entry_details.has_ligand_of_interest     ? 
_pdbx_entry_details.has_protein_modification   Y 
# 
loop_
_pdbx_validate_rmsd_angle.id 
_pdbx_validate_rmsd_angle.PDB_model_num 
_pdbx_validate_rmsd_angle.auth_atom_id_1 
_pdbx_validate_rmsd_angle.auth_asym_id_1 
_pdbx_validate_rmsd_angle.auth_comp_id_1 
_pdbx_validate_rmsd_angle.auth_seq_id_1 
_pdbx_validate_rmsd_angle.PDB_ins_code_1 
_pdbx_validate_rmsd_angle.label_alt_id_1 
_pdbx_validate_rmsd_angle.auth_atom_id_2 
_pdbx_validate_rmsd_angle.auth_asym_id_2 
_pdbx_validate_rmsd_angle.auth_comp_id_2 
_pdbx_validate_rmsd_angle.auth_seq_id_2 
_pdbx_validate_rmsd_angle.PDB_ins_code_2 
_pdbx_validate_rmsd_angle.label_alt_id_2 
_pdbx_validate_rmsd_angle.auth_atom_id_3 
_pdbx_validate_rmsd_angle.auth_asym_id_3 
_pdbx_validate_rmsd_angle.auth_comp_id_3 
_pdbx_validate_rmsd_angle.auth_seq_id_3 
_pdbx_validate_rmsd_angle.PDB_ins_code_3 
_pdbx_validate_rmsd_angle.label_alt_id_3 
_pdbx_validate_rmsd_angle.angle_value 
_pdbx_validate_rmsd_angle.angle_target_value 
_pdbx_validate_rmsd_angle.angle_deviation 
_pdbx_validate_rmsd_angle.angle_standard_deviation 
_pdbx_validate_rmsd_angle.linker_flag 
1 1 NE A ARG 23  ? ? CZ A ARG 23  ? ? NH2 A ARG 23  ? ? 116.93 120.30 -3.37 0.50 N 
2 1 CB A ASP 114 ? ? CG A ASP 114 ? ? OD2 A ASP 114 ? ? 124.05 118.30 5.75  0.90 N 
# 
_pdbx_struct_mod_residue.id               1 
_pdbx_struct_mod_residue.label_asym_id    A 
_pdbx_struct_mod_residue.label_comp_id    CZ2 
_pdbx_struct_mod_residue.label_seq_id     12 
_pdbx_struct_mod_residue.auth_asym_id     A 
_pdbx_struct_mod_residue.auth_comp_id     CZ2 
_pdbx_struct_mod_residue.auth_seq_id      12 
_pdbx_struct_mod_residue.PDB_ins_code     ? 
_pdbx_struct_mod_residue.parent_comp_id   CYS 
_pdbx_struct_mod_residue.details          'S-(DIHYDROXYARSINO)CYSTEINE' 
# 
loop_
_pdbx_struct_special_symmetry.id 
_pdbx_struct_special_symmetry.PDB_model_num 
_pdbx_struct_special_symmetry.auth_asym_id 
_pdbx_struct_special_symmetry.auth_comp_id 
_pdbx_struct_special_symmetry.auth_seq_id 
_pdbx_struct_special_symmetry.PDB_ins_code 
_pdbx_struct_special_symmetry.label_asym_id 
_pdbx_struct_special_symmetry.label_comp_id 
_pdbx_struct_special_symmetry.label_seq_id 
1 1 A CS  401  ? D CS  . 
2 1 A HOH 1250 ? I HOH . 
# 
loop_
_pdbx_unobs_or_zero_occ_residues.id 
_pdbx_unobs_or_zero_occ_residues.PDB_model_num 
_pdbx_unobs_or_zero_occ_residues.polymer_flag 
_pdbx_unobs_or_zero_occ_residues.occupancy_flag 
_pdbx_unobs_or_zero_occ_residues.auth_asym_id 
_pdbx_unobs_or_zero_occ_residues.auth_comp_id 
_pdbx_unobs_or_zero_occ_residues.auth_seq_id 
_pdbx_unobs_or_zero_occ_residues.PDB_ins_code 
_pdbx_unobs_or_zero_occ_residues.label_asym_id 
_pdbx_unobs_or_zero_occ_residues.label_comp_id 
_pdbx_unobs_or_zero_occ_residues.label_seq_id 
1 1 Y 1 A MET 1 ? A MET 1 
2 1 Y 1 A SER 2 ? A SER 2 
# 
loop_
_chem_comp_atom.comp_id 
_chem_comp_atom.atom_id 
_chem_comp_atom.type_symbol 
_chem_comp_atom.pdbx_aromatic_flag 
_chem_comp_atom.pdbx_stereo_config 
_chem_comp_atom.pdbx_ordinal 
ALA N    N  N N 1   
ALA CA   C  N S 2   
ALA C    C  N N 3   
ALA O    O  N N 4   
ALA CB   C  N N 5   
ALA OXT  O  N N 6   
ALA H    H  N N 7   
ALA H2   H  N N 8   
ALA HA   H  N N 9   
ALA HB1  H  N N 10  
ALA HB2  H  N N 11  
ALA HB3  H  N N 12  
ALA HXT  H  N N 13  
ARG N    N  N N 14  
ARG CA   C  N S 15  
ARG C    C  N N 16  
ARG O    O  N N 17  
ARG CB   C  N N 18  
ARG CG   C  N N 19  
ARG CD   C  N N 20  
ARG NE   N  N N 21  
ARG CZ   C  N N 22  
ARG NH1  N  N N 23  
ARG NH2  N  N N 24  
ARG OXT  O  N N 25  
ARG H    H  N N 26  
ARG H2   H  N N 27  
ARG HA   H  N N 28  
ARG HB2  H  N N 29  
ARG HB3  H  N N 30  
ARG HG2  H  N N 31  
ARG HG3  H  N N 32  
ARG HD2  H  N N 33  
ARG HD3  H  N N 34  
ARG HE   H  N N 35  
ARG HH11 H  N N 36  
ARG HH12 H  N N 37  
ARG HH21 H  N N 38  
ARG HH22 H  N N 39  
ARG HXT  H  N N 40  
ASN N    N  N N 41  
ASN CA   C  N S 42  
ASN C    C  N N 43  
ASN O    O  N N 44  
ASN CB   C  N N 45  
ASN CG   C  N N 46  
ASN OD1  O  N N 47  
ASN ND2  N  N N 48  
ASN OXT  O  N N 49  
ASN H    H  N N 50  
ASN H2   H  N N 51  
ASN HA   H  N N 52  
ASN HB2  H  N N 53  
ASN HB3  H  N N 54  
ASN HD21 H  N N 55  
ASN HD22 H  N N 56  
ASN HXT  H  N N 57  
ASP N    N  N N 58  
ASP CA   C  N S 59  
ASP C    C  N N 60  
ASP O    O  N N 61  
ASP CB   C  N N 62  
ASP CG   C  N N 63  
ASP OD1  O  N N 64  
ASP OD2  O  N N 65  
ASP OXT  O  N N 66  
ASP H    H  N N 67  
ASP H2   H  N N 68  
ASP HA   H  N N 69  
ASP HB2  H  N N 70  
ASP HB3  H  N N 71  
ASP HD2  H  N N 72  
ASP HXT  H  N N 73  
CS  CS   CS N N 74  
CYS N    N  N N 75  
CYS CA   C  N R 76  
CYS C    C  N N 77  
CYS O    O  N N 78  
CYS CB   C  N N 79  
CYS SG   S  N N 80  
CYS OXT  O  N N 81  
CYS H    H  N N 82  
CYS H2   H  N N 83  
CYS HA   H  N N 84  
CYS HB2  H  N N 85  
CYS HB3  H  N N 86  
CYS HG   H  N N 87  
CYS HXT  H  N N 88  
CZ2 N    N  N N 89  
CZ2 CA   C  N R 90  
CZ2 CB   C  N N 91  
CZ2 SG   S  N N 92  
CZ2 C    C  N N 93  
CZ2 O    O  N N 94  
CZ2 AS   AS N N 95  
CZ2 O1   O  N N 96  
CZ2 O2   O  N N 97  
CZ2 OXT  O  N N 98  
CZ2 H2   H  N N 99  
CZ2 H    H  N N 100 
CZ2 HA   H  N N 101 
CZ2 HB2  H  N N 102 
CZ2 HB3  H  N N 103 
CZ2 HO1  H  N N 104 
CZ2 HO2  H  N N 105 
CZ2 HXT  H  N N 106 
GLN N    N  N N 107 
GLN CA   C  N S 108 
GLN C    C  N N 109 
GLN O    O  N N 110 
GLN CB   C  N N 111 
GLN CG   C  N N 112 
GLN CD   C  N N 113 
GLN OE1  O  N N 114 
GLN NE2  N  N N 115 
GLN OXT  O  N N 116 
GLN H    H  N N 117 
GLN H2   H  N N 118 
GLN HA   H  N N 119 
GLN HB2  H  N N 120 
GLN HB3  H  N N 121 
GLN HG2  H  N N 122 
GLN HG3  H  N N 123 
GLN HE21 H  N N 124 
GLN HE22 H  N N 125 
GLN HXT  H  N N 126 
GLU N    N  N N 127 
GLU CA   C  N S 128 
GLU C    C  N N 129 
GLU O    O  N N 130 
GLU CB   C  N N 131 
GLU CG   C  N N 132 
GLU CD   C  N N 133 
GLU OE1  O  N N 134 
GLU OE2  O  N N 135 
GLU OXT  O  N N 136 
GLU H    H  N N 137 
GLU H2   H  N N 138 
GLU HA   H  N N 139 
GLU HB2  H  N N 140 
GLU HB3  H  N N 141 
GLU HG2  H  N N 142 
GLU HG3  H  N N 143 
GLU HE2  H  N N 144 
GLU HXT  H  N N 145 
GLY N    N  N N 146 
GLY CA   C  N N 147 
GLY C    C  N N 148 
GLY O    O  N N 149 
GLY OXT  O  N N 150 
GLY H    H  N N 151 
GLY H2   H  N N 152 
GLY HA2  H  N N 153 
GLY HA3  H  N N 154 
GLY HXT  H  N N 155 
HIS N    N  N N 156 
HIS CA   C  N S 157 
HIS C    C  N N 158 
HIS O    O  N N 159 
HIS CB   C  N N 160 
HIS CG   C  Y N 161 
HIS ND1  N  Y N 162 
HIS CD2  C  Y N 163 
HIS CE1  C  Y N 164 
HIS NE2  N  Y N 165 
HIS OXT  O  N N 166 
HIS H    H  N N 167 
HIS H2   H  N N 168 
HIS HA   H  N N 169 
HIS HB2  H  N N 170 
HIS HB3  H  N N 171 
HIS HD1  H  N N 172 
HIS HD2  H  N N 173 
HIS HE1  H  N N 174 
HIS HE2  H  N N 175 
HIS HXT  H  N N 176 
HOH O    O  N N 177 
HOH H1   H  N N 178 
HOH H2   H  N N 179 
ILE N    N  N N 180 
ILE CA   C  N S 181 
ILE C    C  N N 182 
ILE O    O  N N 183 
ILE CB   C  N S 184 
ILE CG1  C  N N 185 
ILE CG2  C  N N 186 
ILE CD1  C  N N 187 
ILE OXT  O  N N 188 
ILE H    H  N N 189 
ILE H2   H  N N 190 
ILE HA   H  N N 191 
ILE HB   H  N N 192 
ILE HG12 H  N N 193 
ILE HG13 H  N N 194 
ILE HG21 H  N N 195 
ILE HG22 H  N N 196 
ILE HG23 H  N N 197 
ILE HD11 H  N N 198 
ILE HD12 H  N N 199 
ILE HD13 H  N N 200 
ILE HXT  H  N N 201 
LEU N    N  N N 202 
LEU CA   C  N S 203 
LEU C    C  N N 204 
LEU O    O  N N 205 
LEU CB   C  N N 206 
LEU CG   C  N N 207 
LEU CD1  C  N N 208 
LEU CD2  C  N N 209 
LEU OXT  O  N N 210 
LEU H    H  N N 211 
LEU H2   H  N N 212 
LEU HA   H  N N 213 
LEU HB2  H  N N 214 
LEU HB3  H  N N 215 
LEU HG   H  N N 216 
LEU HD11 H  N N 217 
LEU HD12 H  N N 218 
LEU HD13 H  N N 219 
LEU HD21 H  N N 220 
LEU HD22 H  N N 221 
LEU HD23 H  N N 222 
LEU HXT  H  N N 223 
LYS N    N  N N 224 
LYS CA   C  N S 225 
LYS C    C  N N 226 
LYS O    O  N N 227 
LYS CB   C  N N 228 
LYS CG   C  N N 229 
LYS CD   C  N N 230 
LYS CE   C  N N 231 
LYS NZ   N  N N 232 
LYS OXT  O  N N 233 
LYS H    H  N N 234 
LYS H2   H  N N 235 
LYS HA   H  N N 236 
LYS HB2  H  N N 237 
LYS HB3  H  N N 238 
LYS HG2  H  N N 239 
LYS HG3  H  N N 240 
LYS HD2  H  N N 241 
LYS HD3  H  N N 242 
LYS HE2  H  N N 243 
LYS HE3  H  N N 244 
LYS HZ1  H  N N 245 
LYS HZ2  H  N N 246 
LYS HZ3  H  N N 247 
LYS HXT  H  N N 248 
MET N    N  N N 249 
MET CA   C  N S 250 
MET C    C  N N 251 
MET O    O  N N 252 
MET CB   C  N N 253 
MET CG   C  N N 254 
MET SD   S  N N 255 
MET CE   C  N N 256 
MET OXT  O  N N 257 
MET H    H  N N 258 
MET H2   H  N N 259 
MET HA   H  N N 260 
MET HB2  H  N N 261 
MET HB3  H  N N 262 
MET HG2  H  N N 263 
MET HG3  H  N N 264 
MET HE1  H  N N 265 
MET HE2  H  N N 266 
MET HE3  H  N N 267 
MET HXT  H  N N 268 
PHE N    N  N N 269 
PHE CA   C  N S 270 
PHE C    C  N N 271 
PHE O    O  N N 272 
PHE CB   C  N N 273 
PHE CG   C  Y N 274 
PHE CD1  C  Y N 275 
PHE CD2  C  Y N 276 
PHE CE1  C  Y N 277 
PHE CE2  C  Y N 278 
PHE CZ   C  Y N 279 
PHE OXT  O  N N 280 
PHE H    H  N N 281 
PHE H2   H  N N 282 
PHE HA   H  N N 283 
PHE HB2  H  N N 284 
PHE HB3  H  N N 285 
PHE HD1  H  N N 286 
PHE HD2  H  N N 287 
PHE HE1  H  N N 288 
PHE HE2  H  N N 289 
PHE HZ   H  N N 290 
PHE HXT  H  N N 291 
PRO N    N  N N 292 
PRO CA   C  N S 293 
PRO C    C  N N 294 
PRO O    O  N N 295 
PRO CB   C  N N 296 
PRO CG   C  N N 297 
PRO CD   C  N N 298 
PRO OXT  O  N N 299 
PRO H    H  N N 300 
PRO HA   H  N N 301 
PRO HB2  H  N N 302 
PRO HB3  H  N N 303 
PRO HG2  H  N N 304 
PRO HG3  H  N N 305 
PRO HD2  H  N N 306 
PRO HD3  H  N N 307 
PRO HXT  H  N N 308 
SER N    N  N N 309 
SER CA   C  N S 310 
SER C    C  N N 311 
SER O    O  N N 312 
SER CB   C  N N 313 
SER OG   O  N N 314 
SER OXT  O  N N 315 
SER H    H  N N 316 
SER H2   H  N N 317 
SER HA   H  N N 318 
SER HB2  H  N N 319 
SER HB3  H  N N 320 
SER HG   H  N N 321 
SER HXT  H  N N 322 
SO4 S    S  N N 323 
SO4 O1   O  N N 324 
SO4 O2   O  N N 325 
SO4 O3   O  N N 326 
SO4 O4   O  N N 327 
TAS AS   AS N N 328 
TAS O1   O  N N 329 
TAS O2   O  N N 330 
TAS O3   O  N N 331 
TAS H11  H  N N 332 
TAS H21  H  N N 333 
TAS H31  H  N N 334 
THR N    N  N N 335 
THR CA   C  N S 336 
THR C    C  N N 337 
THR O    O  N N 338 
THR CB   C  N R 339 
THR OG1  O  N N 340 
THR CG2  C  N N 341 
THR OXT  O  N N 342 
THR H    H  N N 343 
THR H2   H  N N 344 
THR HA   H  N N 345 
THR HB   H  N N 346 
THR HG1  H  N N 347 
THR HG21 H  N N 348 
THR HG22 H  N N 349 
THR HG23 H  N N 350 
THR HXT  H  N N 351 
TYR N    N  N N 352 
TYR CA   C  N S 353 
TYR C    C  N N 354 
TYR O    O  N N 355 
TYR CB   C  N N 356 
TYR CG   C  Y N 357 
TYR CD1  C  Y N 358 
TYR CD2  C  Y N 359 
TYR CE1  C  Y N 360 
TYR CE2  C  Y N 361 
TYR CZ   C  Y N 362 
TYR OH   O  N N 363 
TYR OXT  O  N N 364 
TYR H    H  N N 365 
TYR H2   H  N N 366 
TYR HA   H  N N 367 
TYR HB2  H  N N 368 
TYR HB3  H  N N 369 
TYR HD1  H  N N 370 
TYR HD2  H  N N 371 
TYR HE1  H  N N 372 
TYR HE2  H  N N 373 
TYR HH   H  N N 374 
TYR HXT  H  N N 375 
VAL N    N  N N 376 
VAL CA   C  N S 377 
VAL C    C  N N 378 
VAL O    O  N N 379 
VAL CB   C  N N 380 
VAL CG1  C  N N 381 
VAL CG2  C  N N 382 
VAL OXT  O  N N 383 
VAL H    H  N N 384 
VAL H2   H  N N 385 
VAL HA   H  N N 386 
VAL HB   H  N N 387 
VAL HG11 H  N N 388 
VAL HG12 H  N N 389 
VAL HG13 H  N N 390 
VAL HG21 H  N N 391 
VAL HG22 H  N N 392 
VAL HG23 H  N N 393 
VAL HXT  H  N N 394 
# 
loop_
_chem_comp_bond.comp_id 
_chem_comp_bond.atom_id_1 
_chem_comp_bond.atom_id_2 
_chem_comp_bond.value_order 
_chem_comp_bond.pdbx_aromatic_flag 
_chem_comp_bond.pdbx_stereo_config 
_chem_comp_bond.pdbx_ordinal 
ALA N   CA   sing N N 1   
ALA N   H    sing N N 2   
ALA N   H2   sing N N 3   
ALA CA  C    sing N N 4   
ALA CA  CB   sing N N 5   
ALA CA  HA   sing N N 6   
ALA C   O    doub N N 7   
ALA C   OXT  sing N N 8   
ALA CB  HB1  sing N N 9   
ALA CB  HB2  sing N N 10  
ALA CB  HB3  sing N N 11  
ALA OXT HXT  sing N N 12  
ARG N   CA   sing N N 13  
ARG N   H    sing N N 14  
ARG N   H2   sing N N 15  
ARG CA  C    sing N N 16  
ARG CA  CB   sing N N 17  
ARG CA  HA   sing N N 18  
ARG C   O    doub N N 19  
ARG C   OXT  sing N N 20  
ARG CB  CG   sing N N 21  
ARG CB  HB2  sing N N 22  
ARG CB  HB3  sing N N 23  
ARG CG  CD   sing N N 24  
ARG CG  HG2  sing N N 25  
ARG CG  HG3  sing N N 26  
ARG CD  NE   sing N N 27  
ARG CD  HD2  sing N N 28  
ARG CD  HD3  sing N N 29  
ARG NE  CZ   sing N N 30  
ARG NE  HE   sing N N 31  
ARG CZ  NH1  sing N N 32  
ARG CZ  NH2  doub N N 33  
ARG NH1 HH11 sing N N 34  
ARG NH1 HH12 sing N N 35  
ARG NH2 HH21 sing N N 36  
ARG NH2 HH22 sing N N 37  
ARG OXT HXT  sing N N 38  
ASN N   CA   sing N N 39  
ASN N   H    sing N N 40  
ASN N   H2   sing N N 41  
ASN CA  C    sing N N 42  
ASN CA  CB   sing N N 43  
ASN CA  HA   sing N N 44  
ASN C   O    doub N N 45  
ASN C   OXT  sing N N 46  
ASN CB  CG   sing N N 47  
ASN CB  HB2  sing N N 48  
ASN CB  HB3  sing N N 49  
ASN CG  OD1  doub N N 50  
ASN CG  ND2  sing N N 51  
ASN ND2 HD21 sing N N 52  
ASN ND2 HD22 sing N N 53  
ASN OXT HXT  sing N N 54  
ASP N   CA   sing N N 55  
ASP N   H    sing N N 56  
ASP N   H2   sing N N 57  
ASP CA  C    sing N N 58  
ASP CA  CB   sing N N 59  
ASP CA  HA   sing N N 60  
ASP C   O    doub N N 61  
ASP C   OXT  sing N N 62  
ASP CB  CG   sing N N 63  
ASP CB  HB2  sing N N 64  
ASP CB  HB3  sing N N 65  
ASP CG  OD1  doub N N 66  
ASP CG  OD2  sing N N 67  
ASP OD2 HD2  sing N N 68  
ASP OXT HXT  sing N N 69  
CYS N   CA   sing N N 70  
CYS N   H    sing N N 71  
CYS N   H2   sing N N 72  
CYS CA  C    sing N N 73  
CYS CA  CB   sing N N 74  
CYS CA  HA   sing N N 75  
CYS C   O    doub N N 76  
CYS C   OXT  sing N N 77  
CYS CB  SG   sing N N 78  
CYS CB  HB2  sing N N 79  
CYS CB  HB3  sing N N 80  
CYS SG  HG   sing N N 81  
CYS OXT HXT  sing N N 82  
CZ2 N   CA   sing N N 83  
CZ2 N   H2   sing N N 84  
CZ2 N   H    sing N N 85  
CZ2 CA  CB   sing N N 86  
CZ2 CA  C    sing N N 87  
CZ2 CA  HA   sing N N 88  
CZ2 CB  SG   sing N N 89  
CZ2 CB  HB2  sing N N 90  
CZ2 CB  HB3  sing N N 91  
CZ2 SG  AS   sing N N 92  
CZ2 C   O    doub N N 93  
CZ2 C   OXT  sing N N 94  
CZ2 AS  O1   sing N N 95  
CZ2 AS  O2   sing N N 96  
CZ2 O1  HO1  sing N N 97  
CZ2 O2  HO2  sing N N 98  
CZ2 OXT HXT  sing N N 99  
GLN N   CA   sing N N 100 
GLN N   H    sing N N 101 
GLN N   H2   sing N N 102 
GLN CA  C    sing N N 103 
GLN CA  CB   sing N N 104 
GLN CA  HA   sing N N 105 
GLN C   O    doub N N 106 
GLN C   OXT  sing N N 107 
GLN CB  CG   sing N N 108 
GLN CB  HB2  sing N N 109 
GLN CB  HB3  sing N N 110 
GLN CG  CD   sing N N 111 
GLN CG  HG2  sing N N 112 
GLN CG  HG3  sing N N 113 
GLN CD  OE1  doub N N 114 
GLN CD  NE2  sing N N 115 
GLN NE2 HE21 sing N N 116 
GLN NE2 HE22 sing N N 117 
GLN OXT HXT  sing N N 118 
GLU N   CA   sing N N 119 
GLU N   H    sing N N 120 
GLU N   H2   sing N N 121 
GLU CA  C    sing N N 122 
GLU CA  CB   sing N N 123 
GLU CA  HA   sing N N 124 
GLU C   O    doub N N 125 
GLU C   OXT  sing N N 126 
GLU CB  CG   sing N N 127 
GLU CB  HB2  sing N N 128 
GLU CB  HB3  sing N N 129 
GLU CG  CD   sing N N 130 
GLU CG  HG2  sing N N 131 
GLU CG  HG3  sing N N 132 
GLU CD  OE1  doub N N 133 
GLU CD  OE2  sing N N 134 
GLU OE2 HE2  sing N N 135 
GLU OXT HXT  sing N N 136 
GLY N   CA   sing N N 137 
GLY N   H    sing N N 138 
GLY N   H2   sing N N 139 
GLY CA  C    sing N N 140 
GLY CA  HA2  sing N N 141 
GLY CA  HA3  sing N N 142 
GLY C   O    doub N N 143 
GLY C   OXT  sing N N 144 
GLY OXT HXT  sing N N 145 
HIS N   CA   sing N N 146 
HIS N   H    sing N N 147 
HIS N   H2   sing N N 148 
HIS CA  C    sing N N 149 
HIS CA  CB   sing N N 150 
HIS CA  HA   sing N N 151 
HIS C   O    doub N N 152 
HIS C   OXT  sing N N 153 
HIS CB  CG   sing N N 154 
HIS CB  HB2  sing N N 155 
HIS CB  HB3  sing N N 156 
HIS CG  ND1  sing Y N 157 
HIS CG  CD2  doub Y N 158 
HIS ND1 CE1  doub Y N 159 
HIS ND1 HD1  sing N N 160 
HIS CD2 NE2  sing Y N 161 
HIS CD2 HD2  sing N N 162 
HIS CE1 NE2  sing Y N 163 
HIS CE1 HE1  sing N N 164 
HIS NE2 HE2  sing N N 165 
HIS OXT HXT  sing N N 166 
HOH O   H1   sing N N 167 
HOH O   H2   sing N N 168 
ILE N   CA   sing N N 169 
ILE N   H    sing N N 170 
ILE N   H2   sing N N 171 
ILE CA  C    sing N N 172 
ILE CA  CB   sing N N 173 
ILE CA  HA   sing N N 174 
ILE C   O    doub N N 175 
ILE C   OXT  sing N N 176 
ILE CB  CG1  sing N N 177 
ILE CB  CG2  sing N N 178 
ILE CB  HB   sing N N 179 
ILE CG1 CD1  sing N N 180 
ILE CG1 HG12 sing N N 181 
ILE CG1 HG13 sing N N 182 
ILE CG2 HG21 sing N N 183 
ILE CG2 HG22 sing N N 184 
ILE CG2 HG23 sing N N 185 
ILE CD1 HD11 sing N N 186 
ILE CD1 HD12 sing N N 187 
ILE CD1 HD13 sing N N 188 
ILE OXT HXT  sing N N 189 
LEU N   CA   sing N N 190 
LEU N   H    sing N N 191 
LEU N   H2   sing N N 192 
LEU CA  C    sing N N 193 
LEU CA  CB   sing N N 194 
LEU CA  HA   sing N N 195 
LEU C   O    doub N N 196 
LEU C   OXT  sing N N 197 
LEU CB  CG   sing N N 198 
LEU CB  HB2  sing N N 199 
LEU CB  HB3  sing N N 200 
LEU CG  CD1  sing N N 201 
LEU CG  CD2  sing N N 202 
LEU CG  HG   sing N N 203 
LEU CD1 HD11 sing N N 204 
LEU CD1 HD12 sing N N 205 
LEU CD1 HD13 sing N N 206 
LEU CD2 HD21 sing N N 207 
LEU CD2 HD22 sing N N 208 
LEU CD2 HD23 sing N N 209 
LEU OXT HXT  sing N N 210 
LYS N   CA   sing N N 211 
LYS N   H    sing N N 212 
LYS N   H2   sing N N 213 
LYS CA  C    sing N N 214 
LYS CA  CB   sing N N 215 
LYS CA  HA   sing N N 216 
LYS C   O    doub N N 217 
LYS C   OXT  sing N N 218 
LYS CB  CG   sing N N 219 
LYS CB  HB2  sing N N 220 
LYS CB  HB3  sing N N 221 
LYS CG  CD   sing N N 222 
LYS CG  HG2  sing N N 223 
LYS CG  HG3  sing N N 224 
LYS CD  CE   sing N N 225 
LYS CD  HD2  sing N N 226 
LYS CD  HD3  sing N N 227 
LYS CE  NZ   sing N N 228 
LYS CE  HE2  sing N N 229 
LYS CE  HE3  sing N N 230 
LYS NZ  HZ1  sing N N 231 
LYS NZ  HZ2  sing N N 232 
LYS NZ  HZ3  sing N N 233 
LYS OXT HXT  sing N N 234 
MET N   CA   sing N N 235 
MET N   H    sing N N 236 
MET N   H2   sing N N 237 
MET CA  C    sing N N 238 
MET CA  CB   sing N N 239 
MET CA  HA   sing N N 240 
MET C   O    doub N N 241 
MET C   OXT  sing N N 242 
MET CB  CG   sing N N 243 
MET CB  HB2  sing N N 244 
MET CB  HB3  sing N N 245 
MET CG  SD   sing N N 246 
MET CG  HG2  sing N N 247 
MET CG  HG3  sing N N 248 
MET SD  CE   sing N N 249 
MET CE  HE1  sing N N 250 
MET CE  HE2  sing N N 251 
MET CE  HE3  sing N N 252 
MET OXT HXT  sing N N 253 
PHE N   CA   sing N N 254 
PHE N   H    sing N N 255 
PHE N   H2   sing N N 256 
PHE CA  C    sing N N 257 
PHE CA  CB   sing N N 258 
PHE CA  HA   sing N N 259 
PHE C   O    doub N N 260 
PHE C   OXT  sing N N 261 
PHE CB  CG   sing N N 262 
PHE CB  HB2  sing N N 263 
PHE CB  HB3  sing N N 264 
PHE CG  CD1  doub Y N 265 
PHE CG  CD2  sing Y N 266 
PHE CD1 CE1  sing Y N 267 
PHE CD1 HD1  sing N N 268 
PHE CD2 CE2  doub Y N 269 
PHE CD2 HD2  sing N N 270 
PHE CE1 CZ   doub Y N 271 
PHE CE1 HE1  sing N N 272 
PHE CE2 CZ   sing Y N 273 
PHE CE2 HE2  sing N N 274 
PHE CZ  HZ   sing N N 275 
PHE OXT HXT  sing N N 276 
PRO N   CA   sing N N 277 
PRO N   CD   sing N N 278 
PRO N   H    sing N N 279 
PRO CA  C    sing N N 280 
PRO CA  CB   sing N N 281 
PRO CA  HA   sing N N 282 
PRO C   O    doub N N 283 
PRO C   OXT  sing N N 284 
PRO CB  CG   sing N N 285 
PRO CB  HB2  sing N N 286 
PRO CB  HB3  sing N N 287 
PRO CG  CD   sing N N 288 
PRO CG  HG2  sing N N 289 
PRO CG  HG3  sing N N 290 
PRO CD  HD2  sing N N 291 
PRO CD  HD3  sing N N 292 
PRO OXT HXT  sing N N 293 
SER N   CA   sing N N 294 
SER N   H    sing N N 295 
SER N   H2   sing N N 296 
SER CA  C    sing N N 297 
SER CA  CB   sing N N 298 
SER CA  HA   sing N N 299 
SER C   O    doub N N 300 
SER C   OXT  sing N N 301 
SER CB  OG   sing N N 302 
SER CB  HB2  sing N N 303 
SER CB  HB3  sing N N 304 
SER OG  HG   sing N N 305 
SER OXT HXT  sing N N 306 
SO4 S   O1   doub N N 307 
SO4 S   O2   doub N N 308 
SO4 S   O3   sing N N 309 
SO4 S   O4   sing N N 310 
TAS AS  O1   sing N N 311 
TAS AS  O2   sing N N 312 
TAS AS  O3   sing N N 313 
TAS O1  H11  sing N N 314 
TAS O2  H21  sing N N 315 
TAS O3  H31  sing N N 316 
THR N   CA   sing N N 317 
THR N   H    sing N N 318 
THR N   H2   sing N N 319 
THR CA  C    sing N N 320 
THR CA  CB   sing N N 321 
THR CA  HA   sing N N 322 
THR C   O    doub N N 323 
THR C   OXT  sing N N 324 
THR CB  OG1  sing N N 325 
THR CB  CG2  sing N N 326 
THR CB  HB   sing N N 327 
THR OG1 HG1  sing N N 328 
THR CG2 HG21 sing N N 329 
THR CG2 HG22 sing N N 330 
THR CG2 HG23 sing N N 331 
THR OXT HXT  sing N N 332 
TYR N   CA   sing N N 333 
TYR N   H    sing N N 334 
TYR N   H2   sing N N 335 
TYR CA  C    sing N N 336 
TYR CA  CB   sing N N 337 
TYR CA  HA   sing N N 338 
TYR C   O    doub N N 339 
TYR C   OXT  sing N N 340 
TYR CB  CG   sing N N 341 
TYR CB  HB2  sing N N 342 
TYR CB  HB3  sing N N 343 
TYR CG  CD1  doub Y N 344 
TYR CG  CD2  sing Y N 345 
TYR CD1 CE1  sing Y N 346 
TYR CD1 HD1  sing N N 347 
TYR CD2 CE2  doub Y N 348 
TYR CD2 HD2  sing N N 349 
TYR CE1 CZ   doub Y N 350 
TYR CE1 HE1  sing N N 351 
TYR CE2 CZ   sing Y N 352 
TYR CE2 HE2  sing N N 353 
TYR CZ  OH   sing N N 354 
TYR OH  HH   sing N N 355 
TYR OXT HXT  sing N N 356 
VAL N   CA   sing N N 357 
VAL N   H    sing N N 358 
VAL N   H2   sing N N 359 
VAL CA  C    sing N N 360 
VAL CA  CB   sing N N 361 
VAL CA  HA   sing N N 362 
VAL C   O    doub N N 363 
VAL C   OXT  sing N N 364 
VAL CB  CG1  sing N N 365 
VAL CB  CG2  sing N N 366 
VAL CB  HB   sing N N 367 
VAL CG1 HG11 sing N N 368 
VAL CG1 HG12 sing N N 369 
VAL CG1 HG13 sing N N 370 
VAL CG2 HG21 sing N N 371 
VAL CG2 HG22 sing N N 372 
VAL CG2 HG23 sing N N 373 
VAL OXT HXT  sing N N 374 
# 
_pdbx_initial_refinement_model.accession_code   ? 
_pdbx_initial_refinement_model.id               1 
_pdbx_initial_refinement_model.entity_id_list   ? 
_pdbx_initial_refinement_model.type             'experimental model' 
_pdbx_initial_refinement_model.source_name      Other 
_pdbx_initial_refinement_model.details          'NATIVE STRUCTURE' 
# 
_atom_sites.entry_id                    1SK0 
_atom_sites.fract_transf_matrix[1][1]   0.01320983 
_atom_sites.fract_transf_matrix[1][2]   -0.00185245 
_atom_sites.fract_transf_matrix[1][3]   0.00017211 
_atom_sites.fract_transf_matrix[2][1]   0.00761788 
_atom_sites.fract_transf_matrix[2][2]   0.00706781 
_atom_sites.fract_transf_matrix[2][3]   0.00836478 
_atom_sites.fract_transf_matrix[3][1]   -0.00093482 
_atom_sites.fract_transf_matrix[3][2]   -0.00610765 
_atom_sites.fract_transf_matrix[3][3]   0.00601201 
_atom_sites.fract_transf_vector[1]      0.581738 
_atom_sites.fract_transf_vector[2]      0.704512 
_atom_sites.fract_transf_vector[3]      0.469330 
# 
loop_
_atom_type.symbol 
AS 
C  
CS 
N  
O  
S  
# 
loop_
_atom_site.group_PDB 
_atom_site.id 
_atom_site.type_symbol 
_atom_site.label_atom_id 
_atom_site.label_alt_id 
_atom_site.label_comp_id 
_atom_site.label_asym_id 
_atom_site.label_entity_id 
_atom_site.label_seq_id 
_atom_site.pdbx_PDB_ins_code 
_atom_site.Cartn_x 
_atom_site.Cartn_y 
_atom_site.Cartn_z 
_atom_site.occupancy 
_atom_site.B_iso_or_equiv 
_atom_site.pdbx_formal_charge 
_atom_site.auth_seq_id 
_atom_site.auth_comp_id 
_atom_site.auth_asym_id 
_atom_site.auth_atom_id 
_atom_site.pdbx_PDB_model_num 
ATOM   1    N  N   . ASN A 1 3   ? 6.812   -2.892  -14.986 1.00 44.24 ? 3    ASN A N   1 
ATOM   2    C  CA  . ASN A 1 3   ? 7.521   -2.088  -13.985 1.00 44.29 ? 3    ASN A CA  1 
ATOM   3    C  C   . ASN A 1 3   ? 6.662   -1.857  -12.745 1.00 30.18 ? 3    ASN A C   1 
ATOM   4    O  O   . ASN A 1 3   ? 5.840   -0.941  -12.650 1.00 24.28 ? 3    ASN A O   1 
ATOM   5    C  CB  . ASN A 1 3   ? 7.955   -0.752  -14.575 1.00 53.12 ? 3    ASN A CB  1 
ATOM   6    C  CG  . ASN A 1 3   ? 8.883   0.040   -13.675 1.00 73.28 ? 3    ASN A CG  1 
ATOM   7    O  OD1 . ASN A 1 3   ? 9.179   1.211   -13.952 1.00 70.37 ? 3    ASN A OD1 1 
ATOM   8    N  ND2 . ASN A 1 3   ? 9.368   -0.582  -12.600 1.00 90.29 ? 3    ASN A ND2 1 
ATOM   9    N  N   . ILE A 1 4   ? 6.865   -2.707  -11.743 1.00 22.76 ? 4    ILE A N   1 
ATOM   10   C  CA  . ILE A 1 4   ? 6.029   -2.590  -10.556 1.00 17.39 ? 4    ILE A CA  1 
ATOM   11   C  C   . ILE A 1 4   ? 6.883   -2.416  -9.306  1.00 23.08 ? 4    ILE A C   1 
ATOM   12   O  O   . ILE A 1 4   ? 7.892   -3.102  -9.151  1.00 21.72 ? 4    ILE A O   1 
ATOM   13   C  CB  . ILE A 1 4   ? 5.135   -3.824  -10.362 1.00 15.38 ? 4    ILE A CB  1 
ATOM   14   C  CG1 . ILE A 1 4   ? 4.264   -4.126  -11.600 1.00 21.26 ? 4    ILE A CG1 1 
ATOM   15   C  CG2 . ILE A 1 4   ? 4.302   -3.670  -9.100  1.00 19.13 ? 4    ILE A CG2 1 
ATOM   16   C  CD1 . ILE A 1 4   ? 3.437   -5.402  -11.404 1.00 18.95 ? 4    ILE A CD1 1 
ATOM   17   N  N   . THR A 1 5   ? 6.377   -1.504  -8.488  1.00 20.29 ? 5    THR A N   1 
ATOM   18   C  CA  . THR A 1 5   ? 6.980   -1.221  -7.185  1.00 20.93 ? 5    THR A CA  1 
ATOM   19   C  C   . THR A 1 5   ? 5.954   -1.390  -6.081  1.00 13.91 ? 5    THR A C   1 
ATOM   20   O  O   . THR A 1 5   ? 4.812   -0.905  -6.137  1.00 16.49 ? 5    THR A O   1 
ATOM   21   C  CB  . THR A 1 5   ? 7.565   0.203   -7.172  1.00 23.27 ? 5    THR A CB  1 
ATOM   22   O  OG1 . THR A 1 5   ? 8.629   0.303   -8.123  1.00 25.65 ? 5    THR A OG1 1 
ATOM   23   C  CG2 . THR A 1 5   ? 8.194   0.531   -5.824  1.00 24.59 ? 5    THR A CG2 1 
ATOM   24   N  N   . ILE A 1 6   ? 6.339   -2.066  -5.000  1.00 14.10 ? 6    ILE A N   1 
ATOM   25   C  CA  . ILE A 1 6   ? 5.516   -2.137  -3.810  1.00 15.56 ? 6    ILE A CA  1 
ATOM   26   C  C   . ILE A 1 6   ? 6.323   -1.648  -2.602  1.00 12.21 ? 6    ILE A C   1 
ATOM   27   O  O   . ILE A 1 6   ? 7.439   -2.102  -2.364  1.00 16.94 ? 6    ILE A O   1 
ATOM   28   C  CB  . ILE A 1 6   ? 4.972   -3.561  -3.545  1.00 19.44 ? 6    ILE A CB  1 
ATOM   29   C  CG1 . ILE A 1 6   ? 4.097   -3.663  -2.296  1.00 14.43 ? 6    ILE A CG1 1 
ATOM   30   C  CG2 . ILE A 1 6   ? 6.115   -4.563  -3.526  1.00 15.96 ? 6    ILE A CG2 1 
ATOM   31   C  CD1 . ILE A 1 6   ? 3.351   -4.968  -2.148  1.00 21.39 ? 6    ILE A CD1 1 
ATOM   32   N  N   . TYR A 1 7   ? 5.696   -0.752  -1.871  1.00 13.48 ? 7    TYR A N   1 
ATOM   33   C  CA  . TYR A 1 7   ? 6.170   -0.284  -0.570  1.00 12.89 ? 7    TYR A CA  1 
ATOM   34   C  C   . TYR A 1 7   ? 5.629   -1.280  0.469   1.00 14.39 ? 7    TYR A C   1 
ATOM   35   O  O   . TYR A 1 7   ? 4.444   -1.181  0.820   1.00 14.98 ? 7    TYR A O   1 
ATOM   36   C  CB  . TYR A 1 7   ? 5.682   1.139   -0.330  1.00 12.99 ? 7    TYR A CB  1 
ATOM   37   C  CG  . TYR A 1 7   ? 6.399   2.132   -1.237  1.00 19.68 ? 7    TYR A CG  1 
ATOM   38   C  CD1 . TYR A 1 7   ? 5.894   2.361   -2.524  1.00 21.28 ? 7    TYR A CD1 1 
ATOM   39   C  CD2 . TYR A 1 7   ? 7.537   2.799   -0.829  1.00 19.24 ? 7    TYR A CD2 1 
ATOM   40   C  CE1 . TYR A 1 7   ? 6.521   3.255   -3.383  1.00 17.53 ? 7    TYR A CE1 1 
ATOM   41   C  CE2 . TYR A 1 7   ? 8.174   3.697   -1.673  1.00 22.98 ? 7    TYR A CE2 1 
ATOM   42   C  CZ  . TYR A 1 7   ? 7.657   3.913   -2.939  1.00 23.53 ? 7    TYR A CZ  1 
ATOM   43   O  OH  . TYR A 1 7   ? 8.288   4.804   -3.780  1.00 25.36 ? 7    TYR A OH  1 
ATOM   44   N  N   . HIS A 1 8   ? 6.482   -2.214  0.866   1.00 18.20 ? 8    HIS A N   1 
ATOM   45   C  CA  . HIS A 1 8   ? 6.109   -3.424  1.577   1.00 15.81 ? 8    HIS A CA  1 
ATOM   46   C  C   . HIS A 1 8   ? 6.540   -3.457  3.038   1.00 20.08 ? 8    HIS A C   1 
ATOM   47   O  O   . HIS A 1 8   ? 7.638   -3.046  3.393   1.00 20.99 ? 8    HIS A O   1 
ATOM   48   C  CB  . HIS A 1 8   ? 6.776   -4.630  0.894   1.00 16.39 ? 8    HIS A CB  1 
ATOM   49   C  CG  . HIS A 1 8   ? 6.444   -5.994  1.401   1.00 17.71 ? 8    HIS A CG  1 
ATOM   50   N  ND1 . HIS A 1 8   ? 5.178   -6.490  1.628   1.00 20.20 ? 8    HIS A ND1 1 
ATOM   51   C  CD2 . HIS A 1 8   ? 7.297   -7.007  1.716   1.00 22.66 ? 8    HIS A CD2 1 
ATOM   52   C  CE1 . HIS A 1 8   ? 5.258   -7.738  2.066   1.00 17.67 ? 8    HIS A CE1 1 
ATOM   53   N  NE2 . HIS A 1 8   ? 6.542   -8.072  2.127   1.00 16.89 ? 8    HIS A NE2 1 
ATOM   54   N  N   . ASN A 1 9   ? 5.631   -3.996  3.849   1.00 24.44 ? 9    ASN A N   1 
ATOM   55   C  CA  . ASN A 1 9   ? 5.916   -4.349  5.235   1.00 21.72 ? 9    ASN A CA  1 
ATOM   56   C  C   . ASN A 1 9   ? 5.648   -5.855  5.398   1.00 17.96 ? 9    ASN A C   1 
ATOM   57   O  O   . ASN A 1 9   ? 4.480   -6.230  5.482   1.00 18.49 ? 9    ASN A O   1 
ATOM   58   C  CB  . ASN A 1 9   ? 5.063   -3.576  6.242   1.00 22.42 ? 9    ASN A CB  1 
ATOM   59   C  CG  . ASN A 1 9   ? 5.507   -3.827  7.679   1.00 25.37 ? 9    ASN A CG  1 
ATOM   60   O  OD1 . ASN A 1 9   ? 6.205   -4.802  7.927   1.00 23.27 ? 9    ASN A OD1 1 
ATOM   61   N  ND2 . ASN A 1 9   ? 5.130   -2.953  8.610   1.00 31.71 ? 9    ASN A ND2 1 
ATOM   62   N  N   . PRO A 1 10  ? 6.696   -6.643  5.463   1.00 20.05 ? 10   PRO A N   1 
ATOM   63   C  CA  . PRO A 1 10  ? 6.575   -8.095  5.549   1.00 19.22 ? 10   PRO A CA  1 
ATOM   64   C  C   . PRO A 1 10  ? 5.837   -8.565  6.801   1.00 19.75 ? 10   PRO A C   1 
ATOM   65   O  O   . PRO A 1 10  ? 5.381   -9.724  6.861   1.00 21.99 ? 10   PRO A O   1 
ATOM   66   C  CB  . PRO A 1 10  ? 8.026   -8.580  5.634   1.00 21.61 ? 10   PRO A CB  1 
ATOM   67   C  CG  . PRO A 1 10  ? 8.878   -7.438  5.251   1.00 28.49 ? 10   PRO A CG  1 
ATOM   68   C  CD  . PRO A 1 10  ? 8.100   -6.181  5.451   1.00 19.29 ? 10   PRO A CD  1 
ATOM   69   N  N   . ALA A 1 11  ? 5.708   -7.675  7.773   1.00 16.41 ? 11   ALA A N   1 
ATOM   70   C  CA  . ALA A 1 11  ? 5.027   -8.044  9.019   1.00 22.29 ? 11   ALA A CA  1 
ATOM   71   C  C   . ALA A 1 11  ? 3.552   -7.708  8.978   1.00 24.94 ? 11   ALA A C   1 
ATOM   72   O  O   . ALA A 1 11  ? 2.847   -7.724  9.986   1.00 26.17 ? 11   ALA A O   1 
ATOM   73   C  CB  . ALA A 1 11  ? 5.749   -7.374  10.176  1.00 19.23 ? 11   ALA A CB  1 
HETATM 74   N  N   . CZ2 A 1 12  ? 2.986   -7.382  7.805   1.00 14.90 ? 12   CZ2 A N   1 
HETATM 75   C  CA  . CZ2 A 1 12  ? 1.556   -7.002  7.779   1.00 11.96 ? 12   CZ2 A CA  1 
HETATM 76   C  CB  A CZ2 A 1 12  ? 1.487   -5.503  7.354   0.46 20.02 ? 12   CZ2 A CB  1 
HETATM 77   C  CB  B CZ2 A 1 12  ? 1.444   -5.527  7.387   0.54 8.96  ? 12   CZ2 A CB  1 
HETATM 78   S  SG  A CZ2 A 1 12  ? -0.037  -4.943  6.585   0.46 26.94 ? 12   CZ2 A SG  1 
HETATM 79   S  SG  B CZ2 A 1 12  ? -0.099  -4.958  6.668   0.54 16.09 ? 12   CZ2 A SG  1 
HETATM 80   C  C   . CZ2 A 1 12  ? 0.840   -7.898  6.781   1.00 16.36 ? 12   CZ2 A C   1 
HETATM 81   O  O   . CZ2 A 1 12  ? 1.279   -7.940  5.626   1.00 16.59 ? 12   CZ2 A O   1 
HETATM 82   AS AS  B CZ2 A 1 12  ? -1.360  -4.882  8.477   0.54 34.09 ? 12   CZ2 A AS  1 
HETATM 83   O  O1  . CZ2 A 1 12  ? -3.017  -4.850  7.747   0.54 32.52 ? 12   CZ2 A O1  1 
HETATM 84   O  O2  . CZ2 A 1 12  ? -0.762  -3.305  9.170   0.54 62.11 ? 12   CZ2 A O2  1 
ATOM   85   N  N   . GLY A 1 13  ? -0.184  -8.641  7.160   1.00 18.41 ? 13   GLY A N   1 
ATOM   86   C  CA  . GLY A 1 13  ? -0.867  -9.567  6.275   1.00 17.58 ? 13   GLY A CA  1 
ATOM   87   C  C   . GLY A 1 13  ? -1.365  -8.928  4.993   1.00 13.96 ? 13   GLY A C   1 
ATOM   88   O  O   . GLY A 1 13  ? -1.245  -9.517  3.906   1.00 15.96 ? 13   GLY A O   1 
ATOM   89   N  N   . THR A 1 14  ? -1.938  -7.728  5.068   1.00 16.21 ? 14   THR A N   1 
ATOM   90   C  CA  . THR A 1 14  ? -2.438  -7.096  3.834   1.00 16.48 ? 14   THR A CA  1 
ATOM   91   C  C   . THR A 1 14  ? -1.322  -6.917  2.830   1.00 14.71 ? 14   THR A C   1 
ATOM   92   O  O   . THR A 1 14  ? -1.492  -7.108  1.617   1.00 15.38 ? 14   THR A O   1 
ATOM   93   C  CB  . THR A 1 14  ? -3.052  -5.720  4.168   1.00 22.19 ? 14   THR A CB  1 
ATOM   94   O  OG1 . THR A 1 14  ? -4.067  -5.913  5.173   1.00 17.73 ? 14   THR A OG1 1 
ATOM   95   C  CG2 . THR A 1 14  ? -3.713  -5.077  2.956   1.00 18.32 ? 14   THR A CG2 1 
ATOM   96   N  N   . SER A 1 15  ? -0.155  -6.540  3.375   1.00 14.09 ? 15   SER A N   1 
ATOM   97   C  CA  . SER A 1 15  ? 1.008   -6.322  2.515   1.00 16.39 ? 15   SER A CA  1 
ATOM   98   C  C   . SER A 1 15  ? 1.490   -7.639  1.948   1.00 20.23 ? 15   SER A C   1 
ATOM   99   O  O   . SER A 1 15  ? 1.831   -7.753  0.770   1.00 10.98 ? 15   SER A O   1 
ATOM   100  C  CB  . SER A 1 15  ? 2.099   -5.588  3.307   1.00 12.70 ? 15   SER A CB  1 
ATOM   101  O  OG  . SER A 1 15  ? 3.027   -4.969  2.438   1.00 16.88 ? 15   SER A OG  1 
ATOM   102  N  N   . ARG A 1 16  ? 1.523   -8.702  2.771   1.00 15.13 ? 16   ARG A N   1 
ATOM   103  C  CA  . ARG A 1 16  ? 1.921   -9.988  2.210   1.00 13.72 ? 16   ARG A CA  1 
ATOM   104  C  C   . ARG A 1 16  ? 0.938   -10.427 1.135   1.00 12.72 ? 16   ARG A C   1 
ATOM   105  O  O   . ARG A 1 16  ? 1.325   -10.887 0.066   1.00 13.75 ? 16   ARG A O   1 
ATOM   106  C  CB  . ARG A 1 16  ? 2.008   -11.051 3.332   1.00 13.32 ? 16   ARG A CB  1 
ATOM   107  C  CG  . ARG A 1 16  ? 3.232   -10.857 4.226   1.00 13.07 ? 16   ARG A CG  1 
ATOM   108  C  CD  . ARG A 1 16  ? 3.340   -12.002 5.231   1.00 14.83 ? 16   ARG A CD  1 
ATOM   109  N  NE  . ARG A 1 16  ? 2.147   -12.162 6.044   1.00 13.63 ? 16   ARG A NE  1 
ATOM   110  C  CZ  . ARG A 1 16  ? 1.885   -11.611 7.215   1.00 14.68 ? 16   ARG A CZ  1 
ATOM   111  N  NH1 . ARG A 1 16  ? 2.758   -10.799 7.791   1.00 14.79 ? 16   ARG A NH1 1 
ATOM   112  N  NH2 . ARG A 1 16  ? 0.744   -11.879 7.821   1.00 16.86 ? 16   ARG A NH2 1 
ATOM   113  N  N   . ASN A 1 17  ? -0.372  -10.308 1.417   1.00 11.16 ? 17   ASN A N   1 
ATOM   114  C  CA  . ASN A 1 17  ? -1.365  -10.755 0.455   1.00 10.57 ? 17   ASN A CA  1 
ATOM   115  C  C   . ASN A 1 17  ? -1.181  -9.967  -0.864  1.00 16.44 ? 17   ASN A C   1 
ATOM   116  O  O   . ASN A 1 17  ? -1.304  -10.509 -1.966  1.00 11.62 ? 17   ASN A O   1 
ATOM   117  C  CB  . ASN A 1 17  ? -2.798  -10.600 0.957   1.00 14.21 ? 17   ASN A CB  1 
ATOM   118  C  CG  . ASN A 1 17  ? -3.238  -11.719 1.887   1.00 21.31 ? 17   ASN A CG  1 
ATOM   119  O  OD1 . ASN A 1 17  ? -2.861  -12.882 1.709   1.00 17.50 ? 17   ASN A OD1 1 
ATOM   120  N  ND2 . ASN A 1 17  ? -4.035  -11.364 2.893   1.00 16.76 ? 17   ASN A ND2 1 
ATOM   121  N  N   . THR A 1 18  ? -0.898  -8.671  -0.715  1.00 15.49 ? 18   THR A N   1 
ATOM   122  C  CA  . THR A 1 18  ? -0.778  -7.851  -1.941  1.00 18.23 ? 18   THR A CA  1 
ATOM   123  C  C   . THR A 1 18  ? 0.414   -8.305  -2.782  1.00 14.42 ? 18   THR A C   1 
ATOM   124  O  O   . THR A 1 18  ? 0.328   -8.471  -4.010  1.00 16.29 ? 18   THR A O   1 
ATOM   125  C  CB  . THR A 1 18  ? -0.643  -6.354  -1.626  1.00 19.59 ? 18   THR A CB  1 
ATOM   126  O  OG1 . THR A 1 18  ? -1.831  -5.880  -0.953  1.00 14.52 ? 18   THR A OG1 1 
ATOM   127  C  CG2 . THR A 1 18  ? -0.523  -5.544  -2.909  1.00 15.02 ? 18   THR A CG2 1 
ATOM   128  N  N   . LEU A 1 19  ? 1.544   -8.520  -2.111  1.00 11.39 ? 19   LEU A N   1 
ATOM   129  C  CA  . LEU A 1 19  ? 2.770   -8.944  -2.768  1.00 16.22 ? 19   LEU A CA  1 
ATOM   130  C  C   . LEU A 1 19  ? 2.495   -10.246 -3.513  1.00 15.47 ? 19   LEU A C   1 
ATOM   131  O  O   . LEU A 1 19  ? 2.930   -10.422 -4.645  1.00 13.43 ? 19   LEU A O   1 
ATOM   132  C  CB  . LEU A 1 19  ? 3.911   -9.071  -1.747  1.00 12.82 ? 19   LEU A CB  1 
ATOM   133  C  CG  . LEU A 1 19  ? 5.233   -9.562  -2.319  1.00 18.72 ? 19   LEU A CG  1 
ATOM   134  C  CD1 . LEU A 1 19  ? 5.658   -8.772  -3.573  1.00 15.33 ? 19   LEU A CD1 1 
ATOM   135  C  CD2 . LEU A 1 19  ? 6.346   -9.467  -1.284  1.00 11.97 ? 19   LEU A CD2 1 
ATOM   136  N  N   . GLU A 1 20  ? 1.778   -11.186 -2.880  1.00 12.67 ? 20   GLU A N   1 
ATOM   137  C  CA  . GLU A 1 20  ? 1.581   -12.466 -3.585  1.00 18.33 ? 20   GLU A CA  1 
ATOM   138  C  C   . GLU A 1 20  ? 0.605   -12.299 -4.735  1.00 15.61 ? 20   GLU A C   1 
ATOM   139  O  O   . GLU A 1 20  ? 0.711   -13.015 -5.744  1.00 14.22 ? 20   GLU A O   1 
ATOM   140  C  CB  . GLU A 1 20  ? 1.119   -13.577 -2.630  1.00 13.54 ? 20   GLU A CB  1 
ATOM   141  C  CG  . GLU A 1 20  ? 2.054   -13.740 -1.421  1.00 12.91 ? 20   GLU A CG  1 
ATOM   142  C  CD  . GLU A 1 20  ? 3.367   -14.415 -1.767  1.00 23.60 ? 20   GLU A CD  1 
ATOM   143  O  OE1 . GLU A 1 20  ? 3.912   -14.182 -2.872  1.00 25.57 ? 20   GLU A OE1 1 
ATOM   144  O  OE2 . GLU A 1 20  ? 3.913   -15.193 -0.949  1.00 15.73 ? 20   GLU A OE2 1 
ATOM   145  N  N   . MET A 1 21  ? -0.358  -11.377 -4.640  1.00 12.26 ? 21   MET A N   1 
ATOM   146  C  CA  . MET A 1 21  ? -1.242  -11.219 -5.805  1.00 19.31 ? 21   MET A CA  1 
ATOM   147  C  C   . MET A 1 21  ? -0.432  -10.666 -6.974  1.00 12.67 ? 21   MET A C   1 
ATOM   148  O  O   . MET A 1 21  ? -0.627  -11.001 -8.137  1.00 13.38 ? 21   MET A O   1 
ATOM   149  C  CB  . MET A 1 21  ? -2.436  -10.326 -5.476  1.00 18.66 ? 21   MET A CB  1 
ATOM   150  C  CG  . MET A 1 21  ? -3.665  -11.132 -5.059  1.00 22.03 ? 21   MET A CG  1 
ATOM   151  S  SD  . MET A 1 21  ? -5.147  -10.194 -4.645  1.00 18.41 ? 21   MET A SD  1 
ATOM   152  C  CE  . MET A 1 21  ? -4.711  -9.531  -3.043  1.00 18.79 ? 21   MET A CE  1 
ATOM   153  N  N   . ILE A 1 22  ? 0.489   -9.767  -6.646  1.00 15.03 ? 22   ILE A N   1 
ATOM   154  C  CA  . ILE A 1 22  ? 1.316   -9.174  -7.705  1.00 21.01 ? 22   ILE A CA  1 
ATOM   155  C  C   . ILE A 1 22  ? 2.073   -10.302 -8.399  1.00 24.57 ? 22   ILE A C   1 
ATOM   156  O  O   . ILE A 1 22  ? 2.071   -10.437 -9.621  1.00 14.95 ? 22   ILE A O   1 
ATOM   157  C  CB  . ILE A 1 22  ? 2.303   -8.118  -7.190  1.00 16.60 ? 22   ILE A CB  1 
ATOM   158  C  CG1 . ILE A 1 22  ? 1.675   -6.837  -6.636  1.00 10.23 ? 22   ILE A CG1 1 
ATOM   159  C  CG2 . ILE A 1 22  ? 3.253   -7.744  -8.329  1.00 13.35 ? 22   ILE A CG2 1 
ATOM   160  C  CD1 . ILE A 1 22  ? 2.666   -5.878  -6.006  1.00 11.68 ? 22   ILE A CD1 1 
ATOM   161  N  N   . ARG A 1 23  ? 2.714   -11.144 -7.575  1.00 16.85 ? 23   ARG A N   1 
ATOM   162  C  CA  . ARG A 1 23  ? 3.461   -12.253 -8.142  1.00 13.99 ? 23   ARG A CA  1 
ATOM   163  C  C   . ARG A 1 23  ? 2.600   -13.204 -8.959  1.00 15.34 ? 23   ARG A C   1 
ATOM   164  O  O   . ARG A 1 23  ? 3.090   -13.711 -9.982  1.00 16.09 ? 23   ARG A O   1 
ATOM   165  C  CB  . ARG A 1 23  ? 4.181   -13.048 -7.035  1.00 16.89 ? 23   ARG A CB  1 
ATOM   166  C  CG  . ARG A 1 23  ? 5.315   -12.253 -6.425  1.00 18.21 ? 23   ARG A CG  1 
ATOM   167  C  CD  . ARG A 1 23  ? 5.950   -12.993 -5.253  1.00 20.95 ? 23   ARG A CD  1 
ATOM   168  N  NE  . ARG A 1 23  ? 7.185   -12.299 -4.888  1.00 19.96 ? 23   ARG A NE  1 
ATOM   169  C  CZ  . ARG A 1 23  ? 7.661   -12.197 -3.655  1.00 18.70 ? 23   ARG A CZ  1 
ATOM   170  N  NH1 . ARG A 1 23  ? 7.023   -12.734 -2.613  1.00 13.21 ? 23   ARG A NH1 1 
ATOM   171  N  NH2 . ARG A 1 23  ? 8.797   -11.537 -3.504  1.00 20.44 ? 23   ARG A NH2 1 
ATOM   172  N  N   . ASN A 1 24  ? 1.375   -13.419 -8.499  1.00 12.66 ? 24   ASN A N   1 
ATOM   173  C  CA  . ASN A 1 24  ? 0.427   -14.298 -9.185  1.00 10.88 ? 24   ASN A CA  1 
ATOM   174  C  C   . ASN A 1 24  ? -0.032  -13.684 -10.503 1.00 19.69 ? 24   ASN A C   1 
ATOM   175  O  O   . ASN A 1 24  ? -0.703  -14.343 -11.295 1.00 16.91 ? 24   ASN A O   1 
ATOM   176  C  CB  . ASN A 1 24  ? -0.771  -14.633 -8.299  1.00 16.27 ? 24   ASN A CB  1 
ATOM   177  C  CG  . ASN A 1 24  ? -1.637  -15.762 -8.794  1.00 13.58 ? 24   ASN A CG  1 
ATOM   178  O  OD1 . ASN A 1 24  ? -2.873  -15.693 -8.747  1.00 24.41 ? 24   ASN A OD1 1 
ATOM   179  N  ND2 . ASN A 1 24  ? -1.038  -16.850 -9.284  1.00 12.31 ? 24   ASN A ND2 1 
ATOM   180  N  N   . SER A 1 25  ? 0.324   -12.425 -10.791 1.00 19.24 ? 25   SER A N   1 
ATOM   181  C  CA  . SER A 1 25  ? -0.009  -11.915 -12.130 1.00 18.08 ? 25   SER A CA  1 
ATOM   182  C  C   . SER A 1 25  ? 1.149   -12.141 -13.091 1.00 20.35 ? 25   SER A C   1 
ATOM   183  O  O   . SER A 1 25  ? 1.106   -11.844 -14.293 1.00 16.70 ? 25   SER A O   1 
ATOM   184  C  CB  . SER A 1 25  ? -0.375  -10.434 -12.061 1.00 13.74 ? 25   SER A CB  1 
ATOM   185  O  OG  . SER A 1 25  ? 0.788   -9.624  -11.946 1.00 14.10 ? 25   SER A OG  1 
ATOM   186  N  N   . GLY A 1 26  ? 2.229   -12.679 -12.536 1.00 16.21 ? 26   GLY A N   1 
ATOM   187  C  CA  . GLY A 1 26  ? 3.417   -13.019 -13.269 1.00 21.49 ? 26   GLY A CA  1 
ATOM   188  C  C   . GLY A 1 26  ? 4.511   -11.994 -13.293 1.00 19.17 ? 26   GLY A C   1 
ATOM   189  O  O   . GLY A 1 26  ? 5.420   -12.135 -14.136 1.00 22.47 ? 26   GLY A O   1 
ATOM   190  N  N   . THR A 1 27  ? 4.554   -10.967 -12.441 1.00 19.01 ? 27   THR A N   1 
ATOM   191  C  CA  . THR A 1 27  ? 5.811   -10.229 -12.358 1.00 22.24 ? 27   THR A CA  1 
ATOM   192  C  C   . THR A 1 27  ? 6.267   -10.095 -10.909 1.00 18.06 ? 27   THR A C   1 
ATOM   193  O  O   . THR A 1 27  ? 5.527   -10.084 -9.922  1.00 20.86 ? 27   THR A O   1 
ATOM   194  C  CB  . THR A 1 27  ? 5.837   -8.841  -13.026 1.00 32.72 ? 27   THR A CB  1 
ATOM   195  O  OG1 . THR A 1 27  ? 5.976   -7.798  -12.063 1.00 34.17 ? 27   THR A OG1 1 
ATOM   196  C  CG2 . THR A 1 27  ? 4.567   -8.525  -13.764 1.00 16.48 ? 27   THR A CG2 1 
ATOM   197  N  N   . GLU A 1 28  ? 7.594   -10.050 -10.814 1.00 18.74 ? 28   GLU A N   1 
ATOM   198  C  CA  . GLU A 1 28  ? 8.276   -9.864  -9.540  1.00 19.23 ? 28   GLU A CA  1 
ATOM   199  C  C   . GLU A 1 28  ? 8.521   -8.368  -9.382  1.00 24.99 ? 28   GLU A C   1 
ATOM   200  O  O   . GLU A 1 28  ? 9.244   -7.796  -10.198 1.00 23.84 ? 28   GLU A O   1 
ATOM   201  C  CB  . GLU A 1 28  ? 9.580   -10.638 -9.434  1.00 20.36 ? 28   GLU A CB  1 
ATOM   202  C  CG  . GLU A 1 28  ? 10.390  -10.377 -8.177  1.00 20.43 ? 28   GLU A CG  1 
ATOM   203  C  CD  . GLU A 1 28  ? 9.753   -10.948 -6.925  1.00 17.14 ? 28   GLU A CD  1 
ATOM   204  O  OE1 . GLU A 1 28  ? 10.232  -10.637 -5.809  1.00 21.08 ? 28   GLU A OE1 1 
ATOM   205  O  OE2 . GLU A 1 28  ? 8.779   -11.719 -7.055  1.00 18.47 ? 28   GLU A OE2 1 
ATOM   206  N  N   . PRO A 1 29  ? 7.911   -7.751  -8.388  1.00 18.99 ? 29   PRO A N   1 
ATOM   207  C  CA  . PRO A 1 29  ? 8.032   -6.285  -8.308  1.00 21.06 ? 29   PRO A CA  1 
ATOM   208  C  C   . PRO A 1 29  ? 9.327   -5.882  -7.634  1.00 17.36 ? 29   PRO A C   1 
ATOM   209  O  O   . PRO A 1 29  ? 9.999   -6.678  -6.975  1.00 19.39 ? 29   PRO A O   1 
ATOM   210  C  CB  . PRO A 1 29  ? 6.843   -5.902  -7.419  1.00 21.65 ? 29   PRO A CB  1 
ATOM   211  C  CG  . PRO A 1 29  ? 6.757   -7.054  -6.463  1.00 21.42 ? 29   PRO A CG  1 
ATOM   212  C  CD  . PRO A 1 29  ? 7.091   -8.278  -7.286  1.00 20.12 ? 29   PRO A CD  1 
ATOM   213  N  N   . THR A 1 30  ? 9.640   -4.602  -7.820  1.00 22.94 ? 30   THR A N   1 
ATOM   214  C  CA  . THR A 1 30  ? 10.665  -3.974  -7.002  1.00 29.68 ? 30   THR A CA  1 
ATOM   215  C  C   . THR A 1 30  ? 10.063  -3.817  -5.606  1.00 24.39 ? 30   THR A C   1 
ATOM   216  O  O   . THR A 1 30  ? 8.929   -3.324  -5.506  1.00 18.67 ? 30   THR A O   1 
ATOM   217  C  CB  . THR A 1 30  ? 11.102  -2.603  -7.526  1.00 26.20 ? 30   THR A CB  1 
ATOM   218  O  OG1 . THR A 1 30  ? 11.782  -2.810  -8.775  1.00 18.27 ? 30   THR A OG1 1 
ATOM   219  C  CG2 . THR A 1 30  ? 12.078  -1.964  -6.562  1.00 19.80 ? 30   THR A CG2 1 
ATOM   220  N  N   . ILE A 1 31  ? 10.813  -4.260  -4.610  1.00 19.79 ? 31   ILE A N   1 
ATOM   221  C  CA  . ILE A 1 31  ? 10.307  -4.213  -3.233  1.00 22.32 ? 31   ILE A CA  1 
ATOM   222  C  C   . ILE A 1 31  ? 11.084  -3.216  -2.377  1.00 22.32 ? 31   ILE A C   1 
ATOM   223  O  O   . ILE A 1 31  ? 12.284  -3.309  -2.155  1.00 21.34 ? 31   ILE A O   1 
ATOM   224  C  CB  . ILE A 1 31  ? 10.369  -5.605  -2.573  1.00 21.24 ? 31   ILE A CB  1 
ATOM   225  C  CG1 . ILE A 1 31  ? 9.503   -6.653  -3.291  1.00 17.65 ? 31   ILE A CG1 1 
ATOM   226  C  CG2 . ILE A 1 31  ? 10.003  -5.494  -1.103  1.00 22.69 ? 31   ILE A CG2 1 
ATOM   227  C  CD1 . ILE A 1 31  ? 9.792   -8.074  -2.823  1.00 19.15 ? 31   ILE A CD1 1 
ATOM   228  N  N   . ILE A 1 32  ? 10.362  -2.221  -1.894  1.00 15.58 ? 32   ILE A N   1 
ATOM   229  C  CA  . ILE A 1 32  ? 10.914  -1.211  -1.002  1.00 16.11 ? 32   ILE A CA  1 
ATOM   230  C  C   . ILE A 1 32  ? 10.356  -1.418  0.401   1.00 16.26 ? 32   ILE A C   1 
ATOM   231  O  O   . ILE A 1 32  ? 9.153   -1.308  0.648   1.00 19.48 ? 32   ILE A O   1 
ATOM   232  C  CB  . ILE A 1 32  ? 10.646  0.224   -1.498  1.00 16.56 ? 32   ILE A CB  1 
ATOM   233  C  CG1 . ILE A 1 32  ? 11.184  0.461   -2.912  1.00 22.24 ? 32   ILE A CG1 1 
ATOM   234  C  CG2 . ILE A 1 32  ? 11.207  1.249   -0.531  1.00 13.47 ? 32   ILE A CG2 1 
ATOM   235  C  CD1 . ILE A 1 32  ? 10.915  1.857   -3.449  1.00 30.97 ? 32   ILE A CD1 1 
ATOM   236  N  N   . LEU A 1 33  ? 11.298  -1.721  1.298   1.00 16.60 ? 33   LEU A N   1 
ATOM   237  C  CA  . LEU A 1 33  ? 10.956  -1.760  2.722   1.00 23.72 ? 33   LEU A CA  1 
ATOM   238  C  C   . LEU A 1 33  ? 10.903  -0.315  3.218   1.00 27.31 ? 33   LEU A C   1 
ATOM   239  O  O   . LEU A 1 33  ? 11.922  0.211   3.682   1.00 25.76 ? 33   LEU A O   1 
ATOM   240  C  CB  . LEU A 1 33  ? 11.957  -2.641  3.464   1.00 18.81 ? 33   LEU A CB  1 
ATOM   241  C  CG  . LEU A 1 33  ? 12.049  -4.067  2.896   1.00 22.19 ? 33   LEU A CG  1 
ATOM   242  C  CD1 . LEU A 1 33  ? 13.207  -4.848  3.508   1.00 24.82 ? 33   LEU A CD1 1 
ATOM   243  C  CD2 . LEU A 1 33  ? 10.726  -4.786  3.109   1.00 23.33 ? 33   LEU A CD2 1 
ATOM   244  N  N   . TYR A 1 34  ? 9.731   0.308   3.071   1.00 21.64 ? 34   TYR A N   1 
ATOM   245  C  CA  . TYR A 1 34  ? 9.537   1.726   3.359   1.00 20.11 ? 34   TYR A CA  1 
ATOM   246  C  C   . TYR A 1 34  ? 9.928   2.041   4.799   1.00 26.67 ? 34   TYR A C   1 
ATOM   247  O  O   . TYR A 1 34  ? 10.327  3.177   5.111   1.00 21.80 ? 34   TYR A O   1 
ATOM   248  C  CB  . TYR A 1 34  ? 8.092   2.213   3.093   1.00 17.59 ? 34   TYR A CB  1 
ATOM   249  C  CG  . TYR A 1 34  ? 7.063   1.671   4.061   1.00 19.79 ? 34   TYR A CG  1 
ATOM   250  C  CD1 . TYR A 1 34  ? 6.677   2.350   5.215   1.00 20.56 ? 34   TYR A CD1 1 
ATOM   251  C  CD2 . TYR A 1 34  ? 6.471   0.439   3.802   1.00 20.96 ? 34   TYR A CD2 1 
ATOM   252  C  CE1 . TYR A 1 34  ? 5.733   1.831   6.090   1.00 23.46 ? 34   TYR A CE1 1 
ATOM   253  C  CE2 . TYR A 1 34  ? 5.524   -0.091  4.674   1.00 16.00 ? 34   TYR A CE2 1 
ATOM   254  C  CZ  . TYR A 1 34  ? 5.160   0.604   5.810   1.00 22.36 ? 34   TYR A CZ  1 
ATOM   255  O  OH  . TYR A 1 34  ? 4.219   0.061   6.663   1.00 24.54 ? 34   TYR A OH  1 
ATOM   256  N  N   . LEU A 1 35  ? 9.812   1.063   5.709   1.00 20.52 ? 35   LEU A N   1 
ATOM   257  C  CA  . LEU A 1 35  ? 10.174  1.428   7.090   1.00 27.91 ? 35   LEU A CA  1 
ATOM   258  C  C   . LEU A 1 35  ? 11.642  1.825   7.176   1.00 24.18 ? 35   LEU A C   1 
ATOM   259  O  O   . LEU A 1 35  ? 12.021  2.657   8.016   1.00 32.46 ? 35   LEU A O   1 
ATOM   260  C  CB  . LEU A 1 35  ? 9.884   0.308   8.091   1.00 29.97 ? 35   LEU A CB  1 
ATOM   261  C  CG  . LEU A 1 35  ? 8.420   -0.015  8.380   1.00 38.37 ? 35   LEU A CG  1 
ATOM   262  C  CD1 . LEU A 1 35  ? 8.284   -1.233  9.289   1.00 27.12 ? 35   LEU A CD1 1 
ATOM   263  C  CD2 . LEU A 1 35  ? 7.701   1.179   9.002   1.00 20.62 ? 35   LEU A CD2 1 
ATOM   264  N  N   . GLU A 1 36  ? 12.500  1.248   6.332   1.00 18.77 ? 36   GLU A N   1 
ATOM   265  C  CA  . GLU A 1 36  ? 13.912  1.613   6.421   1.00 23.76 ? 36   GLU A CA  1 
ATOM   266  C  C   . GLU A 1 36  ? 14.387  2.470   5.249   1.00 27.24 ? 36   GLU A C   1 
ATOM   267  O  O   . GLU A 1 36  ? 15.390  3.181   5.382   1.00 33.54 ? 36   GLU A O   1 
ATOM   268  C  CB  . GLU A 1 36  ? 14.785  0.363   6.521   1.00 30.53 ? 36   GLU A CB  1 
ATOM   269  C  CG  . GLU A 1 36  ? 14.226  -0.887  5.888   1.00 44.70 ? 36   GLU A CG  1 
ATOM   270  C  CD  . GLU A 1 36  ? 15.099  -2.104  6.176   1.00 63.11 ? 36   GLU A CD  1 
ATOM   271  O  OE1 . GLU A 1 36  ? 14.740  -2.915  7.060   1.00 50.47 ? 36   GLU A OE1 1 
ATOM   272  O  OE2 . GLU A 1 36  ? 16.147  -2.231  5.504   1.00 86.67 ? 36   GLU A OE2 1 
ATOM   273  N  N   . ASN A 1 37  ? 13.688  2.426   4.128   1.00 24.69 ? 37   ASN A N   1 
ATOM   274  C  CA  . ASN A 1 37  ? 13.951  3.206   2.931   1.00 27.36 ? 37   ASN A CA  1 
ATOM   275  C  C   . ASN A 1 37  ? 12.702  3.961   2.499   1.00 30.57 ? 37   ASN A C   1 
ATOM   276  O  O   . ASN A 1 37  ? 12.131  3.627   1.456   1.00 26.79 ? 37   ASN A O   1 
ATOM   277  C  CB  . ASN A 1 37  ? 14.399  2.281   1.796   1.00 29.10 ? 37   ASN A CB  1 
ATOM   278  C  CG  . ASN A 1 37  ? 15.652  1.504   2.157   1.00 48.11 ? 37   ASN A CG  1 
ATOM   279  O  OD1 . ASN A 1 37  ? 16.736  2.085   2.245   1.00 51.69 ? 37   ASN A OD1 1 
ATOM   280  N  ND2 . ASN A 1 37  ? 15.526  0.198   2.370   1.00 44.65 ? 37   ASN A ND2 1 
ATOM   281  N  N   . PRO A 1 38  ? 12.256  4.935   3.279   1.00 24.35 ? 38   PRO A N   1 
ATOM   282  C  CA  . PRO A 1 38  ? 11.034  5.659   2.918   1.00 18.26 ? 38   PRO A CA  1 
ATOM   283  C  C   . PRO A 1 38  ? 11.242  6.506   1.667   1.00 22.41 ? 38   PRO A C   1 
ATOM   284  O  O   . PRO A 1 38  ? 12.368  6.871   1.353   1.00 25.85 ? 38   PRO A O   1 
ATOM   285  C  CB  . PRO A 1 38  ? 10.796  6.586   4.110   1.00 22.21 ? 38   PRO A CB  1 
ATOM   286  C  CG  . PRO A 1 38  ? 12.178  6.802   4.659   1.00 28.65 ? 38   PRO A CG  1 
ATOM   287  C  CD  . PRO A 1 38  ? 12.836  5.447   4.532   1.00 28.73 ? 38   PRO A CD  1 
ATOM   288  N  N   . PRO A 1 39  ? 10.157  6.824   0.984   1.00 22.36 ? 39   PRO A N   1 
ATOM   289  C  CA  . PRO A 1 39  ? 10.261  7.704   -0.189  1.00 28.01 ? 39   PRO A CA  1 
ATOM   290  C  C   . PRO A 1 39  ? 10.790  9.079   0.228   1.00 27.47 ? 39   PRO A C   1 
ATOM   291  O  O   . PRO A 1 39  ? 10.653  9.389   1.411   1.00 26.50 ? 39   PRO A O   1 
ATOM   292  C  CB  . PRO A 1 39  ? 8.817   7.855   -0.652  1.00 21.60 ? 39   PRO A CB  1 
ATOM   293  C  CG  . PRO A 1 39  ? 7.974   7.447   0.522   1.00 24.33 ? 39   PRO A CG  1 
ATOM   294  C  CD  . PRO A 1 39  ? 8.775   6.418   1.273   1.00 19.62 ? 39   PRO A CD  1 
ATOM   295  N  N   . SER A 1 40  ? 11.327  9.863   -0.694  1.00 26.94 ? 40   SER A N   1 
ATOM   296  C  CA  . SER A 1 40  ? 11.638  11.269  -0.448  1.00 23.04 ? 40   SER A CA  1 
ATOM   297  C  C   . SER A 1 40  ? 10.374  12.117  -0.353  1.00 22.56 ? 40   SER A C   1 
ATOM   298  O  O   . SER A 1 40  ? 9.292   11.648  -0.727  1.00 22.74 ? 40   SER A O   1 
ATOM   299  C  CB  . SER A 1 40  ? 12.505  11.816  -1.590  1.00 24.98 ? 40   SER A CB  1 
ATOM   300  O  OG  . SER A 1 40  ? 11.682  11.863  -2.747  1.00 22.94 ? 40   SER A OG  1 
ATOM   301  N  N   . ARG A 1 41  ? 10.478  13.361  0.125   1.00 17.77 ? 41   ARG A N   1 
ATOM   302  C  CA  . ARG A 1 41  ? 9.292   14.226  0.186   1.00 23.35 ? 41   ARG A CA  1 
ATOM   303  C  C   . ARG A 1 41  ? 8.616   14.327  -1.177  1.00 23.28 ? 41   ARG A C   1 
ATOM   304  O  O   . ARG A 1 41  ? 7.405   14.188  -1.345  1.00 18.88 ? 41   ARG A O   1 
ATOM   305  C  CB  . ARG A 1 41  ? 9.647   15.625  0.719   1.00 22.79 ? 41   ARG A CB  1 
ATOM   306  C  CG  . ARG A 1 41  ? 8.432   16.414  1.196   1.00 22.36 ? 41   ARG A CG  1 
ATOM   307  C  CD  . ARG A 1 41  ? 8.775   17.702  1.947   1.00 22.06 ? 41   ARG A CD  1 
ATOM   308  N  NE  . ARG A 1 41  ? 7.680   18.038  2.878   1.00 15.70 ? 41   ARG A NE  1 
ATOM   309  C  CZ  . ARG A 1 41  ? 6.501   18.463  2.439   1.00 13.02 ? 41   ARG A CZ  1 
ATOM   310  N  NH1 . ARG A 1 41  ? 6.297   18.609  1.132   1.00 22.54 ? 41   ARG A NH1 1 
ATOM   311  N  NH2 . ARG A 1 41  ? 5.510   18.757  3.263   1.00 15.26 ? 41   ARG A NH2 1 
ATOM   312  N  N   . ASP A 1 42  ? 9.414   14.560  -2.226  1.00 21.73 ? 42   ASP A N   1 
ATOM   313  C  CA  . ASP A 1 42  ? 8.851   14.701  -3.564  1.00 22.21 ? 42   ASP A CA  1 
ATOM   314  C  C   . ASP A 1 42  ? 8.157   13.419  -4.035  1.00 20.66 ? 42   ASP A C   1 
ATOM   315  O  O   . ASP A 1 42  ? 7.043   13.517  -4.560  1.00 20.45 ? 42   ASP A O   1 
ATOM   316  C  CB  . ASP A 1 42  ? 9.920   15.082  -4.598  1.00 24.17 ? 42   ASP A CB  1 
ATOM   317  C  CG  . ASP A 1 42  ? 10.473  16.478  -4.353  1.00 32.61 ? 42   ASP A CG  1 
ATOM   318  O  OD1 . ASP A 1 42  ? 9.678   17.417  -4.148  1.00 41.47 ? 42   ASP A OD1 1 
ATOM   319  O  OD2 . ASP A 1 42  ? 11.716  16.636  -4.359  1.00 61.31 ? 42   ASP A OD2 1 
ATOM   320  N  N   . GLU A 1 43  ? 8.805   12.282  -3.833  1.00 22.30 ? 43   GLU A N   1 
ATOM   321  C  CA  . GLU A 1 43  ? 8.224   10.990  -4.187  1.00 24.26 ? 43   GLU A CA  1 
ATOM   322  C  C   . GLU A 1 43  ? 6.946   10.772  -3.390  1.00 20.67 ? 43   GLU A C   1 
ATOM   323  O  O   . GLU A 1 43  ? 5.926   10.309  -3.889  1.00 17.79 ? 43   GLU A O   1 
ATOM   324  C  CB  A GLU A 1 43  ? 9.201   9.848   -3.885  0.54 27.96 ? 43   GLU A CB  1 
ATOM   325  C  CB  B GLU A 1 43  ? 9.215   9.844   -3.995  0.46 27.93 ? 43   GLU A CB  1 
ATOM   326  C  CG  A GLU A 1 43  ? 10.589  9.939   -4.457  0.54 28.30 ? 43   GLU A CG  1 
ATOM   327  C  CG  B GLU A 1 43  ? 8.984   8.630   -4.877  0.46 25.10 ? 43   GLU A CG  1 
ATOM   328  C  CD  A GLU A 1 43  ? 11.567  8.837   -4.130  0.54 21.36 ? 43   GLU A CD  1 
ATOM   329  C  CD  B GLU A 1 43  ? 8.126   8.866   -6.101  0.46 18.49 ? 43   GLU A CD  1 
ATOM   330  O  OE1 A GLU A 1 43  ? 11.636  8.283   -3.018  0.54 13.45 ? 43   GLU A OE1 1 
ATOM   331  O  OE1 B GLU A 1 43  ? 7.075   8.212   -6.229  0.46 18.35 ? 43   GLU A OE1 1 
ATOM   332  O  OE2 A GLU A 1 43  ? 12.352  8.488   -5.045  0.54 31.34 ? 43   GLU A OE2 1 
ATOM   333  O  OE2 B GLU A 1 43  ? 8.476   9.685   -6.973  0.46 23.22 ? 43   GLU A OE2 1 
ATOM   334  N  N   . LEU A 1 44  ? 6.982   11.107  -2.105  1.00 18.56 ? 44   LEU A N   1 
ATOM   335  C  CA  . LEU A 1 44  ? 5.804   10.894  -1.273  1.00 19.84 ? 44   LEU A CA  1 
ATOM   336  C  C   . LEU A 1 44  ? 4.655   11.785  -1.719  1.00 20.26 ? 44   LEU A C   1 
ATOM   337  O  O   . LEU A 1 44  ? 3.514   11.343  -1.820  1.00 17.58 ? 44   LEU A O   1 
ATOM   338  C  CB  . LEU A 1 44  ? 6.141   11.151  0.189   1.00 17.45 ? 44   LEU A CB  1 
ATOM   339  C  CG  . LEU A 1 44  ? 5.016   10.927  1.200   1.00 14.15 ? 44   LEU A CG  1 
ATOM   340  C  CD1 . LEU A 1 44  ? 4.317   9.585   1.028   1.00 16.80 ? 44   LEU A CD1 1 
ATOM   341  C  CD2 . LEU A 1 44  ? 5.604   11.024  2.590   1.00 17.04 ? 44   LEU A CD2 1 
ATOM   342  N  N   . VAL A 1 45  ? 4.911   13.057  -2.011  1.00 17.92 ? 45   VAL A N   1 
ATOM   343  C  CA  . VAL A 1 45  ? 3.804   13.884  -2.538  1.00 17.36 ? 45   VAL A CA  1 
ATOM   344  C  C   . VAL A 1 45  ? 3.210   13.285  -3.808  1.00 18.93 ? 45   VAL A C   1 
ATOM   345  O  O   . VAL A 1 45  ? 1.988   13.237  -4.035  1.00 21.08 ? 45   VAL A O   1 
ATOM   346  C  CB  . VAL A 1 45  ? 4.316   15.323  -2.738  1.00 19.45 ? 45   VAL A CB  1 
ATOM   347  C  CG1 . VAL A 1 45  ? 3.291   16.246  -3.373  1.00 19.89 ? 45   VAL A CG1 1 
ATOM   348  C  CG2 . VAL A 1 45  ? 4.735   15.919  -1.382  1.00 23.02 ? 45   VAL A CG2 1 
ATOM   349  N  N   . LYS A 1 46  ? 4.059   12.767  -4.698  1.00 28.88 ? 46   LYS A N   1 
ATOM   350  C  CA  . LYS A 1 46  ? 3.579   12.205  -5.956  1.00 24.89 ? 46   LYS A CA  1 
ATOM   351  C  C   . LYS A 1 46  ? 2.704   10.974  -5.741  1.00 26.30 ? 46   LYS A C   1 
ATOM   352  O  O   . LYS A 1 46  ? 1.643   10.812  -6.337  1.00 20.64 ? 46   LYS A O   1 
ATOM   353  C  CB  . LYS A 1 46  ? 4.741   11.823  -6.874  1.00 24.92 ? 46   LYS A CB  1 
ATOM   354  C  CG  . LYS A 1 46  ? 4.236   11.223  -8.189  1.00 29.93 ? 46   LYS A CG  1 
ATOM   355  C  CD  . LYS A 1 46  ? 5.341   11.179  -9.231  1.00 40.31 ? 46   LYS A CD  1 
ATOM   356  C  CE  . LYS A 1 46  ? 5.087   10.089  -10.266 1.00 46.46 ? 46   LYS A CE  1 
ATOM   357  N  NZ  . LYS A 1 46  ? 6.239   9.947   -11.203 1.00 58.08 ? 46   LYS A NZ  1 
ATOM   358  N  N   . LEU A 1 47  ? 3.160   10.083  -4.861  1.00 25.62 ? 47   LEU A N   1 
ATOM   359  C  CA  . LEU A 1 47  ? 2.379   8.889   -4.566  1.00 19.88 ? 47   LEU A CA  1 
ATOM   360  C  C   . LEU A 1 47  ? 0.981   9.258   -4.110  1.00 13.73 ? 47   LEU A C   1 
ATOM   361  O  O   . LEU A 1 47  ? -0.051  8.761   -4.545  1.00 20.04 ? 47   LEU A O   1 
ATOM   362  C  CB  . LEU A 1 47  ? 3.092   8.069   -3.485  1.00 21.53 ? 47   LEU A CB  1 
ATOM   363  C  CG  . LEU A 1 47  ? 4.416   7.425   -3.892  1.00 25.84 ? 47   LEU A CG  1 
ATOM   364  C  CD1 . LEU A 1 47  ? 5.138   6.864   -2.676  1.00 21.02 ? 47   LEU A CD1 1 
ATOM   365  C  CD2 . LEU A 1 47  ? 4.197   6.308   -4.912  1.00 16.62 ? 47   LEU A CD2 1 
ATOM   366  N  N   . ILE A 1 48  ? 0.942   10.234  -3.194  1.00 15.37 ? 48   ILE A N   1 
ATOM   367  C  CA  . ILE A 1 48  ? -0.343  10.619  -2.623  1.00 18.88 ? 48   ILE A CA  1 
ATOM   368  C  C   . ILE A 1 48  ? -1.228  11.181  -3.728  1.00 20.47 ? 48   ILE A C   1 
ATOM   369  O  O   . ILE A 1 48  ? -2.383  10.824  -3.849  1.00 16.74 ? 48   ILE A O   1 
ATOM   370  C  CB  . ILE A 1 48  ? -0.148  11.621  -1.471  1.00 18.97 ? 48   ILE A CB  1 
ATOM   371  C  CG1 . ILE A 1 48  ? 0.511   10.981  -0.242  1.00 15.89 ? 48   ILE A CG1 1 
ATOM   372  C  CG2 . ILE A 1 48  ? -1.448  12.307  -1.086  1.00 20.82 ? 48   ILE A CG2 1 
ATOM   373  C  CD1 . ILE A 1 48  ? 1.143   11.950  0.717   1.00 15.78 ? 48   ILE A CD1 1 
ATOM   374  N  N   . ALA A 1 49  ? -0.656  12.063  -4.542  1.00 24.19 ? 49   ALA A N   1 
ATOM   375  C  CA  . ALA A 1 49  ? -1.462  12.596  -5.638  1.00 27.53 ? 49   ALA A CA  1 
ATOM   376  C  C   . ALA A 1 49  ? -1.984  11.477  -6.531  1.00 22.86 ? 49   ALA A C   1 
ATOM   377  O  O   . ALA A 1 49  ? -3.151  11.434  -6.919  1.00 21.65 ? 49   ALA A O   1 
ATOM   378  C  CB  . ALA A 1 49  ? -0.621  13.578  -6.437  1.00 27.52 ? 49   ALA A CB  1 
ATOM   379  N  N   . ASP A 1 50  ? -1.109  10.518  -6.850  1.00 23.00 ? 50   ASP A N   1 
ATOM   380  C  CA  . ASP A 1 50  ? -1.512  9.498   -7.813  1.00 19.80 ? 50   ASP A CA  1 
ATOM   381  C  C   . ASP A 1 50  ? -2.522  8.517   -7.230  1.00 24.45 ? 50   ASP A C   1 
ATOM   382  O  O   . ASP A 1 50  ? -3.360  7.989   -7.967  1.00 21.18 ? 50   ASP A O   1 
ATOM   383  C  CB  . ASP A 1 50  ? -0.294  8.747   -8.354  1.00 17.27 ? 50   ASP A CB  1 
ATOM   384  C  CG  . ASP A 1 50  ? 0.578   9.564   -9.276  1.00 26.63 ? 50   ASP A CG  1 
ATOM   385  O  OD1 . ASP A 1 50  ? 1.677   9.095   -9.622  1.00 26.59 ? 50   ASP A OD1 1 
ATOM   386  O  OD2 . ASP A 1 50  ? 0.160   10.684  -9.639  1.00 31.82 ? 50   ASP A OD2 1 
ATOM   387  N  N   . MET A 1 51  ? -2.472  8.251   -5.938  1.00 19.33 ? 51   MET A N   1 
ATOM   388  C  CA  . MET A 1 51  ? -3.422  7.390   -5.250  1.00 24.33 ? 51   MET A CA  1 
ATOM   389  C  C   . MET A 1 51  ? -4.834  7.939   -5.175  1.00 27.11 ? 51   MET A C   1 
ATOM   390  O  O   . MET A 1 51  ? -5.765  7.184   -4.910  1.00 32.16 ? 51   MET A O   1 
ATOM   391  C  CB  . MET A 1 51  ? -2.929  7.126   -3.801  1.00 20.27 ? 51   MET A CB  1 
ATOM   392  C  CG  . MET A 1 51  ? -1.871  6.019   -3.840  1.00 17.91 ? 51   MET A CG  1 
ATOM   393  S  SD  . MET A 1 51  ? -1.336  5.561   -2.179  1.00 28.37 ? 51   MET A SD  1 
ATOM   394  C  CE  . MET A 1 51  ? -0.164  6.869   -1.834  1.00 16.01 ? 51   MET A CE  1 
ATOM   395  N  N   . GLY A 1 52  ? -5.001  9.241   -5.371  1.00 31.03 ? 52   GLY A N   1 
ATOM   396  C  CA  . GLY A 1 52  ? -6.288  9.885   -5.248  1.00 33.72 ? 52   GLY A CA  1 
ATOM   397  C  C   . GLY A 1 52  ? -6.841  9.877   -3.846  1.00 35.51 ? 52   GLY A C   1 
ATOM   398  O  O   . GLY A 1 52  ? -8.046  9.971   -3.606  1.00 34.95 ? 52   GLY A O   1 
ATOM   399  N  N   . ILE A 1 53  ? -5.997  9.770   -2.818  1.00 31.59 ? 53   ILE A N   1 
ATOM   400  C  CA  . ILE A 1 53  ? -6.613  9.834   -1.491  1.00 29.75 ? 53   ILE A CA  1 
ATOM   401  C  C   . ILE A 1 53  ? -6.105  11.060  -0.731  1.00 23.84 ? 53   ILE A C   1 
ATOM   402  O  O   . ILE A 1 53  ? -5.178  11.721  -1.203  1.00 22.49 ? 53   ILE A O   1 
ATOM   403  C  CB  . ILE A 1 53  ? -6.307  8.567   -0.689  1.00 27.86 ? 53   ILE A CB  1 
ATOM   404  C  CG1 . ILE A 1 53  ? -4.815  8.436   -0.334  1.00 20.78 ? 53   ILE A CG1 1 
ATOM   405  C  CG2 . ILE A 1 53  ? -6.789  7.304   -1.387  1.00 30.87 ? 53   ILE A CG2 1 
ATOM   406  C  CD1 . ILE A 1 53  ? -4.611  7.178   0.510   1.00 24.30 ? 53   ILE A CD1 1 
ATOM   407  N  N   . SER A 1 54  ? -6.700  11.351  0.422   1.00 21.63 ? 54   SER A N   1 
ATOM   408  C  CA  . SER A 1 54  ? -6.186  12.478  1.219   1.00 23.39 ? 54   SER A CA  1 
ATOM   409  C  C   . SER A 1 54  ? -4.897  12.081  1.924   1.00 24.27 ? 54   SER A C   1 
ATOM   410  O  O   . SER A 1 54  ? -4.609  10.892  2.089   1.00 21.25 ? 54   SER A O   1 
ATOM   411  C  CB  . SER A 1 54  ? -7.234  12.936  2.231   1.00 22.34 ? 54   SER A CB  1 
ATOM   412  O  OG  . SER A 1 54  ? -7.384  11.975  3.262   1.00 21.66 ? 54   SER A OG  1 
ATOM   413  N  N   . VAL A 1 55  ? -4.116  13.077  2.330   1.00 15.21 ? 55   VAL A N   1 
ATOM   414  C  CA  . VAL A 1 55  ? -2.906  12.802  3.083   1.00 15.79 ? 55   VAL A CA  1 
ATOM   415  C  C   . VAL A 1 55  ? -3.302  12.047  4.355   1.00 18.90 ? 55   VAL A C   1 
ATOM   416  O  O   . VAL A 1 55  ? -2.670  11.052  4.676   1.00 19.47 ? 55   VAL A O   1 
ATOM   417  C  CB  . VAL A 1 55  ? -2.173  14.097  3.442   1.00 21.50 ? 55   VAL A CB  1 
ATOM   418  C  CG1 . VAL A 1 55  ? -0.987  13.816  4.352   1.00 22.68 ? 55   VAL A CG1 1 
ATOM   419  C  CG2 . VAL A 1 55  ? -1.735  14.814  2.168   1.00 19.83 ? 55   VAL A CG2 1 
ATOM   420  N  N   . ARG A 1 56  ? -4.341  12.509  5.052   1.00 18.90 ? 56   ARG A N   1 
ATOM   421  C  CA  . ARG A 1 56  ? -4.759  11.866  6.301   1.00 19.27 ? 56   ARG A CA  1 
ATOM   422  C  C   . ARG A 1 56  ? -5.191  10.418  6.078   1.00 19.47 ? 56   ARG A C   1 
ATOM   423  O  O   . ARG A 1 56  ? -5.034  9.573   6.969   1.00 21.77 ? 56   ARG A O   1 
ATOM   424  C  CB  . ARG A 1 56  ? -5.887  12.670  6.969   1.00 14.01 ? 56   ARG A CB  1 
ATOM   425  C  CG  . ARG A 1 56  ? -6.468  11.989  8.204   1.00 17.33 ? 56   ARG A CG  1 
ATOM   426  C  CD  . ARG A 1 56  ? -7.374  12.942  8.958   1.00 19.10 ? 56   ARG A CD  1 
ATOM   427  N  NE  . ARG A 1 56  ? -6.656  13.955  9.738   1.00 23.94 ? 56   ARG A NE  1 
ATOM   428  C  CZ  . ARG A 1 56  ? -6.049  13.736  10.900  1.00 22.20 ? 56   ARG A CZ  1 
ATOM   429  N  NH1 . ARG A 1 56  ? -5.439  14.753  11.506  1.00 16.82 ? 56   ARG A NH1 1 
ATOM   430  N  NH2 . ARG A 1 56  ? -6.026  12.534  11.482  1.00 17.60 ? 56   ARG A NH2 1 
ATOM   431  N  N   . ALA A 1 57  ? -5.756  10.046  4.929   1.00 22.09 ? 57   ALA A N   1 
ATOM   432  C  CA  . ALA A 1 57  ? -6.174  8.660   4.717   1.00 21.54 ? 57   ALA A CA  1 
ATOM   433  C  C   . ALA A 1 57  ? -4.956  7.750   4.580   1.00 19.59 ? 57   ALA A C   1 
ATOM   434  O  O   . ALA A 1 57  ? -5.061  6.530   4.741   1.00 21.26 ? 57   ALA A O   1 
ATOM   435  C  CB  . ALA A 1 57  ? -7.056  8.520   3.481   1.00 19.71 ? 57   ALA A CB  1 
ATOM   436  N  N   . LEU A 1 58  ? -3.796  8.336   4.279   1.00 18.79 ? 58   LEU A N   1 
ATOM   437  C  CA  . LEU A 1 58  ? -2.581  7.530   4.205   1.00 13.84 ? 58   LEU A CA  1 
ATOM   438  C  C   . LEU A 1 58  ? -1.989  7.253   5.582   1.00 19.71 ? 58   LEU A C   1 
ATOM   439  O  O   . LEU A 1 58  ? -1.088  6.421   5.684   1.00 24.99 ? 58   LEU A O   1 
ATOM   440  C  CB  . LEU A 1 58  ? -1.531  8.175   3.294   1.00 11.52 ? 58   LEU A CB  1 
ATOM   441  C  CG  . LEU A 1 58  ? -0.283  7.321   3.031   1.00 18.15 ? 58   LEU A CG  1 
ATOM   442  C  CD1 . LEU A 1 58  ? -0.686  5.947   2.505   1.00 16.20 ? 58   LEU A CD1 1 
ATOM   443  C  CD2 . LEU A 1 58  ? 0.660   8.039   2.086   1.00 23.94 ? 58   LEU A CD2 1 
ATOM   444  N  N   . LEU A 1 59  ? -2.451  7.925   6.637   1.00 20.43 ? 59   LEU A N   1 
ATOM   445  C  CA  . LEU A 1 59  ? -1.851  7.731   7.953   1.00 17.55 ? 59   LEU A CA  1 
ATOM   446  C  C   . LEU A 1 59  ? -2.243  6.373   8.566   1.00 21.91 ? 59   LEU A C   1 
ATOM   447  O  O   . LEU A 1 59  ? -3.433  6.070   8.639   1.00 18.23 ? 59   LEU A O   1 
ATOM   448  C  CB  . LEU A 1 59  ? -2.305  8.795   8.956   1.00 15.30 ? 59   LEU A CB  1 
ATOM   449  C  CG  . LEU A 1 59  ? -1.760  10.209  8.829   1.00 22.70 ? 59   LEU A CG  1 
ATOM   450  C  CD1 . LEU A 1 59  ? -2.376  11.103  9.891   1.00 21.68 ? 59   LEU A CD1 1 
ATOM   451  C  CD2 . LEU A 1 59  ? -0.241  10.167  8.948   1.00 15.12 ? 59   LEU A CD2 1 
ATOM   452  N  N   . ALA A 1 60  ? -1.246  5.619   9.008   1.00 20.10 ? 60   ALA A N   1 
ATOM   453  C  CA  . ALA A 1 60  ? -1.475  4.408   9.784   1.00 20.26 ? 60   ALA A CA  1 
ATOM   454  C  C   . ALA A 1 60  ? -1.924  4.767   11.186  1.00 19.15 ? 60   ALA A C   1 
ATOM   455  O  O   . ALA A 1 60  ? -1.219  5.476   11.905  1.00 21.41 ? 60   ALA A O   1 
ATOM   456  C  CB  . ALA A 1 60  ? -0.200  3.573   9.798   1.00 20.09 ? 60   ALA A CB  1 
ATOM   457  N  N   . LYS A 1 61  ? -3.112  4.342   11.627  1.00 19.86 ? 61   LYS A N   1 
ATOM   458  C  CA  . LYS A 1 61  ? -3.452  4.658   13.021  1.00 20.27 ? 61   LYS A CA  1 
ATOM   459  C  C   . LYS A 1 61  ? -2.928  3.536   13.907  1.00 28.32 ? 61   LYS A C   1 
ATOM   460  O  O   . LYS A 1 61  ? -2.541  2.473   13.420  1.00 40.10 ? 61   LYS A O   1 
ATOM   461  C  CB  . LYS A 1 61  ? -4.955  4.864   13.182  1.00 18.85 ? 61   LYS A CB  1 
ATOM   462  C  CG  . LYS A 1 61  ? -5.661  5.482   11.985  1.00 23.82 ? 61   LYS A CG  1 
ATOM   463  C  CD  . LYS A 1 61  ? -7.108  5.786   12.359  1.00 34.95 ? 61   LYS A CD  1 
ATOM   464  C  CE  . LYS A 1 61  ? -7.844  6.551   11.277  1.00 37.76 ? 61   LYS A CE  1 
ATOM   465  N  NZ  . LYS A 1 61  ? -9.329  6.424   11.417  1.00 52.01 ? 61   LYS A NZ  1 
ATOM   466  N  N   . ASN A 1 62  ? -2.886  3.712   15.221  1.00 31.54 ? 62   ASN A N   1 
ATOM   467  C  CA  . ASN A 1 62  ? -2.480  2.577   16.061  1.00 35.93 ? 62   ASN A CA  1 
ATOM   468  C  C   . ASN A 1 62  ? -1.025  2.170   15.863  1.00 31.93 ? 62   ASN A C   1 
ATOM   469  O  O   . ASN A 1 62  ? -0.639  1.011   15.997  1.00 34.19 ? 62   ASN A O   1 
ATOM   470  C  CB  . ASN A 1 62  ? -3.394  1.357   15.840  1.00 46.81 ? 62   ASN A CB  1 
ATOM   471  C  CG  . ASN A 1 62  ? -4.817  1.691   16.266  1.00 55.50 ? 62   ASN A CG  1 
ATOM   472  O  OD1 . ASN A 1 62  ? -5.120  1.779   17.457  1.00 71.44 ? 62   ASN A OD1 1 
ATOM   473  N  ND2 . ASN A 1 62  ? -5.682  1.887   15.277  1.00 35.96 ? 62   ASN A ND2 1 
ATOM   474  N  N   . VAL A 1 63  ? -0.174  3.135   15.569  1.00 21.09 ? 63   VAL A N   1 
ATOM   475  C  CA  . VAL A 1 63  ? 1.273   3.008   15.604  1.00 14.69 ? 63   VAL A CA  1 
ATOM   476  C  C   . VAL A 1 63  ? 1.745   4.101   16.565  1.00 16.32 ? 63   VAL A C   1 
ATOM   477  O  O   . VAL A 1 63  ? 1.020   5.082   16.727  1.00 17.35 ? 63   VAL A O   1 
ATOM   478  C  CB  . VAL A 1 63  ? 1.959   3.140   14.241  1.00 17.90 ? 63   VAL A CB  1 
ATOM   479  C  CG1 . VAL A 1 63  ? 1.550   1.977   13.347  1.00 23.79 ? 63   VAL A CG1 1 
ATOM   480  C  CG2 . VAL A 1 63  ? 1.634   4.501   13.636  1.00 17.68 ? 63   VAL A CG2 1 
ATOM   481  N  N   . GLU A 1 64  ? 2.871   3.888   17.209  1.00 15.48 ? 64   GLU A N   1 
ATOM   482  C  CA  . GLU A 1 64  ? 3.298   4.757   18.300  1.00 14.02 ? 64   GLU A CA  1 
ATOM   483  C  C   . GLU A 1 64  ? 3.359   6.229   17.946  1.00 14.15 ? 64   GLU A C   1 
ATOM   484  O  O   . GLU A 1 64  ? 2.881   7.014   18.761  1.00 15.60 ? 64   GLU A O   1 
ATOM   485  C  CB  . GLU A 1 64  ? 4.676   4.275   18.787  1.00 15.48 ? 64   GLU A CB  1 
ATOM   486  C  CG  . GLU A 1 64  ? 5.131   4.998   20.060  1.00 16.11 ? 64   GLU A CG  1 
ATOM   487  C  CD  . GLU A 1 64  ? 6.307   4.296   20.723  1.00 20.59 ? 64   GLU A CD  1 
ATOM   488  O  OE1 . GLU A 1 64  ? 6.809   4.766   21.773  1.00 20.58 ? 64   GLU A OE1 1 
ATOM   489  O  OE2 . GLU A 1 64  ? 6.776   3.253   20.207  1.00 25.63 ? 64   GLU A OE2 1 
ATOM   490  N  N   . PRO A 1 65  ? 3.930   6.676   16.823  1.00 19.46 ? 65   PRO A N   1 
ATOM   491  C  CA  . PRO A 1 65  ? 3.947   8.120   16.504  1.00 21.63 ? 65   PRO A CA  1 
ATOM   492  C  C   . PRO A 1 65  ? 2.544   8.664   16.288  1.00 15.85 ? 65   PRO A C   1 
ATOM   493  O  O   . PRO A 1 65  ? 2.205   9.798   16.647  1.00 13.37 ? 65   PRO A O   1 
ATOM   494  C  CB  . PRO A 1 65  ? 4.740   8.232   15.203  1.00 22.24 ? 65   PRO A CB  1 
ATOM   495  C  CG  . PRO A 1 65  ? 5.299   6.901   14.931  1.00 23.91 ? 65   PRO A CG  1 
ATOM   496  C  CD  . PRO A 1 65  ? 4.600   5.893   15.804  1.00 13.68 ? 65   PRO A CD  1 
ATOM   497  N  N   . TYR A 1 66  ? 1.643   7.875   15.699  1.00 18.56 ? 66   TYR A N   1 
ATOM   498  C  CA  . TYR A 1 66  ? 0.281   8.401   15.575  1.00 16.79 ? 66   TYR A CA  1 
ATOM   499  C  C   . TYR A 1 66  ? -0.362  8.720   16.914  1.00 19.14 ? 66   TYR A C   1 
ATOM   500  O  O   . TYR A 1 66  ? -1.054  9.721   17.102  1.00 13.64 ? 66   TYR A O   1 
ATOM   501  C  CB  . TYR A 1 66  ? -0.579  7.386   14.816  1.00 17.78 ? 66   TYR A CB  1 
ATOM   502  C  CG  . TYR A 1 66  ? -1.967  7.851   14.438  1.00 14.26 ? 66   TYR A CG  1 
ATOM   503  C  CD1 . TYR A 1 66  ? -3.055  7.762   15.300  1.00 18.01 ? 66   TYR A CD1 1 
ATOM   504  C  CD2 . TYR A 1 66  ? -2.200  8.362   13.158  1.00 15.18 ? 66   TYR A CD2 1 
ATOM   505  C  CE1 . TYR A 1 66  ? -4.327  8.184   14.930  1.00 25.51 ? 66   TYR A CE1 1 
ATOM   506  C  CE2 . TYR A 1 66  ? -3.452  8.779   12.777  1.00 14.65 ? 66   TYR A CE2 1 
ATOM   507  C  CZ  . TYR A 1 66  ? -4.516  8.692   13.657  1.00 24.96 ? 66   TYR A CZ  1 
ATOM   508  O  OH  . TYR A 1 66  ? -5.765  9.114   13.267  1.00 19.77 ? 66   TYR A OH  1 
ATOM   509  N  N   . GLU A 1 67  ? -0.189  7.824   17.874  1.00 16.98 ? 67   GLU A N   1 
ATOM   510  C  CA  . GLU A 1 67  ? -0.749  7.951   19.210  1.00 18.09 ? 67   GLU A CA  1 
ATOM   511  C  C   . GLU A 1 67  ? -0.082  9.096   19.960  1.00 12.29 ? 67   GLU A C   1 
ATOM   512  O  O   . GLU A 1 67  ? -0.758  9.998   20.478  1.00 14.19 ? 67   GLU A O   1 
ATOM   513  C  CB  . GLU A 1 67  ? -0.569  6.588   19.901  1.00 14.57 ? 67   GLU A CB  1 
ATOM   514  C  CG  . GLU A 1 67  ? -1.586  5.550   19.414  1.00 23.72 ? 67   GLU A CG  1 
ATOM   515  C  CD  . GLU A 1 67  ? -1.123  4.118   19.452  1.00 37.62 ? 67   GLU A CD  1 
ATOM   516  O  OE1 . GLU A 1 67  ? -1.950  3.180   19.273  1.00 37.17 ? 67   GLU A OE1 1 
ATOM   517  O  OE2 . GLU A 1 67  ? 0.086   3.871   19.654  1.00 31.03 ? 67   GLU A OE2 1 
ATOM   518  N  N   . GLN A 1 68  ? 1.262   9.069   20.013  1.00 13.08 ? 68   GLN A N   1 
ATOM   519  C  CA  . GLN A 1 68  ? 2.014   9.989   20.859  1.00 12.77 ? 68   GLN A CA  1 
ATOM   520  C  C   . GLN A 1 68  ? 2.037   11.410  20.281  1.00 15.88 ? 68   GLN A C   1 
ATOM   521  O  O   . GLN A 1 68  ? 2.137   12.379  21.034  1.00 15.19 ? 68   GLN A O   1 
ATOM   522  C  CB  . GLN A 1 68  ? 3.468   9.547   21.051  1.00 16.68 ? 68   GLN A CB  1 
ATOM   523  C  CG  . GLN A 1 68  ? 3.556   8.317   21.947  1.00 20.13 ? 68   GLN A CG  1 
ATOM   524  C  CD  . GLN A 1 68  ? 4.979   7.820   22.148  1.00 15.13 ? 68   GLN A CD  1 
ATOM   525  O  OE1 . GLN A 1 68  ? 5.884   8.262   21.462  1.00 21.03 ? 68   GLN A OE1 1 
ATOM   526  N  NE2 . GLN A 1 68  ? 5.139   6.907   23.095  1.00 20.49 ? 68   GLN A NE2 1 
ATOM   527  N  N   . LEU A 1 69  ? 1.935   11.505  18.954  1.00 16.02 ? 69   LEU A N   1 
ATOM   528  C  CA  . LEU A 1 69  ? 1.883   12.852  18.376  1.00 16.10 ? 69   LEU A CA  1 
ATOM   529  C  C   . LEU A 1 69  ? 0.470   13.397  18.359  1.00 15.92 ? 69   LEU A C   1 
ATOM   530  O  O   . LEU A 1 69  ? 0.232   14.536  17.928  1.00 19.68 ? 69   LEU A O   1 
ATOM   531  C  CB  . LEU A 1 69  ? 2.479   12.859  16.966  1.00 15.23 ? 69   LEU A CB  1 
ATOM   532  C  CG  . LEU A 1 69  ? 3.992   12.622  16.893  1.00 15.72 ? 69   LEU A CG  1 
ATOM   533  C  CD1 . LEU A 1 69  ? 4.408   12.188  15.484  1.00 20.55 ? 69   LEU A CD1 1 
ATOM   534  C  CD2 . LEU A 1 69  ? 4.765   13.874  17.317  1.00 17.59 ? 69   LEU A CD2 1 
ATOM   535  N  N   . GLY A 1 70  ? -0.536  12.655  18.821  1.00 12.81 ? 70   GLY A N   1 
ATOM   536  C  CA  . GLY A 1 70  ? -1.875  13.254  18.844  1.00 13.42 ? 70   GLY A CA  1 
ATOM   537  C  C   . GLY A 1 70  ? -2.508  13.425  17.467  1.00 15.62 ? 70   GLY A C   1 
ATOM   538  O  O   . GLY A 1 70  ? -3.368  14.280  17.245  1.00 18.12 ? 70   GLY A O   1 
ATOM   539  N  N   . LEU A 1 71  ? -2.095  12.630  16.484  1.00 17.61 ? 71   LEU A N   1 
ATOM   540  C  CA  . LEU A 1 71  ? -2.520  12.839  15.104  1.00 18.66 ? 71   LEU A CA  1 
ATOM   541  C  C   . LEU A 1 71  ? -3.982  12.530  14.878  1.00 17.84 ? 71   LEU A C   1 
ATOM   542  O  O   . LEU A 1 71  ? -4.564  12.853  13.827  1.00 17.62 ? 71   LEU A O   1 
ATOM   543  C  CB  . LEU A 1 71  ? -1.654  11.978  14.183  1.00 12.95 ? 71   LEU A CB  1 
ATOM   544  C  CG  . LEU A 1 71  ? -0.148  12.272  14.216  1.00 11.98 ? 71   LEU A CG  1 
ATOM   545  C  CD1 . LEU A 1 71  ? 0.568   11.557  13.072  1.00 17.42 ? 71   LEU A CD1 1 
ATOM   546  C  CD2 . LEU A 1 71  ? 0.079   13.785  14.169  1.00 16.12 ? 71   LEU A CD2 1 
ATOM   547  N  N   . ALA A 1 72  ? -4.625  11.880  15.859  1.00 15.71 ? 72   ALA A N   1 
ATOM   548  C  CA  . ALA A 1 72  ? -6.056  11.630  15.676  1.00 21.79 ? 72   ALA A CA  1 
ATOM   549  C  C   . ALA A 1 72  ? -6.841  12.942  15.665  1.00 24.35 ? 72   ALA A C   1 
ATOM   550  O  O   . ALA A 1 72  ? -7.942  13.018  15.105  1.00 21.87 ? 72   ALA A O   1 
ATOM   551  C  CB  . ALA A 1 72  ? -6.592  10.720  16.768  1.00 20.52 ? 72   ALA A CB  1 
ATOM   552  N  N   . GLU A 1 73  ? -6.272  13.964  16.302  1.00 19.60 ? 73   GLU A N   1 
ATOM   553  C  CA  . GLU A 1 73  ? -6.901  15.276  16.413  1.00 20.05 ? 73   GLU A CA  1 
ATOM   554  C  C   . GLU A 1 73  ? -6.780  16.071  15.112  1.00 21.21 ? 73   GLU A C   1 
ATOM   555  O  O   . GLU A 1 73  ? -5.749  15.969  14.463  1.00 19.51 ? 73   GLU A O   1 
ATOM   556  C  CB  . GLU A 1 73  ? -6.292  16.150  17.513  1.00 23.14 ? 73   GLU A CB  1 
ATOM   557  C  CG  . GLU A 1 73  ? -6.370  15.559  18.925  1.00 37.65 ? 73   GLU A CG  1 
ATOM   558  C  CD  . GLU A 1 73  ? -5.660  16.457  19.933  1.00 38.67 ? 73   GLU A CD  1 
ATOM   559  O  OE1 . GLU A 1 73  ? -4.698  16.048  20.617  1.00 45.62 ? 73   GLU A OE1 1 
ATOM   560  O  OE2 . GLU A 1 73  ? -6.072  17.626  20.024  1.00 44.31 ? 73   GLU A OE2 1 
ATOM   561  N  N   . ASP A 1 74  ? -7.810  16.840  14.791  1.00 15.79 ? 74   ASP A N   1 
ATOM   562  C  CA  . ASP A 1 74  ? -7.802  17.630  13.547  1.00 21.55 ? 74   ASP A CA  1 
ATOM   563  C  C   . ASP A 1 74  ? -7.072  18.958  13.771  1.00 20.21 ? 74   ASP A C   1 
ATOM   564  O  O   . ASP A 1 74  ? -7.697  20.010  13.801  1.00 21.28 ? 74   ASP A O   1 
ATOM   565  C  CB  . ASP A 1 74  ? -9.213  17.852  13.049  1.00 24.48 ? 74   ASP A CB  1 
ATOM   566  C  CG  . ASP A 1 74  ? -9.303  18.417  11.648  1.00 27.60 ? 74   ASP A CG  1 
ATOM   567  O  OD1 . ASP A 1 74  ? -10.398 18.914  11.319  1.00 26.90 ? 74   ASP A OD1 1 
ATOM   568  O  OD2 . ASP A 1 74  ? -8.327  18.375  10.874  1.00 23.48 ? 74   ASP A OD2 1 
ATOM   569  N  N   . LYS A 1 75  ? -5.753  18.836  13.955  1.00 16.73 ? 75   LYS A N   1 
ATOM   570  C  CA  . LYS A 1 75  ? -4.957  20.024  14.252  1.00 24.05 ? 75   LYS A CA  1 
ATOM   571  C  C   . LYS A 1 75  ? -3.732  20.144  13.352  1.00 16.56 ? 75   LYS A C   1 
ATOM   572  O  O   . LYS A 1 75  ? -2.756  20.803  13.710  1.00 18.16 ? 75   LYS A O   1 
ATOM   573  C  CB  . LYS A 1 75  ? -4.525  19.957  15.727  1.00 27.41 ? 75   LYS A CB  1 
ATOM   574  C  CG  . LYS A 1 75  ? -5.664  20.418  16.626  1.00 36.48 ? 75   LYS A CG  1 
ATOM   575  C  CD  . LYS A 1 75  ? -5.501  19.883  18.041  1.00 51.06 ? 75   LYS A CD  1 
ATOM   576  C  CE  . LYS A 1 75  ? -6.826  20.026  18.795  1.00 55.01 ? 75   LYS A CE  1 
ATOM   577  N  NZ  . LYS A 1 75  ? -6.621  19.988  20.270  1.00 59.78 ? 75   LYS A NZ  1 
ATOM   578  N  N   . PHE A 1 76  ? -3.773  19.474  12.203  1.00 14.12 ? 76   PHE A N   1 
ATOM   579  C  CA  . PHE A 1 76  ? -2.572  19.325  11.388  1.00 14.93 ? 76   PHE A CA  1 
ATOM   580  C  C   . PHE A 1 76  ? -2.849  19.606  9.928   1.00 19.30 ? 76   PHE A C   1 
ATOM   581  O  O   . PHE A 1 76  ? -3.779  19.043  9.361   1.00 18.48 ? 76   PHE A O   1 
ATOM   582  C  CB  . PHE A 1 76  ? -2.009  17.887  11.535  1.00 17.18 ? 76   PHE A CB  1 
ATOM   583  C  CG  . PHE A 1 76  ? -1.758  17.514  12.989  1.00 16.68 ? 76   PHE A CG  1 
ATOM   584  C  CD1 . PHE A 1 76  ? -2.728  16.829  13.716  1.00 16.36 ? 76   PHE A CD1 1 
ATOM   585  C  CD2 . PHE A 1 76  ? -0.579  17.871  13.629  1.00 17.05 ? 76   PHE A CD2 1 
ATOM   586  C  CE1 . PHE A 1 76  ? -2.493  16.518  15.046  1.00 13.64 ? 76   PHE A CE1 1 
ATOM   587  C  CE2 . PHE A 1 76  ? -0.345  17.568  14.960  1.00 20.20 ? 76   PHE A CE2 1 
ATOM   588  C  CZ  . PHE A 1 76  ? -1.333  16.912  15.684  1.00 13.79 ? 76   PHE A CZ  1 
ATOM   589  N  N   . THR A 1 77  ? -2.040  20.475  9.302   1.00 15.84 ? 77   THR A N   1 
ATOM   590  C  CA  . THR A 1 77  ? -2.189  20.619  7.865   1.00 15.28 ? 77   THR A CA  1 
ATOM   591  C  C   . THR A 1 77  ? -1.708  19.380  7.128   1.00 16.50 ? 77   THR A C   1 
ATOM   592  O  O   . THR A 1 77  ? -0.994  18.513  7.642   1.00 13.82 ? 77   THR A O   1 
ATOM   593  C  CB  . THR A 1 77  ? -1.385  21.831  7.324   1.00 12.45 ? 77   THR A CB  1 
ATOM   594  O  OG1 . THR A 1 77  ? 0.009   21.536  7.514   1.00 13.20 ? 77   THR A OG1 1 
ATOM   595  C  CG2 . THR A 1 77  ? -1.723  23.080  8.117   1.00 15.64 ? 77   THR A CG2 1 
ATOM   596  N  N   . ASP A 1 78  ? -2.100  19.266  5.858   1.00 16.19 ? 78   ASP A N   1 
ATOM   597  C  CA  . ASP A 1 78  ? -1.573  18.141  5.082   1.00 20.39 ? 78   ASP A CA  1 
ATOM   598  C  C   . ASP A 1 78  ? -0.052  18.135  5.047   1.00 19.63 ? 78   ASP A C   1 
ATOM   599  O  O   . ASP A 1 78  ? 0.536   17.058  5.205   1.00 15.06 ? 78   ASP A O   1 
ATOM   600  C  CB  . ASP A 1 78  ? -2.145  18.167  3.672   1.00 21.90 ? 78   ASP A CB  1 
ATOM   601  C  CG  . ASP A 1 78  ? -3.589  17.753  3.566   1.00 19.31 ? 78   ASP A CG  1 
ATOM   602  O  OD1 . ASP A 1 78  ? -4.148  17.966  2.469   1.00 24.32 ? 78   ASP A OD1 1 
ATOM   603  O  OD2 . ASP A 1 78  ? -4.189  17.226  4.528   1.00 22.67 ? 78   ASP A OD2 1 
ATOM   604  N  N   . ASP A 1 79  ? 0.626   19.273  4.868   1.00 20.64 ? 79   ASP A N   1 
ATOM   605  C  CA  . ASP A 1 79  ? 2.092   19.245  4.822   1.00 12.30 ? 79   ASP A CA  1 
ATOM   606  C  C   . ASP A 1 79  ? 2.715   18.837  6.147   1.00 14.32 ? 79   ASP A C   1 
ATOM   607  O  O   . ASP A 1 79  ? 3.740   18.165  6.245   1.00 15.78 ? 79   ASP A O   1 
ATOM   608  C  CB  . ASP A 1 79  ? 2.626   20.617  4.314   1.00 15.78 ? 79   ASP A CB  1 
ATOM   609  C  CG  . ASP A 1 79  ? 2.433   20.571  2.788   1.00 19.20 ? 79   ASP A CG  1 
ATOM   610  O  OD1 . ASP A 1 79  ? 1.512   21.216  2.302   1.00 19.40 ? 79   ASP A OD1 1 
ATOM   611  O  OD2 . ASP A 1 79  ? 3.159   19.811  2.132   1.00 19.84 ? 79   ASP A OD2 1 
ATOM   612  N  N   . GLN A 1 80  ? 2.094   19.213  7.256   1.00 11.46 ? 80   GLN A N   1 
ATOM   613  C  CA  . GLN A 1 80  ? 2.590   18.798  8.567   1.00 14.41 ? 80   GLN A CA  1 
ATOM   614  C  C   . GLN A 1 80  ? 2.535   17.275  8.627   1.00 21.40 ? 80   GLN A C   1 
ATOM   615  O  O   . GLN A 1 80  ? 3.510   16.662  9.078   1.00 17.85 ? 80   GLN A O   1 
ATOM   616  C  CB  . GLN A 1 80  ? 1.758   19.454  9.676   1.00 16.90 ? 80   GLN A CB  1 
ATOM   617  C  CG  . GLN A 1 80  ? 2.195   20.904  9.948   1.00 14.17 ? 80   GLN A CG  1 
ATOM   618  C  CD  . GLN A 1 80  ? 1.257   21.574  10.961  1.00 12.83 ? 80   GLN A CD  1 
ATOM   619  O  OE1 . GLN A 1 80  ? 0.075   21.265  11.070  1.00 15.03 ? 80   GLN A OE1 1 
ATOM   620  N  NE2 . GLN A 1 80  ? 1.786   22.548  11.704  1.00 13.98 ? 80   GLN A NE2 1 
ATOM   621  N  N   . LEU A 1 81  ? 1.416   16.721  8.157   1.00 19.60 ? 81   LEU A N   1 
ATOM   622  C  CA  . LEU A 1 81  ? 1.224   15.263  8.164   1.00 17.85 ? 81   LEU A CA  1 
ATOM   623  C  C   . LEU A 1 81  ? 2.191   14.574  7.231   1.00 14.98 ? 81   LEU A C   1 
ATOM   624  O  O   . LEU A 1 81  ? 2.817   13.577  7.602   1.00 14.65 ? 81   LEU A O   1 
ATOM   625  C  CB  . LEU A 1 81  ? -0.210  14.917  7.783   1.00 15.90 ? 81   LEU A CB  1 
ATOM   626  C  CG  . LEU A 1 81  ? -1.295  15.367  8.764   1.00 16.58 ? 81   LEU A CG  1 
ATOM   627  C  CD1 . LEU A 1 81  ? -2.647  14.852  8.291   1.00 19.13 ? 81   LEU A CD1 1 
ATOM   628  C  CD2 . LEU A 1 81  ? -0.969  14.907  10.185  1.00 14.74 ? 81   LEU A CD2 1 
ATOM   629  N  N   . ILE A 1 82  ? 2.401   15.096  6.017   1.00 15.16 ? 82   ILE A N   1 
ATOM   630  C  CA  . ILE A 1 82  ? 3.460   14.532  5.168   1.00 14.18 ? 82   ILE A CA  1 
ATOM   631  C  C   . ILE A 1 82  ? 4.815   14.545  5.848   1.00 14.06 ? 82   ILE A C   1 
ATOM   632  O  O   . ILE A 1 82  ? 5.574   13.569  5.809   1.00 14.79 ? 82   ILE A O   1 
ATOM   633  C  CB  . ILE A 1 82  ? 3.541   15.328  3.840   1.00 17.73 ? 82   ILE A CB  1 
ATOM   634  C  CG1 . ILE A 1 82  ? 2.347   15.076  2.902   1.00 14.82 ? 82   ILE A CG1 1 
ATOM   635  C  CG2 . ILE A 1 82  ? 4.864   15.088  3.126   1.00 18.21 ? 82   ILE A CG2 1 
ATOM   636  C  CD1 . ILE A 1 82  ? 2.219   16.170  1.861   1.00 23.36 ? 82   ILE A CD1 1 
ATOM   637  N  N   . ASP A 1 83  ? 5.189   15.650  6.492   1.00 15.00 ? 83   ASP A N   1 
ATOM   638  C  CA  . ASP A 1 83  ? 6.498   15.680  7.155   1.00 18.59 ? 83   ASP A CA  1 
ATOM   639  C  C   . ASP A 1 83  ? 6.589   14.709  8.327   1.00 18.96 ? 83   ASP A C   1 
ATOM   640  O  O   . ASP A 1 83  ? 7.660   14.154  8.601   1.00 15.57 ? 83   ASP A O   1 
ATOM   641  C  CB  . ASP A 1 83  ? 6.789   17.120  7.595   1.00 19.71 ? 83   ASP A CB  1 
ATOM   642  C  CG  . ASP A 1 83  ? 7.209   17.889  6.341   1.00 20.93 ? 83   ASP A CG  1 
ATOM   643  O  OD1 . ASP A 1 83  ? 6.685   18.994  6.129   1.00 15.89 ? 83   ASP A OD1 1 
ATOM   644  O  OD2 . ASP A 1 83  ? 8.068   17.333  5.616   1.00 20.87 ? 83   ASP A OD2 1 
ATOM   645  N  N   . PHE A 1 84  ? 5.498   14.461  9.045   1.00 14.60 ? 84   PHE A N   1 
ATOM   646  C  CA  . PHE A 1 84  ? 5.522   13.458  10.104  1.00 18.01 ? 84   PHE A CA  1 
ATOM   647  C  C   . PHE A 1 84  ? 5.769   12.077  9.511   1.00 20.07 ? 84   PHE A C   1 
ATOM   648  O  O   . PHE A 1 84  ? 6.547   11.282  10.044  1.00 15.82 ? 84   PHE A O   1 
ATOM   649  C  CB  . PHE A 1 84  ? 4.221   13.467  10.913  1.00 15.88 ? 84   PHE A CB  1 
ATOM   650  C  CG  . PHE A 1 84  ? 4.141   14.555  11.965  1.00 15.04 ? 84   PHE A CG  1 
ATOM   651  C  CD1 . PHE A 1 84  ? 5.202   14.750  12.835  1.00 17.67 ? 84   PHE A CD1 1 
ATOM   652  C  CD2 . PHE A 1 84  ? 3.011   15.345  12.070  1.00 17.42 ? 84   PHE A CD2 1 
ATOM   653  C  CE1 . PHE A 1 84  ? 5.140   15.721  13.803  1.00 13.05 ? 84   PHE A CE1 1 
ATOM   654  C  CE2 . PHE A 1 84  ? 2.944   16.344  13.032  1.00 18.20 ? 84   PHE A CE2 1 
ATOM   655  C  CZ  . PHE A 1 84  ? 4.015   16.520  13.893  1.00 13.86 ? 84   PHE A CZ  1 
ATOM   656  N  N   . MET A 1 85  ? 5.103   11.803  8.394   1.00 14.92 ? 85   MET A N   1 
ATOM   657  C  CA  . MET A 1 85  ? 5.296   10.548  7.683   1.00 21.11 ? 85   MET A CA  1 
ATOM   658  C  C   . MET A 1 85  ? 6.755   10.354  7.294   1.00 20.19 ? 85   MET A C   1 
ATOM   659  O  O   . MET A 1 85  ? 7.319   9.273   7.453   1.00 21.66 ? 85   MET A O   1 
ATOM   660  C  CB  . MET A 1 85  ? 4.430   10.459  6.403   1.00 15.31 ? 85   MET A CB  1 
ATOM   661  C  CG  . MET A 1 85  ? 2.979   10.164  6.779   1.00 11.78 ? 85   MET A CG  1 
ATOM   662  S  SD  . MET A 1 85  ? 1.924   9.899   5.337   1.00 28.45 ? 85   MET A SD  1 
ATOM   663  C  CE  . MET A 1 85  ? 0.782   11.263  5.459   1.00 40.58 ? 85   MET A CE  1 
ATOM   664  N  N   . LEU A 1 86  ? 7.383   11.397  6.753   1.00 15.95 ? 86   LEU A N   1 
ATOM   665  C  CA  . LEU A 1 86  ? 8.789   11.260  6.385   1.00 15.27 ? 86   LEU A CA  1 
ATOM   666  C  C   . LEU A 1 86  ? 9.677   11.030  7.601   1.00 23.09 ? 86   LEU A C   1 
ATOM   667  O  O   . LEU A 1 86  ? 10.664  10.304  7.479   1.00 17.58 ? 86   LEU A O   1 
ATOM   668  C  CB  . LEU A 1 86  ? 9.286   12.517  5.668   1.00 20.00 ? 86   LEU A CB  1 
ATOM   669  C  CG  . LEU A 1 86  ? 8.581   12.853  4.346   1.00 27.07 ? 86   LEU A CG  1 
ATOM   670  C  CD1 . LEU A 1 86  ? 8.930   14.257  3.874   1.00 24.90 ? 86   LEU A CD1 1 
ATOM   671  C  CD2 . LEU A 1 86  ? 8.948   11.820  3.291   1.00 27.01 ? 86   LEU A CD2 1 
ATOM   672  N  N   . GLN A 1 87  ? 9.363   11.660  8.738   1.00 17.85 ? 87   GLN A N   1 
ATOM   673  C  CA  . GLN A 1 87  ? 10.221  11.537  9.919   1.00 13.48 ? 87   GLN A CA  1 
ATOM   674  C  C   . GLN A 1 87  ? 9.963   10.240  10.683  1.00 18.64 ? 87   GLN A C   1 
ATOM   675  O  O   . GLN A 1 87  ? 10.813  9.825   11.477  1.00 17.05 ? 87   GLN A O   1 
ATOM   676  C  CB  . GLN A 1 87  ? 10.054  12.717  10.873  1.00 15.83 ? 87   GLN A CB  1 
ATOM   677  C  CG  . GLN A 1 87  ? 10.501  14.040  10.234  1.00 24.69 ? 87   GLN A CG  1 
ATOM   678  C  CD  . GLN A 1 87  ? 11.905  13.974  9.667   1.00 40.35 ? 87   GLN A CD  1 
ATOM   679  O  OE1 . GLN A 1 87  ? 12.140  14.303  8.502   1.00 47.15 ? 87   GLN A OE1 1 
ATOM   680  N  NE2 . GLN A 1 87  ? 12.858  13.549  10.493  1.00 33.48 ? 87   GLN A NE2 1 
ATOM   681  N  N   . HIS A 1 88  ? 8.803   9.648   10.490  1.00 17.48 ? 88   HIS A N   1 
ATOM   682  C  CA  . HIS A 1 88  ? 8.335   8.454   11.173  1.00 13.84 ? 88   HIS A CA  1 
ATOM   683  C  C   . HIS A 1 88  ? 7.641   7.526   10.167  1.00 16.04 ? 88   HIS A C   1 
ATOM   684  O  O   . HIS A 1 88  ? 6.411   7.502   10.182  1.00 16.87 ? 88   HIS A O   1 
ATOM   685  C  CB  . HIS A 1 88  ? 7.351   8.805   12.294  1.00 19.70 ? 88   HIS A CB  1 
ATOM   686  C  CG  . HIS A 1 88  ? 7.876   9.898   13.186  1.00 20.41 ? 88   HIS A CG  1 
ATOM   687  N  ND1 . HIS A 1 88  ? 8.785   9.654   14.190  1.00 19.08 ? 88   HIS A ND1 1 
ATOM   688  C  CD2 . HIS A 1 88  ? 7.678   11.236  13.183  1.00 18.73 ? 88   HIS A CD2 1 
ATOM   689  C  CE1 . HIS A 1 88  ? 9.103   10.787  14.797  1.00 25.40 ? 88   HIS A CE1 1 
ATOM   690  N  NE2 . HIS A 1 88  ? 8.441   11.766  14.203  1.00 21.94 ? 88   HIS A NE2 1 
ATOM   691  N  N   . PRO A 1 89  ? 8.415   6.867   9.316   1.00 17.12 ? 89   PRO A N   1 
ATOM   692  C  CA  . PRO A 1 89  ? 7.872   6.090   8.189   1.00 21.89 ? 89   PRO A CA  1 
ATOM   693  C  C   . PRO A 1 89  ? 6.843   5.046   8.591   1.00 20.98 ? 89   PRO A C   1 
ATOM   694  O  O   . PRO A 1 89  ? 6.046   4.604   7.754   1.00 19.32 ? 89   PRO A O   1 
ATOM   695  C  CB  . PRO A 1 89  ? 9.106   5.402   7.592   1.00 21.38 ? 89   PRO A CB  1 
ATOM   696  C  CG  . PRO A 1 89  ? 10.276  6.194   8.056   1.00 24.37 ? 89   PRO A CG  1 
ATOM   697  C  CD  . PRO A 1 89  ? 9.881   6.851   9.343   1.00 16.94 ? 89   PRO A CD  1 
ATOM   698  N  N   . ILE A 1 90  ? 6.790   4.641   9.857   1.00 21.08 ? 90   ILE A N   1 
ATOM   699  C  CA  . ILE A 1 90  ? 5.732   3.700   10.245  1.00 16.86 ? 90   ILE A CA  1 
ATOM   700  C  C   . ILE A 1 90  ? 4.348   4.318   10.158  1.00 16.50 ? 90   ILE A C   1 
ATOM   701  O  O   . ILE A 1 90  ? 3.309   3.651   10.104  1.00 18.06 ? 90   ILE A O   1 
ATOM   702  C  CB  . ILE A 1 90  ? 5.970   3.142   11.663  1.00 17.40 ? 90   ILE A CB  1 
ATOM   703  C  CG1 . ILE A 1 90  ? 5.172   1.862   11.945  1.00 26.05 ? 90   ILE A CG1 1 
ATOM   704  C  CG2 . ILE A 1 90  ? 5.720   4.227   12.703  1.00 23.06 ? 90   ILE A CG2 1 
ATOM   705  C  CD1 . ILE A 1 90  ? 5.307   1.360   13.366  1.00 36.96 ? 90   ILE A CD1 1 
ATOM   706  N  N   . LEU A 1 91  ? 4.242   5.651   10.073  1.00 17.22 ? 91   LEU A N   1 
ATOM   707  C  CA  . LEU A 1 91  ? 2.976   6.286   9.816   1.00 16.46 ? 91   LEU A CA  1 
ATOM   708  C  C   . LEU A 1 91  ? 2.459   6.108   8.390   1.00 17.87 ? 91   LEU A C   1 
ATOM   709  O  O   . LEU A 1 91  ? 1.294   6.431   8.159   1.00 20.78 ? 91   LEU A O   1 
ATOM   710  C  CB  . LEU A 1 91  ? 3.034   7.813   10.015  1.00 11.89 ? 91   LEU A CB  1 
ATOM   711  C  CG  . LEU A 1 91  ? 3.229   8.286   11.455  1.00 15.84 ? 91   LEU A CG  1 
ATOM   712  C  CD1 . LEU A 1 91  ? 3.516   9.789   11.427  1.00 14.76 ? 91   LEU A CD1 1 
ATOM   713  C  CD2 . LEU A 1 91  ? 1.995   7.967   12.292  1.00 17.53 ? 91   LEU A CD2 1 
ATOM   714  N  N   . ILE A 1 92  ? 3.281   5.675   7.455   1.00 14.58 ? 92   ILE A N   1 
ATOM   715  C  CA  . ILE A 1 92  ? 2.756   5.483   6.089   1.00 17.23 ? 92   ILE A CA  1 
ATOM   716  C  C   . ILE A 1 92  ? 2.003   4.154   6.022   1.00 17.95 ? 92   ILE A C   1 
ATOM   717  O  O   . ILE A 1 92  ? 2.637   3.110   6.244   1.00 20.39 ? 92   ILE A O   1 
ATOM   718  C  CB  . ILE A 1 92  ? 3.903   5.518   5.075   1.00 17.33 ? 92   ILE A CB  1 
ATOM   719  C  CG1 . ILE A 1 92  ? 4.658   6.859   5.089   1.00 17.28 ? 92   ILE A CG1 1 
ATOM   720  C  CG2 . ILE A 1 92  ? 3.426   5.182   3.668   1.00 15.87 ? 92   ILE A CG2 1 
ATOM   721  C  CD1 . ILE A 1 92  ? 6.014   6.772   4.417   1.00 25.29 ? 92   ILE A CD1 1 
ATOM   722  N  N   . ASN A 1 93  ? 0.700   4.197   5.769   1.00 16.87 ? 93   ASN A N   1 
ATOM   723  C  CA  . ASN A 1 93  ? -0.081  2.953   5.672   1.00 17.87 ? 93   ASN A CA  1 
ATOM   724  C  C   . ASN A 1 93  ? 0.418   2.178   4.457   1.00 22.19 ? 93   ASN A C   1 
ATOM   725  O  O   . ASN A 1 93  ? 1.102   2.730   3.592   1.00 18.30 ? 93   ASN A O   1 
ATOM   726  C  CB  . ASN A 1 93  ? -1.588  3.167   5.593   1.00 15.55 ? 93   ASN A CB  1 
ATOM   727  C  CG  . ASN A 1 93  ? -2.343  2.051   6.311   1.00 21.41 ? 93   ASN A CG  1 
ATOM   728  O  OD1 . ASN A 1 93  ? -1.810  0.961   6.525   1.00 20.32 ? 93   ASN A OD1 1 
ATOM   729  N  ND2 . ASN A 1 93  ? -3.592  2.313   6.695   1.00 23.75 ? 93   ASN A ND2 1 
ATOM   730  N  N   . ARG A 1 94  ? 0.091   0.903   4.433   1.00 19.65 ? 94   ARG A N   1 
ATOM   731  C  CA  . ARG A 1 94  ? 0.728   -0.052  3.552   1.00 20.98 ? 94   ARG A CA  1 
ATOM   732  C  C   . ARG A 1 94  ? -0.228  -1.147  3.110   1.00 23.06 ? 94   ARG A C   1 
ATOM   733  O  O   . ARG A 1 94  ? -1.184  -1.453  3.837   1.00 19.12 ? 94   ARG A O   1 
ATOM   734  C  CB  . ARG A 1 94  ? 1.917   -0.717  4.272   0.79 18.31 ? 94   ARG A CB  1 
ATOM   735  C  CG  . ARG A 1 94  ? 1.468   -1.683  5.370   0.79 17.45 ? 94   ARG A CG  1 
ATOM   736  C  CD  . ARG A 1 94  ? 1.075   -0.915  6.604   0.79 19.80 ? 94   ARG A CD  1 
ATOM   737  N  NE  . ARG A 1 94  ? 0.959   -1.702  7.812   0.79 26.95 ? 94   ARG A NE  1 
ATOM   738  C  CZ  . ARG A 1 94  ? 0.001   -1.587  8.718   0.79 43.62 ? 94   ARG A CZ  1 
ATOM   739  N  NH1 . ARG A 1 94  ? -0.975  -0.696  8.575   0.79 35.92 ? 94   ARG A NH1 1 
ATOM   740  N  NH2 . ARG A 1 94  ? 0.039   -2.390  9.777   0.79 54.58 ? 94   ARG A NH2 1 
ATOM   741  N  N   . PRO A 1 95  ? 0.044   -1.758  1.966   1.00 18.55 ? 95   PRO A N   1 
ATOM   742  C  CA  . PRO A 1 95  ? 1.076   -1.378  1.017   1.00 15.63 ? 95   PRO A CA  1 
ATOM   743  C  C   . PRO A 1 95  ? 0.607   -0.391  -0.053  1.00 16.46 ? 95   PRO A C   1 
ATOM   744  O  O   . PRO A 1 95  ? -0.552  -0.426  -0.455  1.00 19.79 ? 95   PRO A O   1 
ATOM   745  C  CB  . PRO A 1 95  ? 1.349   -2.719  0.278   1.00 18.06 ? 95   PRO A CB  1 
ATOM   746  C  CG  . PRO A 1 95  ? -0.053  -3.251  0.172   1.00 13.38 ? 95   PRO A CG  1 
ATOM   747  C  CD  . PRO A 1 95  ? -0.686  -2.958  1.513   1.00 12.68 ? 95   PRO A CD  1 
ATOM   748  N  N   . ILE A 1 96  ? 1.530   0.467   -0.490  1.00 16.65 ? 96   ILE A N   1 
ATOM   749  C  CA  . ILE A 1 96  ? 1.351   1.284   -1.684  1.00 15.01 ? 96   ILE A CA  1 
ATOM   750  C  C   . ILE A 1 96  ? 1.938   0.541   -2.868  1.00 12.62 ? 96   ILE A C   1 
ATOM   751  O  O   . ILE A 1 96  ? 3.062   0.022   -2.734  1.00 22.27 ? 96   ILE A O   1 
ATOM   752  C  CB  . ILE A 1 96  ? 2.076   2.637   -1.520  1.00 14.30 ? 96   ILE A CB  1 
ATOM   753  C  CG1 . ILE A 1 96  ? 1.619   3.354   -0.254  1.00 18.77 ? 96   ILE A CG1 1 
ATOM   754  C  CG2 . ILE A 1 96  ? 1.955   3.468   -2.785  1.00 18.38 ? 96   ILE A CG2 1 
ATOM   755  C  CD1 . ILE A 1 96  ? 2.330   4.640   0.063   1.00 15.69 ? 96   ILE A CD1 1 
ATOM   756  N  N   . VAL A 1 97  ? 1.259   0.467   -3.992  1.00 12.97 ? 97   VAL A N   1 
ATOM   757  C  CA  . VAL A 1 97  ? 1.758   -0.259  -5.167  1.00 16.85 ? 97   VAL A CA  1 
ATOM   758  C  C   . VAL A 1 97  ? 1.661   0.685   -6.380  1.00 15.15 ? 97   VAL A C   1 
ATOM   759  O  O   . VAL A 1 97  ? 0.584   1.256   -6.515  1.00 14.23 ? 97   VAL A O   1 
ATOM   760  C  CB  . VAL A 1 97  ? 0.971   -1.544  -5.418  1.00 18.27 ? 97   VAL A CB  1 
ATOM   761  C  CG1 . VAL A 1 97  ? 1.385   -2.216  -6.730  1.00 17.93 ? 97   VAL A CG1 1 
ATOM   762  C  CG2 . VAL A 1 97  ? 1.152   -2.495  -4.229  1.00 11.20 ? 97   VAL A CG2 1 
ATOM   763  N  N   . VAL A 1 98  ? 2.774   0.768   -7.092  1.00 14.82 ? 98   VAL A N   1 
ATOM   764  C  CA  . VAL A 1 98  ? 2.831   1.531   -8.351  1.00 17.97 ? 98   VAL A CA  1 
ATOM   765  C  C   . VAL A 1 98  ? 2.981   0.575   -9.522  1.00 21.40 ? 98   VAL A C   1 
ATOM   766  O  O   . VAL A 1 98  ? 3.853   -0.299  -9.509  1.00 18.15 ? 98   VAL A O   1 
ATOM   767  C  CB  . VAL A 1 98  ? 3.989   2.541   -8.329  1.00 14.74 ? 98   VAL A CB  1 
ATOM   768  C  CG1 . VAL A 1 98  ? 3.925   3.447   -9.558  1.00 20.57 ? 98   VAL A CG1 1 
ATOM   769  C  CG2 . VAL A 1 98  ? 3.960   3.356   -7.040  1.00 17.91 ? 98   VAL A CG2 1 
ATOM   770  N  N   . THR A 1 99  ? 2.157   0.683   -10.554 1.00 20.82 ? 99   THR A N   1 
ATOM   771  C  CA  . THR A 1 99  ? 2.386   -0.057  -11.801 1.00 18.26 ? 99   THR A CA  1 
ATOM   772  C  C   . THR A 1 99  ? 2.276   0.909   -12.981 1.00 18.30 ? 99   THR A C   1 
ATOM   773  O  O   . THR A 1 99  ? 1.895   2.070   -12.728 1.00 15.76 ? 99   THR A O   1 
ATOM   774  C  CB  . THR A 1 99  ? 1.384   -1.212  -11.999 1.00 22.97 ? 99   THR A CB  1 
ATOM   775  O  OG1 . THR A 1 99  ? 0.152   -0.651  -12.496 1.00 18.25 ? 99   THR A OG1 1 
ATOM   776  C  CG2 . THR A 1 99  ? 1.176   -1.933  -10.676 1.00 19.76 ? 99   THR A CG2 1 
ATOM   777  N  N   . PRO A 1 100 ? 2.543   0.514   -14.212 1.00 21.68 ? 100  PRO A N   1 
ATOM   778  C  CA  . PRO A 1 100 ? 2.231   1.429   -15.341 1.00 19.30 ? 100  PRO A CA  1 
ATOM   779  C  C   . PRO A 1 100 ? 0.792   1.904   -15.367 1.00 19.42 ? 100  PRO A C   1 
ATOM   780  O  O   . PRO A 1 100 ? 0.497   2.928   -16.001 1.00 18.92 ? 100  PRO A O   1 
ATOM   781  C  CB  . PRO A 1 100 ? 2.510   0.561   -16.580 1.00 21.09 ? 100  PRO A CB  1 
ATOM   782  C  CG  . PRO A 1 100 ? 3.582   -0.373  -16.113 1.00 25.37 ? 100  PRO A CG  1 
ATOM   783  C  CD  . PRO A 1 100 ? 3.162   -0.726  -14.712 1.00 19.37 ? 100  PRO A CD  1 
ATOM   784  N  N   . LEU A 1 101 ? -0.160  1.232   -14.728 1.00 17.93 ? 101  LEU A N   1 
ATOM   785  C  CA  . LEU A 1 101 ? -1.554  1.636   -14.848 1.00 15.54 ? 101  LEU A CA  1 
ATOM   786  C  C   . LEU A 1 101 ? -1.946  2.619   -13.738 1.00 25.11 ? 101  LEU A C   1 
ATOM   787  O  O   . LEU A 1 101 ? -2.966  3.296   -13.847 1.00 19.80 ? 101  LEU A O   1 
ATOM   788  C  CB  . LEU A 1 101 ? -2.489  0.428   -14.784 1.00 16.72 ? 101  LEU A CB  1 
ATOM   789  C  CG  . LEU A 1 101 ? -2.652  -0.448  -16.015 1.00 19.12 ? 101  LEU A CG  1 
ATOM   790  C  CD1 . LEU A 1 101 ? -3.719  -1.515  -15.781 1.00 17.00 ? 101  LEU A CD1 1 
ATOM   791  C  CD2 . LEU A 1 101 ? -3.005  0.423   -17.217 1.00 19.21 ? 101  LEU A CD2 1 
ATOM   792  N  N   . GLY A 1 102 ? -1.178  2.715   -12.643 1.00 18.69 ? 102  GLY A N   1 
ATOM   793  C  CA  . GLY A 1 102 ? -1.541  3.621   -11.569 1.00 18.56 ? 102  GLY A CA  1 
ATOM   794  C  C   . GLY A 1 102 ? -0.908  3.249   -10.228 1.00 15.91 ? 102  GLY A C   1 
ATOM   795  O  O   . GLY A 1 102 ? -0.115  2.311   -10.155 1.00 20.29 ? 102  GLY A O   1 
ATOM   796  N  N   . THR A 1 103 ? -1.300  4.022   -9.213  1.00 17.82 ? 103  THR A N   1 
ATOM   797  C  CA  . THR A 1 103 ? -0.844  3.846   -7.838  1.00 20.89 ? 103  THR A CA  1 
ATOM   798  C  C   . THR A 1 103 ? -2.031  3.691   -6.899  1.00 21.53 ? 103  THR A C   1 
ATOM   799  O  O   . THR A 1 103 ? -3.006  4.449   -6.974  1.00 16.79 ? 103  THR A O   1 
ATOM   800  C  CB  . THR A 1 103 ? 0.051   5.042   -7.443  1.00 25.97 ? 103  THR A CB  1 
ATOM   801  O  OG1 . THR A 1 103 ? 1.143   5.114   -8.386  1.00 18.86 ? 103  THR A OG1 1 
ATOM   802  C  CG2 . THR A 1 103 ? 0.665   4.849   -6.068  1.00 14.83 ? 103  THR A CG2 1 
ATOM   803  N  N   . ARG A 1 104 ? -1.984  2.696   -6.002  1.00 19.50 ? 104  ARG A N   1 
ATOM   804  C  CA  . ARG A 1 104 ? -3.049  2.530   -5.031  1.00 15.38 ? 104  ARG A CA  1 
ATOM   805  C  C   . ARG A 1 104 ? -2.496  2.166   -3.654  1.00 18.01 ? 104  ARG A C   1 
ATOM   806  O  O   . ARG A 1 104 ? -1.538  1.398   -3.540  1.00 18.47 ? 104  ARG A O   1 
ATOM   807  C  CB  A ARG A 1 104 ? -4.021  1.414   -5.422  0.42 16.07 ? 104  ARG A CB  1 
ATOM   808  C  CB  B ARG A 1 104 ? -4.043  1.435   -5.426  0.58 15.84 ? 104  ARG A CB  1 
ATOM   809  C  CG  A ARG A 1 104 ? -4.655  1.544   -6.790  0.42 17.12 ? 104  ARG A CG  1 
ATOM   810  C  CG  B ARG A 1 104 ? -4.618  1.552   -6.822  0.58 17.20 ? 104  ARG A CG  1 
ATOM   811  C  CD  A ARG A 1 104 ? -5.663  2.689   -6.798  0.42 17.05 ? 104  ARG A CD  1 
ATOM   812  C  CD  B ARG A 1 104 ? -5.732  2.597   -6.862  0.58 17.32 ? 104  ARG A CD  1 
ATOM   813  N  NE  A ARG A 1 104 ? -6.313  2.765   -8.109  0.42 24.53 ? 104  ARG A NE  1 
ATOM   814  N  NE  B ARG A 1 104 ? -6.506  2.416   -8.100  0.58 23.77 ? 104  ARG A NE  1 
ATOM   815  C  CZ  A ARG A 1 104 ? -7.470  2.181   -8.396  0.42 27.12 ? 104  ARG A CZ  1 
ATOM   816  C  CZ  B ARG A 1 104 ? -6.195  2.978   -9.259  0.58 26.54 ? 104  ARG A CZ  1 
ATOM   817  N  NH1 A ARG A 1 104 ? -8.114  1.477   -7.473  0.42 19.15 ? 104  ARG A NH1 1 
ATOM   818  N  NH1 B ARG A 1 104 ? -5.133  3.765   -9.375  0.58 17.17 ? 104  ARG A NH1 1 
ATOM   819  N  NH2 A ARG A 1 104 ? -7.970  2.315   -9.618  0.42 20.04 ? 104  ARG A NH2 1 
ATOM   820  N  NH2 B ARG A 1 104 ? -6.960  2.746   -10.319 0.58 20.76 ? 104  ARG A NH2 1 
ATOM   821  N  N   . LEU A 1 105 ? -3.177  2.699   -2.651  1.00 18.00 ? 105  LEU A N   1 
ATOM   822  C  CA  . LEU A 1 105 ? -3.025  2.123   -1.307  1.00 14.75 ? 105  LEU A CA  1 
ATOM   823  C  C   . LEU A 1 105 ? -3.873  0.849   -1.349  1.00 13.33 ? 105  LEU A C   1 
ATOM   824  O  O   . LEU A 1 105 ? -5.102  0.917   -1.506  1.00 16.29 ? 105  LEU A O   1 
ATOM   825  C  CB  . LEU A 1 105 ? -3.420  3.139   -0.249  1.00 16.33 ? 105  LEU A CB  1 
ATOM   826  C  CG  . LEU A 1 105 ? -3.506  2.662   1.203   1.00 20.71 ? 105  LEU A CG  1 
ATOM   827  C  CD1 . LEU A 1 105 ? -2.134  2.158   1.633   1.00 16.57 ? 105  LEU A CD1 1 
ATOM   828  C  CD2 . LEU A 1 105 ? -4.055  3.789   2.072   1.00 16.57 ? 105  LEU A CD2 1 
ATOM   829  N  N   . CYS A 1 106 ? -3.206  -0.307  -1.297  1.00 14.18 ? 106  CYS A N   1 
ATOM   830  C  CA  . CYS A 1 106 ? -3.913  -1.581  -1.517  1.00 15.32 ? 106  CYS A CA  1 
ATOM   831  C  C   . CYS A 1 106 ? -4.454  -2.150  -0.212  1.00 16.38 ? 106  CYS A C   1 
ATOM   832  O  O   . CYS A 1 106 ? -3.994  -3.154  0.327   1.00 16.65 ? 106  CYS A O   1 
ATOM   833  C  CB  . CYS A 1 106 ? -2.990  -2.563  -2.245  1.00 18.57 ? 106  CYS A CB  1 
ATOM   834  S  SG  . CYS A 1 106 ? -2.568  -2.040  -3.941  1.00 18.33 ? 106  CYS A SG  1 
ATOM   835  N  N   . ARG A 1 107 ? -5.461  -1.454  0.315   1.00 16.25 ? 107  ARG A N   1 
ATOM   836  C  CA  . ARG A 1 107 ? -6.208  -1.826  1.507   1.00 15.32 ? 107  ARG A CA  1 
ATOM   837  C  C   . ARG A 1 107 ? -7.693  -1.807  1.158   1.00 21.04 ? 107  ARG A C   1 
ATOM   838  O  O   . ARG A 1 107 ? -8.202  -0.689  0.978   1.00 19.45 ? 107  ARG A O   1 
ATOM   839  C  CB  . ARG A 1 107 ? -5.865  -0.901  2.672   1.00 13.14 ? 107  ARG A CB  1 
ATOM   840  C  CG  . ARG A 1 107 ? -4.393  -0.979  3.058   1.00 13.14 ? 107  ARG A CG  1 
ATOM   841  C  CD  . ARG A 1 107 ? -4.136  -0.036  4.234   1.00 16.27 ? 107  ARG A CD  1 
ATOM   842  N  NE  . ARG A 1 107 ? -4.712  -0.600  5.471   1.00 22.85 ? 107  ARG A NE  1 
ATOM   843  C  CZ  . ARG A 1 107 ? -4.202  -1.614  6.152   1.00 27.63 ? 107  ARG A CZ  1 
ATOM   844  N  NH1 . ARG A 1 107 ? -3.085  -2.232  5.767   1.00 18.13 ? 107  ARG A NH1 1 
ATOM   845  N  NH2 . ARG A 1 107 ? -4.827  -2.020  7.250   1.00 27.12 ? 107  ARG A NH2 1 
ATOM   846  N  N   . PRO A 1 108 ? -8.401  -2.913  1.014   1.00 17.87 ? 108  PRO A N   1 
ATOM   847  C  CA  . PRO A 1 108 ? -7.862  -4.259  1.191   1.00 17.81 ? 108  PRO A CA  1 
ATOM   848  C  C   . PRO A 1 108 ? -6.967  -4.655  0.024   1.00 17.59 ? 108  PRO A C   1 
ATOM   849  O  O   . PRO A 1 108 ? -6.904  -3.999  -1.024  1.00 15.17 ? 108  PRO A O   1 
ATOM   850  C  CB  . PRO A 1 108 ? -9.107  -5.160  1.229   1.00 18.16 ? 108  PRO A CB  1 
ATOM   851  C  CG  . PRO A 1 108 ? -10.094 -4.443  0.386   1.00 19.18 ? 108  PRO A CG  1 
ATOM   852  C  CD  . PRO A 1 108 ? -9.839  -2.979  0.641   1.00 16.91 ? 108  PRO A CD  1 
ATOM   853  N  N   . SER A 1 109 ? -6.225  -5.732  0.263   1.00 17.76 ? 109  SER A N   1 
ATOM   854  C  CA  . SER A 1 109 ? -5.191  -6.107  -0.686  1.00 11.52 ? 109  SER A CA  1 
ATOM   855  C  C   . SER A 1 109 ? -5.719  -6.290  -2.105  1.00 18.86 ? 109  SER A C   1 
ATOM   856  O  O   . SER A 1 109 ? -4.964  -6.014  -3.040  1.00 18.37 ? 109  SER A O   1 
ATOM   857  C  CB  . SER A 1 109 ? -4.498  -7.395  -0.201  1.00 14.91 ? 109  SER A CB  1 
ATOM   858  O  OG  . SER A 1 109 ? -5.475  -8.405  -0.067  1.00 14.64 ? 109  SER A OG  1 
ATOM   859  N  N   . GLU A 1 110 ? -6.970  -6.724  -2.307  1.00 15.76 ? 110  GLU A N   1 
ATOM   860  C  CA  . GLU A 1 110 ? -7.417  -7.006  -3.674  1.00 13.80 ? 110  GLU A CA  1 
ATOM   861  C  C   . GLU A 1 110 ? -7.645  -5.739  -4.494  1.00 12.65 ? 110  GLU A C   1 
ATOM   862  O  O   . GLU A 1 110 ? -7.889  -5.846  -5.714  1.00 13.78 ? 110  GLU A O   1 
ATOM   863  C  CB  . GLU A 1 110 ? -8.683  -7.869  -3.685  1.00 19.36 ? 110  GLU A CB  1 
ATOM   864  C  CG  . GLU A 1 110 ? -9.920  -7.200  -3.093  1.00 21.70 ? 110  GLU A CG  1 
ATOM   865  C  CD  . GLU A 1 110 ? -10.051 -7.495  -1.608  1.00 19.92 ? 110  GLU A CD  1 
ATOM   866  O  OE1 . GLU A 1 110 ? -11.157 -7.314  -1.058  1.00 18.78 ? 110  GLU A OE1 1 
ATOM   867  O  OE2 . GLU A 1 110 ? -9.059  -7.908  -0.969  1.00 16.76 ? 110  GLU A OE2 1 
ATOM   868  N  N   . VAL A 1 111 ? -7.552  -4.571  -3.878  1.00 14.38 ? 111  VAL A N   1 
ATOM   869  C  CA  . VAL A 1 111 ? -7.528  -3.302  -4.621  1.00 13.63 ? 111  VAL A CA  1 
ATOM   870  C  C   . VAL A 1 111 ? -6.471  -3.377  -5.727  1.00 22.79 ? 111  VAL A C   1 
ATOM   871  O  O   . VAL A 1 111 ? -6.637  -2.793  -6.796  1.00 17.29 ? 111  VAL A O   1 
ATOM   872  C  CB  . VAL A 1 111 ? -7.198  -2.129  -3.687  1.00 11.93 ? 111  VAL A CB  1 
ATOM   873  C  CG1 . VAL A 1 111 ? -6.801  -0.859  -4.416  1.00 17.45 ? 111  VAL A CG1 1 
ATOM   874  C  CG2 . VAL A 1 111 ? -8.420  -1.880  -2.787  1.00 18.94 ? 111  VAL A CG2 1 
ATOM   875  N  N   . VAL A 1 112 ? -5.369  -4.080  -5.480  1.00 15.68 ? 112  VAL A N   1 
ATOM   876  C  CA  . VAL A 1 112 ? -4.226  -4.172  -6.389  1.00 13.42 ? 112  VAL A CA  1 
ATOM   877  C  C   . VAL A 1 112 ? -4.672  -4.793  -7.711  1.00 12.62 ? 112  VAL A C   1 
ATOM   878  O  O   . VAL A 1 112 ? -4.010  -4.542  -8.726  1.00 13.39 ? 112  VAL A O   1 
ATOM   879  C  CB  . VAL A 1 112 ? -3.033  -4.953  -5.803  1.00 17.08 ? 112  VAL A CB  1 
ATOM   880  C  CG1 . VAL A 1 112 ? -3.256  -6.459  -5.874  1.00 14.67 ? 112  VAL A CG1 1 
ATOM   881  C  CG2 . VAL A 1 112 ? -1.703  -4.653  -6.515  1.00 12.41 ? 112  VAL A CG2 1 
ATOM   882  N  N   . LEU A 1 113 ? -5.739  -5.589  -7.768  1.00 13.60 ? 113  LEU A N   1 
ATOM   883  C  CA  . LEU A 1 113 ? -6.193  -6.151  -9.037  1.00 16.81 ? 113  LEU A CA  1 
ATOM   884  C  C   . LEU A 1 113 ? -6.576  -5.017  -9.986  1.00 18.20 ? 113  LEU A C   1 
ATOM   885  O  O   . LEU A 1 113 ? -6.508  -5.142  -11.220 1.00 21.84 ? 113  LEU A O   1 
ATOM   886  C  CB  . LEU A 1 113 ? -7.383  -7.093  -8.863  1.00 9.98  ? 113  LEU A CB  1 
ATOM   887  C  CG  . LEU A 1 113 ? -7.131  -8.306  -7.961  1.00 15.89 ? 113  LEU A CG  1 
ATOM   888  C  CD1 . LEU A 1 113 ? -8.442  -9.050  -7.762  1.00 16.93 ? 113  LEU A CD1 1 
ATOM   889  C  CD2 . LEU A 1 113 ? -6.048  -9.190  -8.556  1.00 20.42 ? 113  LEU A CD2 1 
ATOM   890  N  N   . ASP A 1 114 ? -6.935  -3.854  -9.439  1.00 15.38 ? 114  ASP A N   1 
ATOM   891  C  CA  . ASP A 1 114 ? -7.263  -2.775  -10.402 1.00 16.85 ? 114  ASP A CA  1 
ATOM   892  C  C   . ASP A 1 114 ? -6.067  -2.372  -11.260 1.00 20.19 ? 114  ASP A C   1 
ATOM   893  O  O   . ASP A 1 114 ? -6.248  -1.797  -12.364 1.00 17.27 ? 114  ASP A O   1 
ATOM   894  C  CB  . ASP A 1 114 ? -7.787  -1.537  -9.696  1.00 17.82 ? 114  ASP A CB  1 
ATOM   895  C  CG  . ASP A 1 114 ? -9.078  -1.637  -8.927  1.00 17.02 ? 114  ASP A CG  1 
ATOM   896  O  OD1 . ASP A 1 114 ? -9.373  -0.640  -8.222  1.00 36.09 ? 114  ASP A OD1 1 
ATOM   897  O  OD2 . ASP A 1 114 ? -9.826  -2.634  -8.944  1.00 22.54 ? 114  ASP A OD2 1 
ATOM   898  N  N   . ILE A 1 115 ? -4.872  -2.319  -10.647 1.00 17.29 ? 115  ILE A N   1 
ATOM   899  C  CA  . ILE A 1 115 ? -3.742  -1.717  -11.363 1.00 16.03 ? 115  ILE A CA  1 
ATOM   900  C  C   . ILE A 1 115 ? -2.769  -2.727  -11.927 1.00 15.02 ? 115  ILE A C   1 
ATOM   901  O  O   . ILE A 1 115 ? -1.794  -2.391  -12.613 1.00 16.04 ? 115  ILE A O   1 
ATOM   902  C  CB  . ILE A 1 115 ? -2.984  -0.700  -10.479 1.00 19.73 ? 115  ILE A CB  1 
ATOM   903  C  CG1 . ILE A 1 115 ? -2.508  -1.290  -9.149  1.00 18.47 ? 115  ILE A CG1 1 
ATOM   904  C  CG2 . ILE A 1 115 ? -3.876  0.537   -10.359 1.00 16.73 ? 115  ILE A CG2 1 
ATOM   905  C  CD1 . ILE A 1 115 ? -1.763  -0.328  -8.243  1.00 16.10 ? 115  ILE A CD1 1 
ATOM   906  N  N   . LEU A 1 116 ? -3.020  -4.041  -11.695 1.00 13.68 ? 116  LEU A N   1 
ATOM   907  C  CA  . LEU A 1 116 ? -2.153  -5.007  -12.383 1.00 12.87 ? 116  LEU A CA  1 
ATOM   908  C  C   . LEU A 1 116 ? -2.546  -5.203  -13.847 1.00 12.04 ? 116  LEU A C   1 
ATOM   909  O  O   . LEU A 1 116 ? -3.712  -5.503  -14.149 1.00 14.69 ? 116  LEU A O   1 
ATOM   910  C  CB  . LEU A 1 116 ? -2.233  -6.371  -11.670 1.00 18.01 ? 116  LEU A CB  1 
ATOM   911  C  CG  . LEU A 1 116 ? -1.572  -6.376  -10.285 1.00 15.35 ? 116  LEU A CG  1 
ATOM   912  C  CD1 . LEU A 1 116 ? -1.962  -7.581  -9.434  1.00 17.17 ? 116  LEU A CD1 1 
ATOM   913  C  CD2 . LEU A 1 116 ? -0.066  -6.284  -10.492 1.00 12.62 ? 116  LEU A CD2 1 
ATOM   914  N  N   . GLN A 1 117 ? -1.599  -5.030  -14.758 1.00 15.59 ? 117  GLN A N   1 
ATOM   915  C  CA  . GLN A 1 117 ? -1.956  -5.151  -16.171 1.00 17.15 ? 117  GLN A CA  1 
ATOM   916  C  C   . GLN A 1 117 ? -2.315  -6.558  -16.607 1.00 17.98 ? 117  GLN A C   1 
ATOM   917  O  O   . GLN A 1 117 ? -3.166  -6.729  -17.482 1.00 18.68 ? 117  GLN A O   1 
ATOM   918  C  CB  . GLN A 1 117 ? -0.772  -4.731  -17.057 1.00 20.92 ? 117  GLN A CB  1 
ATOM   919  C  CG  . GLN A 1 117 ? -0.468  -3.238  -16.915 1.00 26.74 ? 117  GLN A CG  1 
ATOM   920  C  CD  . GLN A 1 117 ? 0.898   -2.924  -17.501 1.00 33.25 ? 117  GLN A CD  1 
ATOM   921  O  OE1 . GLN A 1 117 ? 1.930   -3.374  -16.989 1.00 34.33 ? 117  GLN A OE1 1 
ATOM   922  N  NE2 . GLN A 1 117 ? 0.887   -2.147  -18.576 1.00 35.85 ? 117  GLN A NE2 1 
ATOM   923  N  N   . ASP A 1 118 ? -1.637  -7.566  -16.057 1.00 18.45 ? 118  ASP A N   1 
ATOM   924  C  CA  . ASP A 1 118 ? -1.989  -8.931  -16.444 1.00 18.72 ? 118  ASP A CA  1 
ATOM   925  C  C   . ASP A 1 118 ? -2.842  -9.614  -15.376 1.00 19.55 ? 118  ASP A C   1 
ATOM   926  O  O   . ASP A 1 118 ? -2.651  -9.409  -14.180 1.00 18.15 ? 118  ASP A O   1 
ATOM   927  C  CB  . ASP A 1 118 ? -0.732  -9.751  -16.717 1.00 18.79 ? 118  ASP A CB  1 
ATOM   928  C  CG  . ASP A 1 118 ? 0.172   -9.051  -17.721 1.00 26.81 ? 118  ASP A CG  1 
ATOM   929  O  OD1 . ASP A 1 118 ? -0.326  -8.382  -18.649 1.00 23.93 ? 118  ASP A OD1 1 
ATOM   930  O  OD2 . ASP A 1 118 ? 1.402   -9.175  -17.571 1.00 25.05 ? 118  ASP A OD2 1 
ATOM   931  N  N   . ALA A 1 119 ? -3.765  -10.440 -15.834 1.00 19.67 ? 119  ALA A N   1 
ATOM   932  C  CA  . ALA A 1 119 ? -4.747  -11.116 -15.011 1.00 18.00 ? 119  ALA A CA  1 
ATOM   933  C  C   . ALA A 1 119 ? -4.071  -12.133 -14.096 1.00 15.63 ? 119  ALA A C   1 
ATOM   934  O  O   . ALA A 1 119 ? -2.983  -12.620 -14.409 1.00 20.87 ? 119  ALA A O   1 
ATOM   935  C  CB  . ALA A 1 119 ? -5.765  -11.838 -15.898 1.00 14.79 ? 119  ALA A CB  1 
ATOM   936  N  N   . GLN A 1 120 ? -4.725  -12.453 -13.008 1.00 14.41 ? 120  GLN A N   1 
ATOM   937  C  CA  . GLN A 1 120 ? -4.154  -13.482 -12.132 1.00 15.91 ? 120  GLN A CA  1 
ATOM   938  C  C   . GLN A 1 120 ? -3.984  -14.765 -12.914 1.00 16.77 ? 120  GLN A C   1 
ATOM   939  O  O   . GLN A 1 120 ? -4.855  -15.111 -13.716 1.00 19.40 ? 120  GLN A O   1 
ATOM   940  C  CB  . GLN A 1 120 ? -5.109  -13.689 -10.949 1.00 11.83 ? 120  GLN A CB  1 
ATOM   941  C  CG  . GLN A 1 120 ? -5.272  -12.430 -10.078 1.00 15.31 ? 120  GLN A CG  1 
ATOM   942  C  CD  . GLN A 1 120 ? -4.028  -12.213 -9.237  1.00 12.85 ? 120  GLN A CD  1 
ATOM   943  O  OE1 . GLN A 1 120 ? -3.735  -12.991 -8.312  1.00 17.39 ? 120  GLN A OE1 1 
ATOM   944  N  NE2 . GLN A 1 120 ? -3.267  -11.185 -9.587  1.00 16.03 ? 120  GLN A NE2 1 
ATOM   945  N  N   . LYS A 1 121 ? -2.918  -15.517 -12.738 1.00 12.75 ? 121  LYS A N   1 
ATOM   946  C  CA  . LYS A 1 121 ? -2.649  -16.704 -13.529 1.00 20.26 ? 121  LYS A CA  1 
ATOM   947  C  C   . LYS A 1 121 ? -3.334  -17.972 -13.041 1.00 26.93 ? 121  LYS A C   1 
ATOM   948  O  O   . LYS A 1 121 ? -3.433  -18.950 -13.785 1.00 29.61 ? 121  LYS A O   1 
ATOM   949  C  CB  . LYS A 1 121 ? -1.135  -16.941 -13.537 1.00 22.91 ? 121  LYS A CB  1 
ATOM   950  C  CG  . LYS A 1 121 ? -0.436  -15.990 -14.520 1.00 24.25 ? 121  LYS A CG  1 
ATOM   951  C  CD  . LYS A 1 121 ? 1.049   -15.950 -14.161 1.00 30.86 ? 121  LYS A CD  1 
ATOM   952  C  CE  . LYS A 1 121 ? 1.706   -17.293 -14.452 1.00 30.69 ? 121  LYS A CE  1 
ATOM   953  N  NZ  . LYS A 1 121 ? 3.183   -17.209 -14.245 1.00 46.66 ? 121  LYS A NZ  1 
ATOM   954  N  N   . GLY A 1 122 ? -4.063  -17.854 -11.951 1.00 20.21 ? 122  GLY A N   1 
ATOM   955  C  CA  . GLY A 1 122 ? -4.847  -18.982 -11.449 1.00 22.28 ? 122  GLY A CA  1 
ATOM   956  C  C   . GLY A 1 122 ? -5.604  -18.500 -10.218 1.00 20.09 ? 122  GLY A C   1 
ATOM   957  O  O   . GLY A 1 122 ? -5.502  -17.319 -9.891  1.00 19.34 ? 122  GLY A O   1 
ATOM   958  N  N   . ALA A 1 123 ? -6.313  -19.374 -9.532  1.00 17.58 ? 123  ALA A N   1 
ATOM   959  C  CA  . ALA A 1 123 ? -7.056  -18.947 -8.352  1.00 17.53 ? 123  ALA A CA  1 
ATOM   960  C  C   . ALA A 1 123 ? -6.122  -18.334 -7.322  1.00 16.67 ? 123  ALA A C   1 
ATOM   961  O  O   . ALA A 1 123 ? -4.945  -18.684 -7.181  1.00 15.77 ? 123  ALA A O   1 
ATOM   962  C  CB  . ALA A 1 123 ? -7.798  -20.114 -7.712  1.00 12.75 ? 123  ALA A CB  1 
ATOM   963  N  N   . PHE A 1 124 ? -6.660  -17.372 -6.575  1.00 14.65 ? 124  PHE A N   1 
ATOM   964  C  CA  . PHE A 1 124 ? -5.952  -16.714 -5.503  1.00 16.23 ? 124  PHE A CA  1 
ATOM   965  C  C   . PHE A 1 124 ? -6.824  -16.679 -4.244  1.00 17.81 ? 124  PHE A C   1 
ATOM   966  O  O   . PHE A 1 124 ? -7.929  -16.147 -4.273  1.00 16.05 ? 124  PHE A O   1 
ATOM   967  C  CB  . PHE A 1 124 ? -5.541  -15.259 -5.791  1.00 20.27 ? 124  PHE A CB  1 
ATOM   968  C  CG  . PHE A 1 124 ? -4.620  -14.713 -4.694  1.00 13.60 ? 124  PHE A CG  1 
ATOM   969  C  CD1 . PHE A 1 124 ? -5.062  -13.972 -3.625  1.00 13.41 ? 124  PHE A CD1 1 
ATOM   970  C  CD2 . PHE A 1 124 ? -3.265  -14.963 -4.774  1.00 12.07 ? 124  PHE A CD2 1 
ATOM   971  C  CE1 . PHE A 1 124 ? -4.197  -13.495 -2.654  1.00 22.20 ? 124  PHE A CE1 1 
ATOM   972  C  CE2 . PHE A 1 124 ? -2.389  -14.511 -3.797  1.00 18.22 ? 124  PHE A CE2 1 
ATOM   973  C  CZ  . PHE A 1 124 ? -2.851  -13.784 -2.717  1.00 18.75 ? 124  PHE A CZ  1 
ATOM   974  N  N   . THR A 1 125 ? -6.228  -17.229 -3.197  1.00 19.26 ? 125  THR A N   1 
ATOM   975  C  CA  . THR A 1 125 ? -6.796  -17.246 -1.849  1.00 16.02 ? 125  THR A CA  1 
ATOM   976  C  C   . THR A 1 125 ? -5.856  -16.542 -0.878  1.00 13.15 ? 125  THR A C   1 
ATOM   977  O  O   . THR A 1 125 ? -4.661  -16.837 -0.823  1.00 15.24 ? 125  THR A O   1 
ATOM   978  C  CB  . THR A 1 125 ? -7.076  -18.699 -1.412  1.00 13.40 ? 125  THR A CB  1 
ATOM   979  O  OG1 . THR A 1 125 ? -8.068  -19.254 -2.283  1.00 18.37 ? 125  THR A OG1 1 
ATOM   980  C  CG2 . THR A 1 125 ? -7.699  -18.787 -0.017  1.00 9.70  ? 125  THR A CG2 1 
ATOM   981  N  N   . LYS A 1 126 ? -6.393  -15.615 -0.088  1.00 10.38 ? 126  LYS A N   1 
ATOM   982  C  CA  . LYS A 1 126 ? -5.577  -14.934 0.916   1.00 11.27 ? 126  LYS A CA  1 
ATOM   983  C  C   . LYS A 1 126 ? -4.975  -15.893 1.932   1.00 13.78 ? 126  LYS A C   1 
ATOM   984  O  O   . LYS A 1 126 ? -5.433  -17.021 2.060   1.00 15.00 ? 126  LYS A O   1 
ATOM   985  C  CB  . LYS A 1 126 ? -6.415  -13.876 1.639   1.00 12.85 ? 126  LYS A CB  1 
ATOM   986  C  CG  . LYS A 1 126 ? -6.779  -12.713 0.706   1.00 20.98 ? 126  LYS A CG  1 
ATOM   987  C  CD  . LYS A 1 126 ? -7.513  -11.629 1.509   1.00 16.46 ? 126  LYS A CD  1 
ATOM   988  C  CE  . LYS A 1 126 ? -8.092  -10.580 0.567   1.00 18.17 ? 126  LYS A CE  1 
ATOM   989  N  NZ  . LYS A 1 126 ? -8.881  -9.552  1.326   1.00 17.00 ? 126  LYS A NZ  1 
ATOM   990  N  N   . GLU A 1 127 ? -3.959  -15.429 2.657   1.00 12.57 ? 127  GLU A N   1 
ATOM   991  C  CA  . GLU A 1 127 ? -3.315  -16.336 3.616   1.00 15.15 ? 127  GLU A CA  1 
ATOM   992  C  C   . GLU A 1 127 ? -4.303  -16.774 4.691   1.00 17.79 ? 127  GLU A C   1 
ATOM   993  O  O   . GLU A 1 127 ? -4.103  -17.873 5.243   1.00 18.28 ? 127  GLU A O   1 
ATOM   994  C  CB  . GLU A 1 127 ? -2.029  -15.723 4.183   1.00 19.38 ? 127  GLU A CB  1 
ATOM   995  C  CG  . GLU A 1 127 ? -2.142  -14.338 4.768   1.00 22.68 ? 127  GLU A CG  1 
ATOM   996  C  CD  . GLU A 1 127 ? -0.907  -13.795 5.449   1.00 21.47 ? 127  GLU A CD  1 
ATOM   997  O  OE1 . GLU A 1 127 ? -1.127  -13.014 6.413   1.00 19.82 ? 127  GLU A OE1 1 
ATOM   998  O  OE2 . GLU A 1 127 ? 0.258   -14.097 5.094   1.00 16.78 ? 127  GLU A OE2 1 
ATOM   999  N  N   . ASP A 1 128 ? -5.362  -16.037 4.998   1.00 16.77 ? 128  ASP A N   1 
ATOM   1000 C  CA  . ASP A 1 128 ? -6.284  -16.544 6.031   1.00 17.93 ? 128  ASP A CA  1 
ATOM   1001 C  C   . ASP A 1 128 ? -7.410  -17.399 5.486   1.00 21.38 ? 128  ASP A C   1 
ATOM   1002 O  O   . ASP A 1 128 ? -8.349  -17.783 6.198   1.00 20.66 ? 128  ASP A O   1 
ATOM   1003 C  CB  . ASP A 1 128 ? -6.843  -15.361 6.833   1.00 21.60 ? 128  ASP A CB  1 
ATOM   1004 C  CG  . ASP A 1 128 ? -7.919  -14.596 6.071   1.00 24.23 ? 128  ASP A CG  1 
ATOM   1005 O  OD1 . ASP A 1 128 ? -8.120  -14.772 4.847   1.00 16.80 ? 128  ASP A OD1 1 
ATOM   1006 O  OD2 . ASP A 1 128 ? -8.572  -13.787 6.752   1.00 22.82 ? 128  ASP A OD2 1 
ATOM   1007 N  N   . GLY A 1 129 ? -7.362  -17.714 4.194   1.00 16.47 ? 129  GLY A N   1 
ATOM   1008 C  CA  . GLY A 1 129 ? -8.318  -18.615 3.580   1.00 13.59 ? 129  GLY A CA  1 
ATOM   1009 C  C   . GLY A 1 129 ? -9.390  -17.918 2.776   1.00 23.49 ? 129  GLY A C   1 
ATOM   1010 O  O   . GLY A 1 129 ? -10.236 -18.563 2.143   1.00 17.06 ? 129  GLY A O   1 
ATOM   1011 N  N   . GLU A 1 130 ? -9.375  -16.579 2.774   1.00 18.98 ? 130  GLU A N   1 
ATOM   1012 C  CA  . GLU A 1 130 ? -10.435 -15.863 2.050   1.00 13.65 ? 130  GLU A CA  1 
ATOM   1013 C  C   . GLU A 1 130 ? -10.200 -15.915 0.543   1.00 17.98 ? 130  GLU A C   1 
ATOM   1014 O  O   . GLU A 1 130 ? -9.132  -15.478 0.084   1.00 15.10 ? 130  GLU A O   1 
ATOM   1015 C  CB  . GLU A 1 130 ? -10.526 -14.419 2.546   1.00 21.26 ? 130  GLU A CB  1 
ATOM   1016 C  CG  . GLU A 1 130 ? -11.493 -13.520 1.794   1.00 22.10 ? 130  GLU A CG  1 
ATOM   1017 C  CD  . GLU A 1 130 ? -11.268 -12.041 2.064   1.00 27.43 ? 130  GLU A CD  1 
ATOM   1018 O  OE1 . GLU A 1 130 ? -10.806 -11.659 3.156   1.00 33.71 ? 130  GLU A OE1 1 
ATOM   1019 O  OE2 . GLU A 1 130 ? -11.562 -11.205 1.176   1.00 37.11 ? 130  GLU A OE2 1 
ATOM   1020 N  N   . LYS A 1 131 ? -11.170 -16.441 -0.184  1.00 16.82 ? 131  LYS A N   1 
ATOM   1021 C  CA  . LYS A 1 131 ? -11.045 -16.608 -1.629  1.00 19.29 ? 131  LYS A CA  1 
ATOM   1022 C  C   . LYS A 1 131 ? -11.141 -15.252 -2.308  1.00 20.69 ? 131  LYS A C   1 
ATOM   1023 O  O   . LYS A 1 131 ? -12.004 -14.454 -1.935  1.00 24.96 ? 131  LYS A O   1 
ATOM   1024 C  CB  . LYS A 1 131 ? -12.134 -17.560 -2.115  1.00 22.66 ? 131  LYS A CB  1 
ATOM   1025 C  CG  . LYS A 1 131 ? -12.119 -18.909 -1.397  1.00 26.38 ? 131  LYS A CG  1 
ATOM   1026 C  CD  . LYS A 1 131 ? -13.074 -19.892 -2.069  1.00 42.58 ? 131  LYS A CD  1 
ATOM   1027 C  CE  . LYS A 1 131 ? -13.356 -21.091 -1.167  1.00 50.12 ? 131  LYS A CE  1 
ATOM   1028 N  NZ  . LYS A 1 131 ? -12.841 -22.372 -1.729  1.00 51.77 ? 131  LYS A NZ  1 
ATOM   1029 N  N   . VAL A 1 132 ? -10.253 -14.967 -3.253  1.00 16.89 ? 132  VAL A N   1 
ATOM   1030 C  CA  . VAL A 1 132 ? -10.309 -13.662 -3.916  1.00 12.48 ? 132  VAL A CA  1 
ATOM   1031 C  C   . VAL A 1 132 ? -10.742 -13.808 -5.360  1.00 14.60 ? 132  VAL A C   1 
ATOM   1032 O  O   . VAL A 1 132 ? -11.717 -13.188 -5.792  1.00 19.65 ? 132  VAL A O   1 
ATOM   1033 C  CB  . VAL A 1 132 ? -8.939  -12.960 -3.867  1.00 23.15 ? 132  VAL A CB  1 
ATOM   1034 C  CG1 . VAL A 1 132 ? -9.010  -11.624 -4.604  1.00 24.57 ? 132  VAL A CG1 1 
ATOM   1035 C  CG2 . VAL A 1 132 ? -8.468  -12.766 -2.440  1.00 18.76 ? 132  VAL A CG2 1 
ATOM   1036 N  N   . VAL A 1 133 ? -10.008 -14.648 -6.081  1.00 15.49 ? 133  VAL A N   1 
ATOM   1037 C  CA  . VAL A 1 133 ? -10.382 -15.010 -7.447  1.00 20.46 ? 133  VAL A CA  1 
ATOM   1038 C  C   . VAL A 1 133 ? -10.353 -16.532 -7.603  1.00 22.96 ? 133  VAL A C   1 
ATOM   1039 O  O   . VAL A 1 133 ? -9.466  -17.177 -7.035  1.00 14.05 ? 133  VAL A O   1 
ATOM   1040 C  CB  . VAL A 1 133 ? -9.475  -14.367 -8.515  1.00 21.27 ? 133  VAL A CB  1 
ATOM   1041 C  CG1 . VAL A 1 133 ? -9.294  -12.883 -8.205  1.00 34.21 ? 133  VAL A CG1 1 
ATOM   1042 C  CG2 . VAL A 1 133 ? -8.135  -15.070 -8.580  1.00 29.11 ? 133  VAL A CG2 1 
ATOM   1043 N  N   . ASP A 1 134 ? -11.300 -17.083 -8.343  1.00 22.69 ? 134  ASP A N   1 
ATOM   1044 C  CA  . ASP A 1 134 ? -11.336 -18.522 -8.604  1.00 21.72 ? 134  ASP A CA  1 
ATOM   1045 C  C   . ASP A 1 134 ? -10.498 -18.862 -9.825  1.00 22.67 ? 134  ASP A C   1 
ATOM   1046 O  O   . ASP A 1 134 ? -9.849  -17.993 -10.412 1.00 23.03 ? 134  ASP A O   1 
ATOM   1047 C  CB  . ASP A 1 134 ? -12.788 -18.967 -8.767  1.00 28.38 ? 134  ASP A CB  1 
ATOM   1048 C  CG  . ASP A 1 134 ? -13.504 -18.427 -9.988  1.00 35.42 ? 134  ASP A CG  1 
ATOM   1049 O  OD1 . ASP A 1 134 ? -14.759 -18.502 -10.023 1.00 33.33 ? 134  ASP A OD1 1 
ATOM   1050 O  OD2 . ASP A 1 134 ? -12.904 -17.916 -10.958 1.00 19.90 ? 134  ASP A OD2 1 
ATOM   1051 N  N   . GLU A 1 135 ? -10.493 -20.129 -10.244 1.00 18.40 ? 135  GLU A N   1 
ATOM   1052 C  CA  . GLU A 1 135 ? -9.627  -20.610 -11.303 1.00 24.21 ? 135  GLU A CA  1 
ATOM   1053 C  C   . GLU A 1 135 ? -9.931  -19.969 -12.658 1.00 27.96 ? 135  GLU A C   1 
ATOM   1054 O  O   . GLU A 1 135 ? -9.000  -19.752 -13.439 1.00 27.34 ? 135  GLU A O   1 
ATOM   1055 C  CB  . GLU A 1 135 ? -9.768  -22.126 -11.447 1.00 29.54 ? 135  GLU A CB  1 
ATOM   1056 C  CG  . GLU A 1 135 ? -8.507  -22.946 -11.446 1.00 41.80 ? 135  GLU A CG  1 
ATOM   1057 C  CD  . GLU A 1 135 ? -7.196  -22.223 -11.628 1.00 43.02 ? 135  GLU A CD  1 
ATOM   1058 O  OE1 . GLU A 1 135 ? -6.812  -21.991 -12.798 1.00 59.99 ? 135  GLU A OE1 1 
ATOM   1059 O  OE2 . GLU A 1 135 ? -6.529  -21.897 -10.620 1.00 23.72 ? 135  GLU A OE2 1 
ATOM   1060 N  N   . ALA A 1 136 ? -11.209 -19.711 -12.859 1.00 29.02 ? 136  ALA A N   1 
ATOM   1061 C  CA  . ALA A 1 136 ? -11.736 -19.041 -14.037 1.00 32.79 ? 136  ALA A CA  1 
ATOM   1062 C  C   . ALA A 1 136 ? -11.375 -17.557 -14.084 1.00 38.27 ? 136  ALA A C   1 
ATOM   1063 O  O   . ALA A 1 136 ? -11.467 -16.949 -15.158 1.00 39.41 ? 136  ALA A O   1 
ATOM   1064 C  CB  . ALA A 1 136 ? -13.250 -19.202 -14.070 1.00 26.89 ? 136  ALA A CB  1 
ATOM   1065 N  N   . GLY A 1 137 ? -10.977 -16.944 -12.974 1.00 26.92 ? 137  GLY A N   1 
ATOM   1066 C  CA  . GLY A 1 137 ? -10.513 -15.568 -12.934 1.00 24.04 ? 137  GLY A CA  1 
ATOM   1067 C  C   . GLY A 1 137 ? -11.553 -14.589 -12.431 1.00 23.04 ? 137  GLY A C   1 
ATOM   1068 O  O   . GLY A 1 137 ? -11.385 -13.365 -12.415 1.00 20.28 ? 137  GLY A O   1 
ATOM   1069 N  N   . LYS A 1 138 ? -12.690 -15.135 -11.994 1.00 20.03 ? 138  LYS A N   1 
ATOM   1070 C  CA  . LYS A 1 138 ? -13.735 -14.305 -11.421 1.00 21.63 ? 138  LYS A CA  1 
ATOM   1071 C  C   . LYS A 1 138 ? -13.477 -13.904 -9.973  1.00 29.28 ? 138  LYS A C   1 
ATOM   1072 O  O   . LYS A 1 138 ? -13.183 -14.760 -9.139  1.00 22.81 ? 138  LYS A O   1 
ATOM   1073 C  CB  . LYS A 1 138 ? -15.086 -15.045 -11.498 1.00 23.25 ? 138  LYS A CB  1 
ATOM   1074 C  CG  . LYS A 1 138 ? -16.216 -14.216 -10.895 1.00 34.67 ? 138  LYS A CG  1 
ATOM   1075 C  CD  . LYS A 1 138 ? -17.536 -14.968 -10.952 1.00 52.00 ? 138  LYS A CD  1 
ATOM   1076 C  CE  . LYS A 1 138 ? -17.453 -16.286 -10.194 1.00 63.36 ? 138  LYS A CE  1 
ATOM   1077 N  NZ  . LYS A 1 138 ? -17.818 -17.453 -11.054 1.00 73.50 ? 138  LYS A NZ  1 
ATOM   1078 N  N   . ARG A 1 139 ? -13.615 -12.613 -9.710  1.00 24.12 ? 139  ARG A N   1 
ATOM   1079 C  CA  . ARG A 1 139 ? -13.598 -12.063 -8.362  1.00 24.93 ? 139  ARG A CA  1 
ATOM   1080 C  C   . ARG A 1 139 ? -14.714 -12.687 -7.544  1.00 29.57 ? 139  ARG A C   1 
ATOM   1081 O  O   . ARG A 1 139 ? -15.882 -12.768 -7.951  1.00 31.75 ? 139  ARG A O   1 
ATOM   1082 C  CB  A ARG A 1 139 ? -13.761 -10.545 -8.404  0.53 29.47 ? 139  ARG A CB  1 
ATOM   1083 C  CB  B ARG A 1 139 ? -13.770 -10.547 -8.381  0.47 29.52 ? 139  ARG A CB  1 
ATOM   1084 C  CG  A ARG A 1 139 ? -12.466 -9.778  -8.217  0.53 32.04 ? 139  ARG A CG  1 
ATOM   1085 C  CG  B ARG A 1 139 ? -12.510 -9.731  -8.199  0.47 31.89 ? 139  ARG A CG  1 
ATOM   1086 C  CD  A ARG A 1 139 ? -11.831 -10.127 -6.881  0.53 30.37 ? 139  ARG A CD  1 
ATOM   1087 C  CD  B ARG A 1 139 ? -12.000 -9.758  -6.777  0.47 28.48 ? 139  ARG A CD  1 
ATOM   1088 N  NE  A ARG A 1 139 ? -12.298 -9.253  -5.824  0.53 36.09 ? 139  ARG A NE  1 
ATOM   1089 N  NE  B ARG A 1 139 ? -12.821 -9.006  -5.841  0.47 36.87 ? 139  ARG A NE  1 
ATOM   1090 C  CZ  A ARG A 1 139 ? -12.731 -9.602  -4.619  0.53 32.56 ? 139  ARG A CZ  1 
ATOM   1091 C  CZ  B ARG A 1 139 ? -12.869 -7.685  -5.725  0.47 41.03 ? 139  ARG A CZ  1 
ATOM   1092 N  NH1 A ARG A 1 139 ? -12.785 -10.870 -4.252  0.53 32.86 ? 139  ARG A NH1 1 
ATOM   1093 N  NH1 B ARG A 1 139 ? -12.141 -6.887  -6.497  0.47 28.68 ? 139  ARG A NH1 1 
ATOM   1094 N  NH2 A ARG A 1 139 ? -13.125 -8.660  -3.773  0.53 24.21 ? 139  ARG A NH2 1 
ATOM   1095 N  NH2 B ARG A 1 139 ? -13.675 -7.146  -4.813  0.47 43.95 ? 139  ARG A NH2 1 
ATOM   1096 N  N   . LEU A 1 140 ? -14.420 -13.174 -6.334  1.00 29.72 ? 140  LEU A N   1 
ATOM   1097 C  CA  . LEU A 1 140 ? -15.580 -13.786 -5.663  1.00 34.45 ? 140  LEU A CA  1 
ATOM   1098 C  C   . LEU A 1 140 ? -16.234 -12.757 -4.745  1.00 38.40 ? 140  LEU A C   1 
ATOM   1099 O  O   . LEU A 1 140 ? -15.573 -11.799 -4.335  1.00 48.99 ? 140  LEU A O   1 
ATOM   1100 C  CB  . LEU A 1 140 ? -15.147 -15.060 -4.940  1.00 34.03 ? 140  LEU A CB  1 
ATOM   1101 C  CG  . LEU A 1 140 ? -14.471 -16.096 -5.847  1.00 36.69 ? 140  LEU A CG  1 
ATOM   1102 C  CD1 . LEU A 1 140 ? -13.834 -17.194 -5.017  1.00 36.45 ? 140  LEU A CD1 1 
ATOM   1103 C  CD2 . LEU A 1 140 ? -15.464 -16.684 -6.836  1.00 47.32 ? 140  LEU A CD2 1 
HETATM 1104 S  S   . SO4 B 2 .   ? -7.816  0.405   7.451   0.61 40.52 ? 202  SO4 A S   1 
HETATM 1105 O  O1  . SO4 B 2 .   ? -8.482  -0.497  6.493   0.61 49.01 ? 202  SO4 A O1  1 
HETATM 1106 O  O2  . SO4 B 2 .   ? -6.771  1.181   6.756   0.61 52.30 ? 202  SO4 A O2  1 
HETATM 1107 O  O3  . SO4 B 2 .   ? -8.811  1.330   8.021   0.61 64.44 ? 202  SO4 A O3  1 
HETATM 1108 O  O4  . SO4 B 2 .   ? -7.216  -0.396  8.533   0.61 33.71 ? 202  SO4 A O4  1 
HETATM 1109 S  S   . SO4 C 2 .   ? -6.397  -8.094  3.537   0.67 14.53 ? 203  SO4 A S   1 
HETATM 1110 O  O1  . SO4 C 2 .   ? -5.872  -7.808  4.879   0.67 20.76 ? 203  SO4 A O1  1 
HETATM 1111 O  O2  . SO4 C 2 .   ? -6.843  -6.839  2.898   0.67 26.78 ? 203  SO4 A O2  1 
HETATM 1112 O  O3  . SO4 C 2 .   ? -5.367  -8.710  2.694   0.67 17.34 ? 203  SO4 A O3  1 
HETATM 1113 O  O4  . SO4 C 2 .   ? -7.572  -8.991  3.703   0.67 17.14 ? 203  SO4 A O4  1 
HETATM 1114 CS CS  . CS  D 3 .   ? -6.869  -4.541  -14.290 0.45 16.79 ? 401  CS  A CS  1 
HETATM 1115 CS CS  . CS  E 3 .   ? 14.193  7.420   -1.264  0.30 50.26 ? 402  CS  A CS  1 
HETATM 1116 CS CS  . CS  F 3 .   ? -7.051  -17.998 -14.768 0.34 77.40 ? 404  CS  A CS  1 
HETATM 1117 CS CS  . CS  G 3 .   ? -7.075  -11.032 8.225   0.32 27.26 ? 405  CS  A CS  1 
HETATM 1118 AS AS  . TAS H 4 .   ? -2.719  -7.813  9.585   0.43 41.81 ? 201  TAS A AS  1 
HETATM 1119 O  O1  . TAS H 4 .   ? -4.022  -8.477  10.691  0.43 28.70 ? 201  TAS A O1  1 
HETATM 1120 O  O2  . TAS H 4 .   ? -3.372  -7.411  7.923   0.43 22.88 ? 201  TAS A O2  1 
HETATM 1121 O  O3  . TAS H 4 .   ? -1.175  -8.787  9.595   0.43 21.24 ? 201  TAS A O3  1 
HETATM 1122 O  O   . HOH I 5 .   ? -2.591  -9.007  -20.058 1.00 19.27 ? 1001 HOH A O   1 
HETATM 1123 O  O   . HOH I 5 .   ? -0.175  21.220  14.407  1.00 16.86 ? 1002 HOH A O   1 
HETATM 1124 O  O   . HOH I 5 .   ? -3.801  -9.525  -11.707 1.00 14.10 ? 1003 HOH A O   1 
HETATM 1125 O  O   . HOH I 5 .   ? -3.736  9.990   18.070  1.00 18.52 ? 1004 HOH A O   1 
HETATM 1126 O  O   . HOH I 5 .   ? -5.292  -12.993 4.806   1.00 16.29 ? 1005 HOH A O   1 
HETATM 1127 O  O   . HOH I 5 .   ? 8.564   7.914   22.126  1.00 20.78 ? 1006 HOH A O   1 
HETATM 1128 O  O   . HOH I 5 .   ? -8.864  -18.362 8.854   1.00 21.71 ? 1007 HOH A O   1 
HETATM 1129 O  O   . HOH I 5 .   ? -0.783  -14.321 0.510   1.00 15.85 ? 1008 HOH A O   1 
HETATM 1130 O  O   . HOH I 5 .   ? 2.466   13.209  23.595  1.00 19.94 ? 1009 HOH A O   1 
HETATM 1131 O  O   . HOH I 5 .   ? -1.837  -19.376 4.564   1.00 16.52 ? 1010 HOH A O   1 
HETATM 1132 O  O   . HOH I 5 .   ? 9.178   -1.761  5.479   1.00 22.92 ? 1011 HOH A O   1 
HETATM 1133 O  O   . HOH I 5 .   ? -6.963  -10.917 -12.487 1.00 19.27 ? 1012 HOH A O   1 
HETATM 1134 O  O   . HOH I 5 .   ? -5.518  -7.399  -14.823 1.00 20.36 ? 1013 HOH A O   1 
HETATM 1135 O  O   . HOH I 5 .   ? 1.052   -14.448 2.439   1.00 17.02 ? 1014 HOH A O   1 
HETATM 1136 O  O   . HOH I 5 .   ? 8.685   -5.186  -11.695 1.00 19.85 ? 1015 HOH A O   1 
HETATM 1137 O  O   . HOH I 5 .   ? -6.392  9.619   10.811  1.00 19.68 ? 1016 HOH A O   1 
HETATM 1138 O  O   . HOH I 5 .   ? -5.741  15.080  4.562   1.00 15.41 ? 1017 HOH A O   1 
HETATM 1139 O  O   . HOH I 5 .   ? 2.250   19.786  14.090  1.00 17.48 ? 1018 HOH A O   1 
HETATM 1140 O  O   . HOH I 5 .   ? 1.295   23.190  6.141   1.00 20.08 ? 1019 HOH A O   1 
HETATM 1141 O  O   . HOH I 5 .   ? -4.739  18.084  7.208   1.00 24.75 ? 1020 HOH A O   1 
HETATM 1142 O  O   . HOH I 5 .   ? 4.389   19.699  12.093  1.00 12.70 ? 1021 HOH A O   1 
HETATM 1143 O  O   . HOH I 5 .   ? -6.217  -7.910  -12.289 1.00 14.00 ? 1022 HOH A O   1 
HETATM 1144 O  O   . HOH I 5 .   ? -5.740  17.354  10.759  1.00 16.84 ? 1023 HOH A O   1 
HETATM 1145 O  O   . HOH I 5 .   ? -6.857  -4.056  5.076   1.00 32.15 ? 1024 HOH A O   1 
HETATM 1146 O  O   . HOH I 5 .   ? -0.374  22.076  4.051   1.00 17.99 ? 1025 HOH A O   1 
HETATM 1147 O  O   . HOH I 5 .   ? 4.297   1.352   16.658  1.00 18.96 ? 1026 HOH A O   1 
HETATM 1148 O  O   . HOH I 5 .   ? -6.867  -20.647 -4.340  1.00 20.59 ? 1027 HOH A O   1 
HETATM 1149 O  O   . HOH I 5 .   ? -4.578  -9.715  6.633   1.00 19.78 ? 1028 HOH A O   1 
HETATM 1150 O  O   . HOH I 5 .   ? 3.040   1.451   8.252   1.00 22.74 ? 1029 HOH A O   1 
HETATM 1151 O  O   . HOH I 5 .   ? 6.314   8.708   18.724  1.00 43.18 ? 1030 HOH A O   1 
HETATM 1152 O  O   . HOH I 5 .   ? 14.298  -1.226  0.618   1.00 25.77 ? 1031 HOH A O   1 
HETATM 1153 O  O   . HOH I 5 .   ? -6.738  16.137  7.969   1.00 19.42 ? 1032 HOH A O   1 
HETATM 1154 O  O   . HOH I 5 .   ? -4.344  -20.738 -5.252  1.00 21.26 ? 1033 HOH A O   1 
HETATM 1155 O  O   . HOH I 5 .   ? 1.147   -4.505  -14.039 1.00 23.33 ? 1034 HOH A O   1 
HETATM 1156 O  O   . HOH I 5 .   ? 0.720   -7.500  -13.966 1.00 18.82 ? 1035 HOH A O   1 
HETATM 1157 O  O   . HOH I 5 .   ? -4.629  7.793   18.642  1.00 21.29 ? 1036 HOH A O   1 
HETATM 1158 O  O   . HOH I 5 .   ? -5.787  7.815   8.645   1.00 23.36 ? 1037 HOH A O   1 
HETATM 1159 O  O   . HOH I 5 .   ? 6.877   -10.961 2.692   1.00 23.17 ? 1038 HOH A O   1 
HETATM 1160 O  O   . HOH I 5 .   ? 8.626   -5.017  9.214   1.00 20.22 ? 1039 HOH A O   1 
HETATM 1161 O  O   . HOH I 5 .   ? 5.426   17.772  10.816  1.00 19.21 ? 1040 HOH A O   1 
HETATM 1162 O  O   . HOH I 5 .   ? -9.199  -12.416 -13.323 1.00 19.32 ? 1041 HOH A O   1 
HETATM 1163 O  O   . HOH I 5 .   ? -1.994  23.082  11.662  1.00 17.32 ? 1042 HOH A O   1 
HETATM 1164 O  O   . HOH I 5 .   ? 1.369   -17.558 -10.078 1.00 28.16 ? 1043 HOH A O   1 
HETATM 1165 O  O   . HOH I 5 .   ? -3.859  14.275  22.135  1.00 23.79 ? 1044 HOH A O   1 
HETATM 1166 O  O   . HOH I 5 .   ? 10.539  -3.938  7.154   1.00 22.25 ? 1045 HOH A O   1 
HETATM 1167 O  O   . HOH I 5 .   ? 6.432   -13.924 -10.376 1.00 27.82 ? 1046 HOH A O   1 
HETATM 1168 O  O   . HOH I 5 .   ? -11.731 -7.406  1.769   1.00 22.51 ? 1047 HOH A O   1 
HETATM 1169 O  O   . HOH I 5 .   ? 8.969   5.035   11.985  1.00 19.31 ? 1048 HOH A O   1 
HETATM 1170 O  O   . HOH I 5 .   ? -3.750  -12.168 6.818   1.00 22.30 ? 1049 HOH A O   1 
HETATM 1171 O  O   . HOH I 5 .   ? -10.274 -21.046 1.454   1.00 28.36 ? 1050 HOH A O   1 
HETATM 1172 O  O   . HOH I 5 .   ? -5.435  4.285   -3.505  1.00 20.49 ? 1051 HOH A O   1 
HETATM 1173 O  O   . HOH I 5 .   ? -9.429  -21.434 -1.507  1.00 22.36 ? 1052 HOH A O   1 
HETATM 1174 O  O   . HOH I 5 .   ? 13.431  -5.371  -5.037  1.00 23.22 ? 1053 HOH A O   1 
HETATM 1175 O  O   . HOH I 5 .   ? 9.047   -10.249 -13.483 1.00 30.65 ? 1054 HOH A O   1 
HETATM 1176 O  O   . HOH I 5 .   ? -9.208  10.147  0.763   1.00 29.71 ? 1055 HOH A O   1 
HETATM 1177 O  O   . HOH I 5 .   ? -4.801  5.046   6.685   1.00 27.41 ? 1056 HOH A O   1 
HETATM 1178 O  O   . HOH I 5 .   ? 3.932   -14.804 2.063   1.00 23.20 ? 1057 HOH A O   1 
HETATM 1179 O  O   . HOH I 5 .   ? -4.031  20.817  4.746   1.00 20.87 ? 1058 HOH A O   1 
HETATM 1180 O  O   . HOH I 5 .   ? 12.672  4.647   -0.993  1.00 24.62 ? 1059 HOH A O   1 
HETATM 1181 O  O   . HOH I 5 .   ? -1.393  12.523  22.340  1.00 24.37 ? 1060 HOH A O   1 
HETATM 1182 O  O   . HOH I 5 .   ? -5.355  -20.048 2.563   1.00 21.55 ? 1061 HOH A O   1 
HETATM 1183 O  O   . HOH I 5 .   ? 3.011   7.080   -8.323  1.00 22.05 ? 1062 HOH A O   1 
HETATM 1184 O  O   . HOH I 5 .   ? 10.815  5.569   -3.163  1.00 27.84 ? 1063 HOH A O   1 
HETATM 1185 O  O   . HOH I 5 .   ? 5.670   7.102   -8.231  1.00 33.74 ? 1064 HOH A O   1 
HETATM 1186 O  O   . HOH I 5 .   ? -4.781  4.991   17.233  1.00 26.91 ? 1065 HOH A O   1 
HETATM 1187 O  O   . HOH I 5 .   ? -10.107 -18.460 -4.565  1.00 25.93 ? 1066 HOH A O   1 
HETATM 1188 O  O   . HOH I 5 .   ? 12.563  10.370  2.873   1.00 28.06 ? 1067 HOH A O   1 
HETATM 1189 O  O   . HOH I 5 .   ? -3.038  6.218   -10.107 1.00 27.37 ? 1068 HOH A O   1 
HETATM 1190 O  O   . HOH I 5 .   ? 0.761   6.495   -10.682 1.00 25.16 ? 1069 HOH A O   1 
HETATM 1191 O  O   . HOH I 5 .   ? 8.675   3.506   22.693  1.00 27.53 ? 1070 HOH A O   1 
HETATM 1192 O  O   . HOH I 5 .   ? -10.332 16.968  16.474  1.00 31.50 ? 1071 HOH A O   1 
HETATM 1193 O  O   . HOH I 5 .   ? 12.190  15.396  -1.852  1.00 26.43 ? 1072 HOH A O   1 
HETATM 1194 O  O   . HOH I 5 .   ? -12.776 -14.722 -15.740 1.00 28.72 ? 1073 HOH A O   1 
HETATM 1195 O  O   . HOH I 5 .   ? 7.854   16.662  11.730  1.00 29.14 ? 1074 HOH A O   1 
HETATM 1196 O  O   . HOH I 5 .   ? -7.747  22.751  13.859  1.00 24.89 ? 1075 HOH A O   1 
HETATM 1197 O  O   . HOH I 5 .   ? -7.238  4.909   4.157   1.00 30.77 ? 1076 HOH A O   1 
HETATM 1198 O  O   . HOH I 5 .   ? -7.509  -14.598 -13.788 1.00 22.89 ? 1077 HOH A O   1 
HETATM 1199 O  O   . HOH I 5 .   ? -5.000  15.727  1.157   1.00 20.08 ? 1078 HOH A O   1 
HETATM 1200 O  O   . HOH I 5 .   ? -10.247 -12.330 5.276   1.00 27.49 ? 1079 HOH A O   1 
HETATM 1201 O  O   . HOH I 5 .   ? -11.130 -21.865 -7.737  1.00 26.26 ? 1080 HOH A O   1 
HETATM 1202 O  O   . HOH I 5 .   ? -15.111 -15.462 -15.207 1.00 42.55 ? 1081 HOH A O   1 
HETATM 1203 O  O   . HOH I 5 .   ? -2.697  -19.528 -9.080  1.00 35.15 ? 1082 HOH A O   1 
HETATM 1204 O  O   . HOH I 5 .   ? -8.177  8.121   14.876  1.00 30.90 ? 1083 HOH A O   1 
HETATM 1205 O  O   . HOH I 5 .   ? -7.003  2.305   4.413   1.00 26.72 ? 1084 HOH A O   1 
HETATM 1206 O  O   . HOH I 5 .   ? -8.795  15.251  5.510   1.00 28.07 ? 1085 HOH A O   1 
HETATM 1207 O  O   . HOH I 5 .   ? -13.698 -17.282 1.170   1.00 25.75 ? 1086 HOH A O   1 
HETATM 1208 O  O   . HOH I 5 .   ? 2.778   -10.026 -15.302 1.00 32.65 ? 1087 HOH A O   1 
HETATM 1209 O  O   . HOH I 5 .   ? 10.139  3.246   19.807  1.00 28.34 ? 1088 HOH A O   1 
HETATM 1210 O  O   . HOH I 5 .   ? 10.061  -11.253 -0.649  1.00 27.87 ? 1089 HOH A O   1 
HETATM 1211 O  O   . HOH I 5 .   ? -8.795  -23.573 -7.452  1.00 36.27 ? 1090 HOH A O   1 
HETATM 1212 O  O   . HOH I 5 .   ? 13.759  -5.141  -0.814  1.00 34.00 ? 1091 HOH A O   1 
HETATM 1213 O  O   . HOH I 5 .   ? -5.047  2.505   10.302  1.00 33.47 ? 1092 HOH A O   1 
HETATM 1214 O  O   . HOH I 5 .   ? -9.497  13.699  12.203  1.00 48.60 ? 1093 HOH A O   1 
HETATM 1215 O  O   . HOH I 5 .   ? -11.536 -20.262 -5.740  1.00 35.86 ? 1094 HOH A O   1 
HETATM 1216 O  O   . HOH I 5 .   ? 10.769  16.366  6.572   1.00 43.90 ? 1095 HOH A O   1 
HETATM 1217 O  O   . HOH I 5 .   ? 1.061   -10.060 10.416  1.00 22.60 ? 1096 HOH A O   1 
HETATM 1218 O  O   . HOH I 5 .   ? 13.278  -7.750  -0.700  1.00 55.53 ? 1097 HOH A O   1 
HETATM 1219 O  O   . HOH I 5 .   ? -10.197 -4.919  -10.472 1.00 19.59 ? 1098 HOH A O   1 
HETATM 1220 O  O   . HOH I 5 .   ? -17.610 -14.087 -14.609 1.00 42.06 ? 1099 HOH A O   1 
HETATM 1221 O  O   . HOH I 5 .   ? -0.032  15.108  -3.046  1.00 29.62 ? 1100 HOH A O   1 
HETATM 1222 O  O   . HOH I 5 .   ? -7.159  2.671   -2.015  1.00 37.84 ? 1101 HOH A O   1 
HETATM 1223 O  O   . HOH I 5 .   ? 5.604   -12.738 1.899   1.00 48.47 ? 1102 HOH A O   1 
HETATM 1224 O  O   . HOH I 5 .   ? 11.839  -8.763  -5.548  1.00 33.86 ? 1103 HOH A O   1 
HETATM 1225 O  O   . HOH I 5 .   ? -8.738  -14.947 -16.730 1.00 35.73 ? 1104 HOH A O   1 
HETATM 1226 O  O   . HOH I 5 .   ? -8.684  -2.777  4.294   1.00 37.26 ? 1105 HOH A O   1 
HETATM 1227 O  O   . HOH I 5 .   ? -7.640  -11.413 5.095   1.00 23.38 ? 1106 HOH A O   1 
HETATM 1228 O  O   . HOH I 5 .   ? 9.732   6.181   20.049  1.00 31.20 ? 1107 HOH A O   1 
HETATM 1229 O  O   . HOH I 5 .   ? -2.627  15.220  -3.386  1.00 31.77 ? 1108 HOH A O   1 
HETATM 1230 O  O   . HOH I 5 .   ? 0.124   16.329  -0.971  1.00 36.90 ? 1109 HOH A O   1 
HETATM 1231 O  O   . HOH I 5 .   ? 10.516  -8.540  1.322   1.00 34.51 ? 1110 HOH A O   1 
HETATM 1232 O  O   . HOH I 5 .   ? 3.378   1.582   1.954   1.00 32.40 ? 1111 HOH A O   1 
HETATM 1233 O  O   . HOH I 5 .   ? -7.670  -8.024  6.995   1.00 37.15 ? 1112 HOH A O   1 
HETATM 1234 O  O   . HOH I 5 .   ? 14.679  6.635   2.115   1.00 37.08 ? 1113 HOH A O   1 
HETATM 1235 O  O   . HOH I 5 .   ? -6.730  19.825  7.408   1.00 46.54 ? 1114 HOH A O   1 
HETATM 1236 O  O   . HOH I 5 .   ? -10.223 0.386   -0.467  1.00 27.07 ? 1115 HOH A O   1 
HETATM 1237 O  O   . HOH I 5 .   ? -12.691 -19.107 4.096   1.00 54.65 ? 1116 HOH A O   1 
HETATM 1238 O  O   . HOH I 5 .   ? -5.047  2.704   -15.330 1.00 37.15 ? 1117 HOH A O   1 
HETATM 1239 O  O   . HOH I 5 .   ? -10.360 -4.925  -6.871  1.00 25.76 ? 1118 HOH A O   1 
HETATM 1240 O  O   . HOH I 5 .   ? 6.549   0.803   18.945  1.00 46.18 ? 1119 HOH A O   1 
HETATM 1241 O  O   . HOH I 5 .   ? -2.110  -13.586 -16.969 1.00 37.23 ? 1120 HOH A O   1 
HETATM 1242 O  O   . HOH I 5 .   ? 12.143  -6.175  7.021   1.00 44.75 ? 1121 HOH A O   1 
HETATM 1243 O  O   . HOH I 5 .   ? 14.228  -1.888  -3.492  1.00 28.06 ? 1122 HOH A O   1 
HETATM 1244 O  O   . HOH I 5 .   ? 9.739   -7.431  9.579   1.00 42.04 ? 1123 HOH A O   1 
HETATM 1245 O  O   . HOH I 5 .   ? 5.719   -3.167  11.245  1.00 35.88 ? 1124 HOH A O   1 
HETATM 1246 O  O   . HOH I 5 .   ? -6.890  20.879  10.140  1.00 27.97 ? 1125 HOH A O   1 
HETATM 1247 O  O   . HOH I 5 .   ? 11.192  3.105   10.504  1.00 43.04 ? 1126 HOH A O   1 
HETATM 1248 O  O   . HOH I 5 .   ? 13.001  14.175  1.072   1.00 33.66 ? 1127 HOH A O   1 
HETATM 1249 O  O   . HOH I 5 .   ? -7.026  3.443   8.056   1.00 41.98 ? 1128 HOH A O   1 
HETATM 1250 O  O   . HOH I 5 .   ? 3.588   -17.019 -11.361 1.00 41.27 ? 1129 HOH A O   1 
HETATM 1251 O  O   . HOH I 5 .   ? 12.448  -8.564  4.564   1.00 47.73 ? 1130 HOH A O   1 
HETATM 1252 O  O   . HOH I 5 .   ? 9.246   6.657   14.594  1.00 46.47 ? 1131 HOH A O   1 
HETATM 1253 O  O   . HOH I 5 .   ? 8.125   18.772  -1.346  1.00 37.52 ? 1132 HOH A O   1 
HETATM 1254 O  O   . HOH I 5 .   ? -9.226  9.761   10.881  1.00 40.95 ? 1133 HOH A O   1 
HETATM 1255 O  O   . HOH I 5 .   ? 1.168   5.610   -15.164 1.00 36.53 ? 1134 HOH A O   1 
HETATM 1256 O  O   . HOH I 5 .   ? 8.530   4.315   -6.664  1.00 67.77 ? 1135 HOH A O   1 
HETATM 1257 O  O   . HOH I 5 .   ? 14.518  0.546   -5.500  1.00 43.40 ? 1136 HOH A O   1 
HETATM 1258 O  O   . HOH I 5 .   ? 10.195  -2.703  -13.472 1.00 74.07 ? 1137 HOH A O   1 
HETATM 1259 O  O   . HOH I 5 .   ? 5.657   1.710   -13.124 1.00 35.25 ? 1138 HOH A O   1 
HETATM 1260 O  O   . HOH I 5 .   ? 0.917   -6.921  -20.473 1.00 39.66 ? 1139 HOH A O   1 
HETATM 1261 O  O   . HOH I 5 .   ? 8.842   2.917   14.099  1.00 31.66 ? 1140 HOH A O   1 
HETATM 1262 O  O   . HOH I 5 .   ? 7.996   5.766   17.613  1.00 38.28 ? 1141 HOH A O   1 
HETATM 1263 O  O   . HOH I 5 .   ? 12.870  16.526  2.570   1.00 42.89 ? 1142 HOH A O   1 
HETATM 1264 O  O   . HOH I 5 .   ? -13.228 -21.636 -11.761 1.00 36.37 ? 1143 HOH A O   1 
HETATM 1265 O  O   . HOH I 5 .   ? -5.128  -21.778 4.659   1.00 34.10 ? 1144 HOH A O   1 
HETATM 1266 O  O   . HOH I 5 .   ? -6.954  19.273  5.189   1.00 35.77 ? 1145 HOH A O   1 
HETATM 1267 O  O   . HOH I 5 .   ? -5.177  -16.352 -16.564 1.00 41.82 ? 1146 HOH A O   1 
HETATM 1268 O  O   . HOH I 5 .   ? -11.039 20.713  9.378   1.00 53.83 ? 1147 HOH A O   1 
HETATM 1269 O  O   . HOH I 5 .   ? 7.696   3.350   16.351  1.00 30.06 ? 1148 HOH A O   1 
HETATM 1270 O  O   . HOH I 5 .   ? 7.428   1.241   -10.384 1.00 36.22 ? 1149 HOH A O   1 
HETATM 1271 O  O   . HOH I 5 .   ? -0.946  8.133   -12.072 1.00 57.47 ? 1150 HOH A O   1 
HETATM 1272 O  O   . HOH I 5 .   ? -5.392  4.006   -11.839 1.00 33.50 ? 1151 HOH A O   1 
HETATM 1273 O  O   . HOH I 5 .   ? -8.897  2.074   -4.792  1.00 40.23 ? 1152 HOH A O   1 
HETATM 1274 O  O   . HOH I 5 .   ? -4.795  12.888  -3.581  1.00 43.04 ? 1153 HOH A O   1 
HETATM 1275 O  O   . HOH I 5 .   ? 12.937  9.111   8.838   1.00 37.51 ? 1154 HOH A O   1 
HETATM 1276 O  O   . HOH I 5 .   ? 10.614  -3.918  -11.575 1.00 41.16 ? 1155 HOH A O   1 
HETATM 1277 O  O   . HOH I 5 .   ? -6.050  6.931   -8.169  1.00 39.84 ? 1156 HOH A O   1 
HETATM 1278 O  O   . HOH I 5 .   ? -12.959 -5.649  -2.063  1.00 35.04 ? 1157 HOH A O   1 
HETATM 1279 O  O   . HOH I 5 .   ? 1.866   12.917  -10.222 1.00 66.71 ? 1158 HOH A O   1 
HETATM 1280 O  O   . HOH I 5 .   ? 0.096   17.134  -5.288  1.00 30.29 ? 1159 HOH A O   1 
HETATM 1281 O  O   . HOH I 5 .   ? 2.440   4.663   -12.782 1.00 41.20 ? 1160 HOH A O   1 
HETATM 1282 O  O   . HOH I 5 .   ? 7.060   4.873   -8.335  1.00 50.24 ? 1161 HOH A O   1 
HETATM 1283 O  O   . HOH I 5 .   ? -11.211 -1.002  -6.189  1.00 42.43 ? 1162 HOH A O   1 
HETATM 1284 O  O   . HOH I 5 .   ? 15.210  0.188   -1.388  1.00 41.31 ? 1163 HOH A O   1 
HETATM 1285 O  O   . HOH I 5 .   ? -9.598  10.887  14.242  1.00 36.13 ? 1164 HOH A O   1 
HETATM 1286 O  O   . HOH I 5 .   ? -8.539  1.109   2.647   1.00 43.40 ? 1165 HOH A O   1 
HETATM 1287 O  O   . HOH I 5 .   ? 8.320   -9.869  9.633   1.00 61.11 ? 1166 HOH A O   1 
HETATM 1288 O  O   . HOH I 5 .   ? -10.297 -7.814  4.332   1.00 56.81 ? 1167 HOH A O   1 
HETATM 1289 O  O   . HOH I 5 .   ? -9.487  13.030  5.309   1.00 38.27 ? 1168 HOH A O   1 
HETATM 1290 O  O   . HOH I 5 .   ? 9.911   17.527  10.014  1.00 49.72 ? 1169 HOH A O   1 
HETATM 1291 O  O   . HOH I 5 .   ? 3.352   -0.946  14.988  1.00 50.67 ? 1170 HOH A O   1 
HETATM 1292 O  O   . HOH I 5 .   ? 12.215  -7.677  -9.698  1.00 59.83 ? 1171 HOH A O   1 
HETATM 1293 O  O   . HOH I 5 .   ? -10.183 -23.122 -3.015  1.00 42.91 ? 1172 HOH A O   1 
HETATM 1294 O  O   . HOH I 5 .   ? 6.749   -9.587  -16.291 1.00 43.38 ? 1173 HOH A O   1 
HETATM 1295 O  O   . HOH I 5 .   ? -1.327  -20.875 -12.252 1.00 42.83 ? 1174 HOH A O   1 
HETATM 1296 O  O   . HOH I 5 .   ? 3.415   19.616  -0.248  1.00 58.43 ? 1175 HOH A O   1 
HETATM 1297 O  O   . HOH I 5 .   ? -17.135 -9.589  -4.659  1.00 50.13 ? 1176 HOH A O   1 
HETATM 1298 O  O   . HOH I 5 .   ? 2.448   -1.586  12.588  1.00 38.94 ? 1177 HOH A O   1 
HETATM 1299 O  O   . HOH I 5 .   ? -7.733  -16.984 -12.126 1.00 24.88 ? 1178 HOH A O   1 
HETATM 1300 O  O   . HOH I 5 .   ? -9.419  10.437  6.773   1.00 53.77 ? 1179 HOH A O   1 
HETATM 1301 O  O   . HOH I 5 .   ? -11.470 -4.178  -4.905  1.00 57.25 ? 1180 HOH A O   1 
HETATM 1302 O  O   . HOH I 5 .   ? -6.290  -23.343 -8.849  1.00 47.64 ? 1181 HOH A O   1 
HETATM 1303 O  O   . HOH I 5 .   ? -10.773 11.437  2.961   1.00 49.45 ? 1182 HOH A O   1 
HETATM 1304 O  O   . HOH I 5 .   ? 7.506   -1.898  12.972  1.00 44.97 ? 1183 HOH A O   1 
HETATM 1305 O  O   . HOH I 5 .   ? -9.742  7.740   1.134   1.00 55.00 ? 1184 HOH A O   1 
HETATM 1306 O  O   . HOH I 5 .   ? -5.570  10.269  -8.978  1.00 45.18 ? 1185 HOH A O   1 
HETATM 1307 O  O   . HOH I 5 .   ? 7.745   3.677   -10.696 1.00 50.50 ? 1186 HOH A O   1 
HETATM 1308 O  O   . HOH I 5 .   ? 0.761   -1.597  17.116  1.00 42.45 ? 1187 HOH A O   1 
HETATM 1309 O  O   . HOH I 5 .   ? -5.085  13.765  -7.078  1.00 45.94 ? 1188 HOH A O   1 
HETATM 1310 O  O   . HOH I 5 .   ? -0.340  20.648  0.119   1.00 53.22 ? 1189 HOH A O   1 
HETATM 1311 O  O   . HOH I 5 .   ? -10.374 11.904  -1.378  1.00 93.06 ? 1190 HOH A O   1 
HETATM 1312 O  O   . HOH I 5 .   ? 4.474   6.153   -12.134 1.00 43.45 ? 1191 HOH A O   1 
HETATM 1313 O  O   . HOH I 5 .   ? 16.592  -3.636  -6.069  1.00 67.04 ? 1192 HOH A O   1 
HETATM 1314 O  O   . HOH I 5 .   ? -1.130  18.043  0.473   1.00 56.86 ? 1193 HOH A O   1 
HETATM 1315 O  O   . HOH I 5 .   ? 12.556  10.320  5.419   1.00 41.45 ? 1194 HOH A O   1 
HETATM 1316 O  O   . HOH I 5 .   ? -12.447 -1.563  -2.083  1.00 37.65 ? 1195 HOH A O   1 
HETATM 1317 O  O   . HOH I 5 .   ? 6.191   -8.565  13.884  1.00 49.62 ? 1196 HOH A O   1 
HETATM 1318 O  O   . HOH I 5 .   ? 9.032   -3.836  11.778  1.00 54.61 ? 1197 HOH A O   1 
HETATM 1319 O  O   . HOH I 5 .   ? 6.464   6.343   -11.011 1.00 62.69 ? 1198 HOH A O   1 
HETATM 1320 O  O   . HOH I 5 .   ? -9.347  21.135  5.825   1.00 79.22 ? 1199 HOH A O   1 
HETATM 1321 O  O   . HOH I 5 .   ? 5.299   -5.776  13.685  1.00 47.18 ? 1200 HOH A O   1 
HETATM 1322 O  O   . HOH I 5 .   ? 1.130   -13.629 -16.659 1.00 60.79 ? 1201 HOH A O   1 
HETATM 1323 O  O   . HOH I 5 .   ? 14.477  2.856   -2.061  1.00 39.88 ? 1202 HOH A O   1 
HETATM 1324 O  O   . HOH I 5 .   ? -9.314  6.049   5.670   1.00 42.98 ? 1203 HOH A O   1 
HETATM 1325 O  O   . HOH I 5 .   ? 7.217   18.937  -3.447  1.00 46.90 ? 1204 HOH A O   1 
HETATM 1326 O  O   . HOH I 5 .   ? -7.494  5.982   16.390  1.00 52.73 ? 1205 HOH A O   1 
HETATM 1327 O  O   . HOH I 5 .   ? 12.162  19.232  0.891   1.00 41.85 ? 1206 HOH A O   1 
HETATM 1328 O  O   . HOH I 5 .   ? 8.184   9.625   17.764  1.00 53.55 ? 1207 HOH A O   1 
HETATM 1329 O  O   . HOH I 5 .   ? 3.640   -4.372  -15.127 1.00 34.60 ? 1208 HOH A O   1 
HETATM 1330 O  O   . HOH I 5 .   ? -3.623  6.156   -13.289 1.00 40.47 ? 1209 HOH A O   1 
HETATM 1331 O  O   . HOH I 5 .   ? 12.369  10.674  16.533  1.00 56.63 ? 1210 HOH A O   1 
HETATM 1332 O  O   . HOH I 5 .   ? 11.220  -10.204 5.558   1.00 54.02 ? 1211 HOH A O   1 
HETATM 1333 O  O   . HOH I 5 .   ? 8.634   -6.544  12.681  1.00 68.91 ? 1212 HOH A O   1 
HETATM 1334 O  O   . HOH I 5 .   ? 1.267   18.604  -1.459  1.00 57.79 ? 1213 HOH A O   1 
HETATM 1335 O  O   . HOH I 5 .   ? 6.160   15.576  -6.114  1.00 38.52 ? 1214 HOH A O   1 
HETATM 1336 O  O   . HOH I 5 .   ? 8.770   20.133  -5.381  1.00 48.86 ? 1215 HOH A O   1 
HETATM 1337 O  O   . HOH I 5 .   ? -4.596  21.954  2.365   1.00 46.61 ? 1216 HOH A O   1 
HETATM 1338 O  O   . HOH I 5 .   ? 7.354   -1.810  -17.172 1.00 56.14 ? 1217 HOH A O   1 
HETATM 1339 O  O   . HOH I 5 .   ? 17.291  -2.707  -1.566  1.00 44.78 ? 1218 HOH A O   1 
HETATM 1340 O  O   . HOH I 5 .   ? 15.498  -3.422  0.788   1.00 56.50 ? 1219 HOH A O   1 
HETATM 1341 O  O   . HOH I 5 .   ? -16.506 -18.541 -13.657 1.00 72.55 ? 1220 HOH A O   1 
HETATM 1342 O  O   . HOH I 5 .   ? -8.535  13.474  -2.288  1.00 68.00 ? 1221 HOH A O   1 
HETATM 1343 O  O   . HOH I 5 .   ? -2.558  20.216  0.553   1.00 49.99 ? 1222 HOH A O   1 
HETATM 1344 O  O   . HOH I 5 .   ? -10.854 4.171   7.496   1.00 77.75 ? 1223 HOH A O   1 
HETATM 1345 O  O   . HOH I 5 .   ? -7.930  6.935   7.831   1.00 47.34 ? 1224 HOH A O   1 
HETATM 1346 O  O   . HOH I 5 .   ? -6.830  18.400  3.067   1.00 44.30 ? 1225 HOH A O   1 
HETATM 1347 O  O   . HOH I 5 .   ? 13.218  7.496   10.447  1.00 36.78 ? 1226 HOH A O   1 
HETATM 1348 O  O   . HOH I 5 .   ? -8.458  10.975  -8.197  1.00 54.45 ? 1227 HOH A O   1 
HETATM 1349 O  O   . HOH I 5 .   ? 14.175  19.847  -5.327  1.00 82.57 ? 1228 HOH A O   1 
HETATM 1350 O  O   . HOH I 5 .   ? -3.562  -2.338  10.962  1.00 41.93 ? 1229 HOH A O   1 
HETATM 1351 O  O   . HOH I 5 .   ? 9.696   -6.748  -14.878 1.00 53.16 ? 1230 HOH A O   1 
HETATM 1352 O  O   . HOH I 5 .   ? 13.847  5.300   8.684   1.00 48.73 ? 1231 HOH A O   1 
HETATM 1353 O  O   . HOH I 5 .   ? 8.164   -13.567 -13.030 1.00 63.79 ? 1232 HOH A O   1 
HETATM 1354 O  O   . HOH I 5 .   ? -16.244 -20.036 -8.204  1.00 49.58 ? 1233 HOH A O   1 
HETATM 1355 O  O   . HOH I 5 .   ? 10.806  1.492   -8.080  1.00 51.44 ? 1234 HOH A O   1 
HETATM 1356 O  O   . HOH I 5 .   ? -1.785  12.518  -13.347 1.00 60.23 ? 1235 HOH A O   1 
HETATM 1357 O  O   . HOH I 5 .   ? 9.023   7.835   -9.692  1.00 56.98 ? 1236 HOH A O   1 
HETATM 1358 O  O   . HOH I 5 .   ? 12.755  -3.143  -13.147 1.00 74.28 ? 1237 HOH A O   1 
HETATM 1359 O  O   . HOH I 5 .   ? -3.539  18.929  -1.964  1.00 47.92 ? 1238 HOH A O   1 
HETATM 1360 O  O   . HOH I 5 .   ? -6.398  14.367  23.893  1.00 59.23 ? 1239 HOH A O   1 
HETATM 1361 O  O   . HOH I 5 .   ? 8.952   -10.647 1.771   1.00 52.72 ? 1240 HOH A O   1 
HETATM 1362 O  O   . HOH I 5 .   ? 13.008  13.031  -4.910  1.00 51.24 ? 1241 HOH A O   1 
HETATM 1363 O  O   . HOH I 5 .   ? -10.188 -11.530 8.833   1.00 54.08 ? 1242 HOH A O   1 
HETATM 1364 O  O   . HOH I 5 .   ? 5.218   -3.146  -17.590 1.00 57.96 ? 1243 HOH A O   1 
HETATM 1365 O  O   . HOH I 5 .   ? -9.320  8.423   17.338  1.00 59.34 ? 1244 HOH A O   1 
HETATM 1366 O  O   . HOH I 5 .   ? -11.187 -4.582  4.620   1.00 54.24 ? 1245 HOH A O   1 
HETATM 1367 O  O   . HOH I 5 .   ? -10.165 -14.140 9.340   1.00 38.18 ? 1246 HOH A O   1 
HETATM 1368 O  O   . HOH I 5 .   ? -9.171  11.792  -5.930  1.00 61.52 ? 1247 HOH A O   1 
HETATM 1369 O  O   . HOH I 5 .   ? 7.979   -5.285  -14.446 1.00 40.08 ? 1248 HOH A O   1 
HETATM 1370 O  O   . HOH I 5 .   ? 5.173   19.969  -3.311  1.00 52.78 ? 1249 HOH A O   1 
HETATM 1371 O  O   . HOH I 5 .   ? -11.932 3.809   -6.749  0.50 69.66 ? 1250 HOH A O   1 
HETATM 1372 O  O   . HOH I 5 .   ? 12.333  11.631  13.713  1.00 49.17 ? 1251 HOH A O   1 
HETATM 1373 O  O   . HOH I 5 .   ? -7.885  15.773  0.723   1.00 47.62 ? 1252 HOH A O   1 
HETATM 1374 O  O   . HOH I 5 .   ? -11.028 -16.060 7.722   1.00 55.12 ? 1253 HOH A O   1 
HETATM 1375 O  O   . HOH I 5 .   ? 3.929   -20.306 -13.533 1.00 56.89 ? 1254 HOH A O   1 
HETATM 1376 O  O   . HOH I 5 .   ? -19.613 -16.180 -14.599 1.00 77.68 ? 1255 HOH A O   1 
HETATM 1377 O  O   . HOH I 5 .   ? -4.437  -21.461 -13.846 1.00 69.94 ? 1256 HOH A O   1 
HETATM 1378 O  O   . HOH I 5 .   ? -2.657  9.581   -12.541 1.00 65.82 ? 1257 HOH A O   1 
HETATM 1379 O  O   . HOH I 5 .   ? -6.256  9.588   -11.777 1.00 69.67 ? 1258 HOH A O   1 
HETATM 1380 O  O   . HOH I 5 .   ? -14.236 -20.624 -6.120  1.00 65.44 ? 1259 HOH A O   1 
HETATM 1381 O  O   . HOH I 5 .   ? -14.147 -14.972 -0.742  1.00 49.23 ? 1260 HOH A O   1 
HETATM 1382 O  O   . HOH I 5 .   ? 6.667   -11.655 5.704   1.00 44.23 ? 1261 HOH A O   1 
HETATM 1383 O  O   . HOH I 5 .   ? -9.393  19.884  17.137  1.00 65.25 ? 1262 HOH A O   1 
HETATM 1384 O  O   . HOH I 5 .   ? -1.654  12.671  -9.721  1.00 78.90 ? 1263 HOH A O   1 
HETATM 1385 O  O   . HOH I 5 .   ? -9.737  -25.293 -10.344 1.00 51.57 ? 1264 HOH A O   1 
HETATM 1386 O  O   . HOH I 5 .   ? -3.091  16.364  18.829  1.00 32.24 ? 1265 HOH A O   1 
HETATM 1387 O  O   . HOH I 5 .   ? 9.586   11.612  -10.276 1.00 71.11 ? 1266 HOH A O   1 
HETATM 1388 O  O   . HOH I 5 .   ? 7.697   14.394  -8.852  1.00 45.15 ? 1267 HOH A O   1 
HETATM 1389 O  O   . HOH I 5 .   ? -2.076  0.195   11.844  1.00 49.12 ? 1268 HOH A O   1 
HETATM 1390 O  O   . HOH I 5 .   ? 3.725   -6.956  -18.152 1.00 63.60 ? 1269 HOH A O   1 
HETATM 1391 O  O   . HOH I 5 .   ? -6.383  -2.119  10.138  1.00 67.83 ? 1270 HOH A O   1 
HETATM 1392 O  O   . HOH I 5 .   ? -8.333  5.462   1.482   1.00 35.62 ? 1271 HOH A O   1 
HETATM 1393 O  O   . HOH I 5 .   ? 14.628  11.574  7.056   1.00 67.50 ? 1272 HOH A O   1 
HETATM 1394 O  O   . HOH I 5 .   ? 12.646  5.939   -9.482  1.00 60.33 ? 1273 HOH A O   1 
HETATM 1395 O  O   . HOH I 5 .   ? 8.361   -11.178 -15.947 1.00 61.06 ? 1274 HOH A O   1 
HETATM 1396 O  O   . HOH I 5 .   ? -10.826 3.002   -9.043  1.00 69.71 ? 1275 HOH A O   1 
HETATM 1397 O  O   . HOH I 5 .   ? -9.422  12.544  18.243  1.00 49.06 ? 1276 HOH A O   1 
HETATM 1398 O  O   . HOH I 5 .   ? 2.242   9.391   -12.963 1.00 69.13 ? 1277 HOH A O   1 
HETATM 1399 O  O   . HOH I 5 .   ? 11.851  -12.624 6.341   1.00 60.44 ? 1278 HOH A O   1 
HETATM 1400 O  O   . HOH I 5 .   ? 16.307  -3.860  12.139  1.00 79.62 ? 1279 HOH A O   1 
HETATM 1401 O  O   . HOH I 5 .   ? 6.903   18.602  -8.598  1.00 47.13 ? 1280 HOH A O   1 
HETATM 1402 O  O   . HOH I 5 .   ? 1.204   19.617  -4.028  1.00 61.47 ? 1281 HOH A O   1 
HETATM 1403 O  O   . HOH I 5 .   ? 16.589  -1.322  12.924  1.00 52.57 ? 1282 HOH A O   1 
HETATM 1404 O  O   . HOH I 5 .   ? 8.065   -18.187 -13.632 1.00 60.55 ? 1283 HOH A O   1 
HETATM 1405 O  O   . HOH I 5 .   ? 11.571  21.409  -7.850  1.00 55.08 ? 1284 HOH A O   1 
HETATM 1406 O  O   . HOH I 5 .   ? 6.356   -15.847 -14.450 1.00 59.76 ? 1285 HOH A O   1 
HETATM 1407 O  O   . HOH I 5 .   ? 10.507  7.004   -7.302  1.00 59.41 ? 1286 HOH A O   1 
HETATM 1408 O  O   . HOH I 5 .   ? -13.547 6.943   10.893  1.00 68.58 ? 1287 HOH A O   1 
HETATM 1409 O  O   . HOH I 5 .   ? -9.683  6.436   -3.485  1.00 71.40 ? 1288 HOH A O   1 
HETATM 1410 O  O   . HOH I 5 .   ? 14.001  -1.157  10.068  1.00 49.09 ? 1289 HOH A O   1 
HETATM 1411 O  O   . HOH I 5 .   ? -21.011 -18.396 -14.835 1.00 68.22 ? 1290 HOH A O   1 
HETATM 1412 O  O   . HOH I 5 .   ? -10.876 7.150   3.374   1.00 57.97 ? 1291 HOH A O   1 
HETATM 1413 O  O   . HOH I 5 .   ? -0.665  16.616  20.657  1.00 56.00 ? 1292 HOH A O   1 
HETATM 1414 O  O   . HOH I 5 .   ? -12.160 -22.410 -13.993 1.00 56.90 ? 1293 HOH A O   1 
HETATM 1415 O  O   . HOH I 5 .   ? -22.022 -19.079 -12.822 1.00 57.47 ? 1294 HOH A O   1 
HETATM 1416 O  O   . HOH I 5 .   ? -11.735 13.088  21.727  1.00 63.27 ? 1295 HOH A O   1 
HETATM 1417 O  O   . HOH I 5 .   ? 12.188  3.434   13.881  1.00 62.29 ? 1296 HOH A O   1 
HETATM 1418 O  O   . HOH I 5 .   ? -18.909 -16.720 -6.598  1.00 70.52 ? 1297 HOH A O   1 
HETATM 1419 O  O   . HOH I 5 .   ? 14.289  -3.206  -11.288 1.00 54.80 ? 1298 HOH A O   1 
HETATM 1420 O  O   . HOH I 5 .   ? 10.112  19.539  5.322   1.00 28.51 ? 1299 HOH A O   1 
HETATM 1421 O  O   . HOH I 5 .   ? 5.848   -5.554  -15.818 1.00 63.08 ? 1300 HOH A O   1 
# 
